data_8QUD
#
_entry.id   8QUD
#
_cell.length_a   1.00
_cell.length_b   1.00
_cell.length_c   1.00
_cell.angle_alpha   90.00
_cell.angle_beta   90.00
_cell.angle_gamma   90.00
#
_symmetry.space_group_name_H-M   'P 1'
#
loop_
_entity.id
_entity.type
_entity.pdbx_description
1 polymer 'Potassium voltage-gated channel subfamily C member 1'
2 non-polymer "(5R)-5-ethyl-3-(6-spiro[2H-1-benzofuran-3,1'-cyclopropane]-4-yloxypyridin-3-yl)imidazolidine-2,4-dione"
3 non-polymer 'ZINC ION'
4 non-polymer 'CHOLESTEROL HEMISUCCINATE'
5 non-polymer 1,2-DIACYL-SN-GLYCERO-3-PHOSHOCHOLINE
6 non-polymer 'POTASSIUM ION'
7 water water
#
_entity_poly.entity_id   1
_entity_poly.type   'polypeptide(L)'
_entity_poly.pdbx_seq_one_letter_code
;MGQGDESERIVINVGGTRHQTHRSTLRTLPGTRLAWLAEPDAHSHFDYDPRADEFFFDRHPGVFAHILNYYRTGKLHCPA
DVCGPLYEEELAFWGIDETDVEPCCWMTYRQHRDAEEALDSFGGAPLDNSADDADADGPGDSGDGEDELEMTKRLALSDS
PDGRPGGFWRRWQPRIWALFEDPYSSRYARYVAFASLFFILVSITTFCLETHERFNPIVNKTEIENVRNGTQVRYYREAE
TEAFLTYIEGVCVVWFTFEFLMRVIFCPNKVEFIKNSLNIIDFVAILPFYLEVGLSGLSSKAAKDVLGFLRVVRFVRILR
IFKLTRHFVGLRVLGHTLRASTNEFLLLIIFLALGVLIFATMIYYAERIGAQPNDPSASEHTHFKNIPIGFWWAVVTMTT
LGYGDMYPQTWSGMLVGALCALAGVLTIAMPVPVIVNNFGMYYSLAMAKQKLPKKKKKHIPRPPQLGSPNYCKSVVNSPH
HSTQSDTCPLAQEEILEINRAGRKPLRGMSIAENLYFQ
;
_entity_poly.pdbx_strand_id   A,B,D,C
#
loop_
_chem_comp.id
_chem_comp.type
_chem_comp.name
_chem_comp.formula
K non-polymer 'POTASSIUM ION' 'K 1'
PCF non-polymer 1,2-DIACYL-SN-GLYCERO-3-PHOSHOCHOLINE 'C40 H80 N O8 P'
WY0 non-polymer (5R)-5-ethyl-3-(6-spiro[2H-1-benzofuran-3,1'-cyclopropane]-4-yloxypyridin-3-yl)imidazolidine-2,4-dione 'C20 H19 N3 O4'
Y01 non-polymer 'CHOLESTEROL HEMISUCCINATE' 'C31 H50 O4'
ZN non-polymer 'ZINC ION' 'Zn 2'
#
# COMPACT_ATOMS: atom_id res chain seq x y z
N SER A 7 -0.24 -49.97 -29.63
CA SER A 7 -1.26 -50.46 -28.72
C SER A 7 -1.63 -49.39 -27.70
N GLU A 8 -2.28 -48.32 -28.18
CA GLU A 8 -2.78 -47.24 -27.33
C GLU A 8 -1.63 -46.42 -26.77
N ARG A 9 -0.39 -46.82 -27.04
CA ARG A 9 0.79 -46.18 -26.50
C ARG A 9 1.42 -45.30 -27.58
N ILE A 10 1.53 -44.00 -27.30
CA ILE A 10 2.12 -43.04 -28.24
C ILE A 10 3.17 -42.24 -27.49
N VAL A 11 4.33 -42.07 -28.10
CA VAL A 11 5.45 -41.33 -27.51
C VAL A 11 5.68 -40.09 -28.35
N ILE A 12 5.67 -38.92 -27.70
CA ILE A 12 5.87 -37.64 -28.36
C ILE A 12 7.19 -37.07 -27.87
N ASN A 13 8.11 -36.84 -28.80
CA ASN A 13 9.45 -36.33 -28.49
C ASN A 13 9.45 -34.82 -28.75
N VAL A 14 9.19 -34.06 -27.70
CA VAL A 14 9.09 -32.61 -27.78
C VAL A 14 10.44 -32.03 -27.34
N GLY A 15 11.23 -31.60 -28.32
CA GLY A 15 12.51 -30.97 -28.02
C GLY A 15 13.48 -31.88 -27.28
N GLY A 16 13.52 -33.15 -27.65
CA GLY A 16 14.42 -34.10 -27.02
C GLY A 16 13.87 -34.78 -25.79
N THR A 17 12.71 -34.37 -25.30
CA THR A 17 12.09 -34.96 -24.12
C THR A 17 10.92 -35.82 -24.57
N ARG A 18 10.91 -37.08 -24.13
CA ARG A 18 9.91 -38.04 -24.56
C ARG A 18 8.72 -38.00 -23.60
N HIS A 19 7.56 -37.64 -24.14
CA HIS A 19 6.31 -37.64 -23.39
C HIS A 19 5.48 -38.83 -23.84
N GLN A 20 5.09 -39.67 -22.90
CA GLN A 20 4.33 -40.89 -23.18
C GLN A 20 2.93 -40.72 -22.63
N THR A 21 1.92 -40.91 -23.48
CA THR A 21 0.53 -40.80 -23.10
C THR A 21 -0.27 -41.80 -23.91
N HIS A 22 -1.59 -41.77 -23.72
CA HIS A 22 -2.50 -42.68 -24.41
C HIS A 22 -3.18 -41.97 -25.57
N ARG A 23 -3.49 -42.74 -26.61
CA ARG A 23 -4.17 -42.18 -27.77
C ARG A 23 -5.56 -41.67 -27.40
N SER A 24 -6.23 -42.32 -26.44
CA SER A 24 -7.49 -41.79 -25.94
C SER A 24 -7.28 -40.45 -25.26
N THR A 25 -6.21 -40.32 -24.48
CA THR A 25 -5.89 -39.03 -23.87
C THR A 25 -5.66 -37.96 -24.92
N LEU A 26 -4.98 -38.32 -26.01
CA LEU A 26 -4.76 -37.34 -27.08
C LEU A 26 -6.05 -36.99 -27.79
N ARG A 27 -6.95 -37.95 -27.97
CA ARG A 27 -8.22 -37.71 -28.63
C ARG A 27 -9.25 -37.03 -27.75
N THR A 28 -8.97 -36.91 -26.45
CA THR A 28 -9.92 -36.25 -25.55
C THR A 28 -10.24 -34.82 -25.99
N LEU A 29 -9.37 -34.18 -26.76
CA LEU A 29 -9.58 -32.82 -27.25
C LEU A 29 -9.58 -32.84 -28.76
N PRO A 30 -10.72 -33.07 -29.40
CA PRO A 30 -10.74 -33.19 -30.87
C PRO A 30 -10.42 -31.86 -31.55
N GLY A 31 -9.90 -31.98 -32.77
CA GLY A 31 -9.61 -30.82 -33.59
C GLY A 31 -8.26 -30.17 -33.36
N THR A 32 -7.45 -30.70 -32.46
CA THR A 32 -6.14 -30.14 -32.15
C THR A 32 -5.04 -30.99 -32.77
N ARG A 33 -3.81 -30.46 -32.73
CA ARG A 33 -2.69 -31.14 -33.36
C ARG A 33 -2.43 -32.51 -32.72
N LEU A 34 -2.56 -32.57 -31.39
CA LEU A 34 -2.32 -33.85 -30.68
C LEU A 34 -3.46 -34.83 -30.97
N ALA A 35 -4.69 -34.37 -31.20
CA ALA A 35 -5.78 -35.24 -31.64
C ALA A 35 -5.51 -35.77 -33.04
N TRP A 36 -5.02 -34.91 -33.93
CA TRP A 36 -4.64 -35.37 -35.26
C TRP A 36 -3.51 -36.40 -35.17
N LEU A 37 -2.53 -36.16 -34.30
CA LEU A 37 -1.45 -37.11 -34.10
C LEU A 37 -1.97 -38.47 -33.66
N ALA A 38 -3.06 -38.48 -32.90
CA ALA A 38 -3.66 -39.72 -32.42
C ALA A 38 -4.44 -40.46 -33.50
N GLU A 39 -4.31 -40.07 -34.78
CA GLU A 39 -5.02 -40.74 -35.85
C GLU A 39 -4.15 -41.80 -36.50
N PRO A 40 -4.75 -42.83 -37.11
CA PRO A 40 -3.93 -43.89 -37.74
C PRO A 40 -3.02 -43.36 -38.85
N ASP A 41 -3.27 -42.16 -39.36
CA ASP A 41 -2.48 -41.61 -40.45
C ASP A 41 -1.45 -40.59 -40.00
N ALA A 42 -1.28 -40.42 -38.68
CA ALA A 42 -0.26 -39.48 -38.20
C ALA A 42 1.13 -39.90 -38.62
N HIS A 43 1.37 -41.20 -38.78
CA HIS A 43 2.69 -41.67 -39.18
C HIS A 43 3.12 -41.08 -40.52
N SER A 44 2.17 -40.70 -41.37
CA SER A 44 2.48 -40.03 -42.63
C SER A 44 2.13 -38.55 -42.63
N HIS A 45 1.28 -38.11 -41.72
CA HIS A 45 0.89 -36.71 -41.63
C HIS A 45 1.77 -35.89 -40.71
N PHE A 46 2.73 -36.51 -40.01
CA PHE A 46 3.57 -35.81 -39.05
C PHE A 46 5.00 -36.31 -39.18
N ASP A 47 5.89 -35.74 -38.38
CA ASP A 47 7.29 -36.15 -38.34
C ASP A 47 7.39 -37.38 -37.43
N TYR A 48 7.56 -38.55 -38.02
CA TYR A 48 7.53 -39.81 -37.30
C TYR A 48 8.85 -40.56 -37.49
N ASP A 49 9.24 -41.29 -36.45
CA ASP A 49 10.47 -42.08 -36.45
C ASP A 49 10.13 -43.55 -36.31
N PRO A 50 10.20 -44.34 -37.40
CA PRO A 50 9.82 -45.76 -37.28
C PRO A 50 10.70 -46.54 -36.31
N ARG A 51 12.02 -46.37 -36.39
CA ARG A 51 12.92 -47.11 -35.51
C ARG A 51 12.64 -46.77 -34.05
N ALA A 52 12.56 -45.49 -33.72
CA ALA A 52 12.30 -45.07 -32.35
C ALA A 52 10.82 -45.12 -31.99
N ASP A 53 9.93 -45.17 -32.99
CA ASP A 53 8.50 -45.23 -32.76
C ASP A 53 8.02 -44.07 -31.89
N GLU A 54 8.34 -42.86 -32.36
CA GLU A 54 7.94 -41.65 -31.65
C GLU A 54 7.90 -40.50 -32.64
N PHE A 55 7.07 -39.50 -32.32
CA PHE A 55 6.95 -38.29 -33.11
C PHE A 55 7.81 -37.20 -32.49
N PHE A 56 8.38 -36.35 -33.34
CA PHE A 56 9.29 -35.29 -32.92
C PHE A 56 8.63 -33.93 -33.08
N PHE A 57 8.86 -33.06 -32.11
CA PHE A 57 8.37 -31.69 -32.14
C PHE A 57 9.44 -30.77 -31.59
N ASP A 58 9.76 -29.71 -32.34
CA ASP A 58 10.80 -28.76 -31.94
C ASP A 58 10.20 -27.63 -31.12
N ARG A 59 9.68 -28.00 -29.94
CA ARG A 59 9.01 -27.06 -29.06
C ARG A 59 9.53 -27.17 -27.63
N HIS A 60 8.88 -26.44 -26.71
CA HIS A 60 9.35 -26.42 -25.31
C HIS A 60 8.65 -27.51 -24.50
N PRO A 61 9.36 -28.58 -24.09
CA PRO A 61 8.76 -29.68 -23.35
C PRO A 61 8.17 -29.22 -22.01
N GLY A 62 8.86 -28.32 -21.29
CA GLY A 62 8.35 -27.95 -19.98
C GLY A 62 6.91 -27.49 -20.02
N VAL A 63 6.56 -26.69 -21.02
CA VAL A 63 5.19 -26.21 -21.16
C VAL A 63 4.33 -27.20 -21.95
N PHE A 64 4.93 -28.02 -22.82
CA PHE A 64 4.18 -29.12 -23.39
C PHE A 64 3.65 -30.05 -22.31
N ALA A 65 4.39 -30.18 -21.20
CA ALA A 65 3.91 -30.99 -20.10
C ALA A 65 2.60 -30.46 -19.54
N HIS A 66 2.49 -29.13 -19.39
CA HIS A 66 1.25 -28.55 -18.89
C HIS A 66 0.13 -28.64 -19.91
N ILE A 67 0.46 -28.49 -21.20
CA ILE A 67 -0.57 -28.66 -22.23
C ILE A 67 -1.10 -30.09 -22.22
N LEU A 68 -0.21 -31.08 -22.14
CA LEU A 68 -0.65 -32.45 -22.02
C LEU A 68 -1.37 -32.71 -20.70
N ASN A 69 -1.07 -31.95 -19.65
CA ASN A 69 -1.85 -32.05 -18.42
C ASN A 69 -3.28 -31.57 -18.64
N TYR A 70 -3.45 -30.50 -19.41
CA TYR A 70 -4.79 -30.12 -19.85
C TYR A 70 -5.46 -31.29 -20.55
N TYR A 71 -4.76 -31.87 -21.54
CA TYR A 71 -5.32 -33.03 -22.24
C TYR A 71 -5.72 -34.13 -21.28
N ARG A 72 -4.94 -34.33 -20.22
CA ARG A 72 -5.11 -35.49 -19.35
C ARG A 72 -6.25 -35.29 -18.36
N THR A 73 -6.30 -34.13 -17.71
CA THR A 73 -7.27 -33.89 -16.64
C THR A 73 -8.55 -33.25 -17.14
N GLY A 74 -8.46 -32.33 -18.11
CA GLY A 74 -9.62 -31.59 -18.58
C GLY A 74 -9.61 -30.13 -18.24
N LYS A 75 -8.63 -29.64 -17.48
CA LYS A 75 -8.53 -28.23 -17.11
C LYS A 75 -7.22 -27.67 -17.65
N LEU A 76 -7.30 -26.52 -18.31
CA LEU A 76 -6.13 -25.83 -18.83
C LEU A 76 -5.68 -24.80 -17.81
N HIS A 77 -4.50 -25.03 -17.22
CA HIS A 77 -3.86 -24.08 -16.33
C HIS A 77 -2.66 -23.47 -17.05
N CYS A 78 -1.97 -22.57 -16.36
CA CYS A 78 -0.82 -21.88 -16.93
C CYS A 78 0.36 -21.97 -15.97
N PRO A 79 1.52 -22.46 -16.41
CA PRO A 79 2.67 -22.53 -15.50
C PRO A 79 3.13 -21.15 -15.07
N ALA A 80 3.67 -21.08 -13.85
CA ALA A 80 4.20 -19.86 -13.29
C ALA A 80 5.70 -19.69 -13.54
N ASP A 81 6.33 -20.64 -14.21
CA ASP A 81 7.75 -20.55 -14.54
C ASP A 81 8.02 -19.91 -15.90
N VAL A 82 6.97 -19.62 -16.67
CA VAL A 82 7.11 -18.97 -17.96
C VAL A 82 6.06 -17.86 -18.05
N CYS A 83 6.26 -16.97 -19.01
CA CYS A 83 5.41 -15.80 -19.15
C CYS A 83 4.19 -16.11 -20.02
N GLY A 84 3.19 -15.23 -19.89
CA GLY A 84 1.96 -15.36 -20.61
C GLY A 84 2.15 -15.38 -22.11
N PRO A 85 2.95 -14.46 -22.64
CA PRO A 85 3.21 -14.50 -24.10
C PRO A 85 3.82 -15.80 -24.57
N LEU A 86 4.74 -16.39 -23.79
CA LEU A 86 5.35 -17.65 -24.18
C LEU A 86 4.31 -18.77 -24.18
N TYR A 87 3.53 -18.87 -23.09
CA TYR A 87 2.48 -19.88 -23.06
C TYR A 87 1.47 -19.65 -24.17
N GLU A 88 1.22 -18.40 -24.54
CA GLU A 88 0.29 -18.09 -25.62
C GLU A 88 0.82 -18.58 -26.96
N GLU A 89 2.11 -18.35 -27.24
CA GLU A 89 2.68 -18.88 -28.47
C GLU A 89 2.57 -20.40 -28.51
N GLU A 90 2.88 -21.06 -27.39
CA GLU A 90 2.84 -22.52 -27.37
C GLU A 90 1.41 -23.03 -27.56
N LEU A 91 0.44 -22.42 -26.90
CA LEU A 91 -0.95 -22.80 -27.08
C LEU A 91 -1.40 -22.59 -28.53
N ALA A 92 -0.99 -21.48 -29.14
CA ALA A 92 -1.34 -21.23 -30.53
C ALA A 92 -0.76 -22.31 -31.43
N PHE A 93 0.50 -22.69 -31.21
CA PHE A 93 1.08 -23.75 -32.03
C PHE A 93 0.34 -25.07 -31.85
N TRP A 94 -0.01 -25.41 -30.61
CA TRP A 94 -0.66 -26.68 -30.33
C TRP A 94 -2.16 -26.66 -30.61
N GLY A 95 -2.71 -25.51 -31.01
CA GLY A 95 -4.12 -25.43 -31.34
C GLY A 95 -5.04 -25.33 -30.15
N ILE A 96 -4.53 -25.02 -28.96
CA ILE A 96 -5.35 -24.92 -27.76
C ILE A 96 -5.98 -23.54 -27.70
N ASP A 97 -7.28 -23.51 -27.39
CA ASP A 97 -7.99 -22.25 -27.24
C ASP A 97 -7.56 -21.58 -25.93
N GLU A 98 -7.06 -20.36 -26.03
CA GLU A 98 -6.57 -19.66 -24.85
C GLU A 98 -7.67 -19.22 -23.90
N THR A 99 -8.93 -19.35 -24.28
CA THR A 99 -10.05 -19.05 -23.41
C THR A 99 -10.41 -20.22 -22.50
N ASP A 100 -9.70 -21.34 -22.61
CA ASP A 100 -9.88 -22.48 -21.72
C ASP A 100 -9.11 -22.33 -20.42
N VAL A 101 -8.32 -21.26 -20.28
CA VAL A 101 -7.53 -21.07 -19.08
C VAL A 101 -8.45 -20.89 -17.88
N GLU A 102 -8.13 -21.58 -16.78
CA GLU A 102 -8.97 -21.54 -15.60
C GLU A 102 -8.87 -20.18 -14.92
N PRO A 103 -9.89 -19.81 -14.15
CA PRO A 103 -9.84 -18.52 -13.44
C PRO A 103 -8.67 -18.39 -12.49
N CYS A 104 -8.14 -19.50 -11.98
CA CYS A 104 -7.01 -19.45 -11.06
C CYS A 104 -5.73 -18.96 -11.73
N CYS A 105 -5.68 -18.93 -13.06
CA CYS A 105 -4.50 -18.50 -13.78
C CYS A 105 -4.78 -17.48 -14.88
N TRP A 106 -6.05 -17.18 -15.17
CA TRP A 106 -6.38 -16.32 -16.30
C TRP A 106 -5.81 -14.92 -16.14
N MET A 107 -5.95 -14.33 -14.95
CA MET A 107 -5.50 -12.95 -14.76
C MET A 107 -3.99 -12.83 -14.92
N THR A 108 -3.24 -13.74 -14.31
CA THR A 108 -1.79 -13.71 -14.45
C THR A 108 -1.39 -13.98 -15.90
N TYR A 109 -2.10 -14.89 -16.57
CA TYR A 109 -1.77 -15.19 -17.96
C TYR A 109 -2.01 -14.00 -18.87
N ARG A 110 -3.04 -13.20 -18.59
CA ARG A 110 -3.40 -12.10 -19.47
C ARG A 110 -2.75 -10.77 -19.11
N GLN A 111 -2.22 -10.64 -17.89
CA GLN A 111 -1.71 -9.35 -17.41
C GLN A 111 -0.98 -8.55 -18.49
N HIS A 112 0.02 -9.15 -19.14
CA HIS A 112 0.84 -8.39 -20.07
C HIS A 112 0.05 -7.95 -21.30
N ARG A 113 -0.77 -8.85 -21.86
CA ARG A 113 -1.55 -8.49 -23.02
C ARG A 113 -2.57 -7.41 -22.69
N ASP A 114 -3.19 -7.51 -21.51
CA ASP A 114 -4.13 -6.47 -21.07
C ASP A 114 -3.42 -5.13 -20.92
N ALA A 115 -2.22 -5.12 -20.34
CA ALA A 115 -1.48 -3.87 -20.20
C ALA A 115 -1.12 -3.29 -21.56
N GLU A 116 -0.69 -4.13 -22.50
CA GLU A 116 -0.36 -3.65 -23.83
C GLU A 116 -1.60 -3.10 -24.54
N GLU A 117 -2.75 -3.76 -24.39
CA GLU A 117 -3.98 -3.26 -24.98
C GLU A 117 -4.34 -1.90 -24.38
N ALA A 118 -4.20 -1.76 -23.06
CA ALA A 118 -4.50 -0.49 -22.42
C ALA A 118 -3.58 0.62 -22.92
N LEU A 119 -2.30 0.31 -23.08
CA LEU A 119 -1.33 1.31 -23.53
C LEU A 119 -1.40 1.55 -25.03
N ASP A 120 -2.08 0.70 -25.78
CA ASP A 120 -2.20 0.87 -27.22
C ASP A 120 -3.62 0.57 -27.68
N ARG A 170 2.75 22.41 -51.01
CA ARG A 170 4.11 22.91 -51.12
C ARG A 170 5.08 22.00 -50.38
N ARG A 171 6.36 22.08 -50.74
CA ARG A 171 7.37 21.27 -50.08
C ARG A 171 7.62 21.71 -48.65
N TRP A 172 7.35 22.97 -48.32
CA TRP A 172 7.52 23.47 -46.96
C TRP A 172 6.28 23.27 -46.10
N GLN A 173 5.17 22.81 -46.68
CA GLN A 173 3.97 22.52 -45.88
C GLN A 173 4.23 21.45 -44.82
N PRO A 174 4.84 20.30 -45.15
CA PRO A 174 5.17 19.35 -44.08
C PRO A 174 6.11 19.94 -43.04
N ARG A 175 7.04 20.79 -43.44
CA ARG A 175 7.94 21.42 -42.49
C ARG A 175 7.17 22.31 -41.52
N ILE A 176 6.21 23.09 -42.03
CA ILE A 176 5.41 23.94 -41.16
C ILE A 176 4.52 23.09 -40.26
N TRP A 177 4.00 21.97 -40.77
CA TRP A 177 3.21 21.07 -39.95
C TRP A 177 4.05 20.33 -38.92
N ALA A 178 5.38 20.30 -39.09
CA ALA A 178 6.27 19.69 -38.12
C ALA A 178 6.50 20.57 -36.89
N LEU A 179 5.77 21.68 -36.76
CA LEU A 179 5.99 22.58 -35.63
C LEU A 179 5.66 21.92 -34.30
N PHE A 180 4.69 21.01 -34.29
CA PHE A 180 4.31 20.32 -33.05
C PHE A 180 4.94 18.94 -32.92
N GLU A 181 5.29 18.31 -34.03
CA GLU A 181 5.86 16.96 -34.01
C GLU A 181 7.34 17.05 -33.69
N ASP A 182 7.74 16.55 -32.53
CA ASP A 182 9.12 16.59 -32.07
C ASP A 182 9.69 17.99 -32.25
N PRO A 183 9.17 18.99 -31.54
CA PRO A 183 9.69 20.35 -31.72
C PRO A 183 11.18 20.47 -31.46
N TYR A 184 11.71 19.69 -30.50
CA TYR A 184 13.14 19.73 -30.22
C TYR A 184 13.97 19.16 -31.37
N SER A 185 13.34 18.44 -32.30
CA SER A 185 14.09 17.85 -33.40
C SER A 185 14.79 18.92 -34.23
N SER A 186 14.06 20.00 -34.57
CA SER A 186 14.63 21.13 -35.29
C SER A 186 14.87 22.28 -34.32
N ARG A 187 15.95 23.03 -34.57
CA ARG A 187 16.27 24.15 -33.69
C ARG A 187 15.17 25.21 -33.71
N TYR A 188 14.67 25.53 -34.91
CA TYR A 188 13.60 26.53 -35.00
C TYR A 188 12.35 26.06 -34.27
N ALA A 189 12.00 24.78 -34.43
CA ALA A 189 10.82 24.27 -33.73
C ALA A 189 11.03 24.22 -32.22
N ARG A 190 12.25 23.96 -31.77
CA ARG A 190 12.54 23.99 -30.34
C ARG A 190 12.39 25.40 -29.80
N TYR A 191 12.89 26.40 -30.54
CA TYR A 191 12.70 27.78 -30.13
C TYR A 191 11.22 28.14 -30.10
N VAL A 192 10.46 27.65 -31.08
CA VAL A 192 9.03 27.91 -31.12
C VAL A 192 8.35 27.30 -29.90
N ALA A 193 8.75 26.08 -29.53
CA ALA A 193 8.19 25.43 -28.35
C ALA A 193 8.51 26.23 -27.08
N PHE A 194 9.74 26.73 -26.99
CA PHE A 194 10.12 27.55 -25.84
C PHE A 194 9.25 28.81 -25.77
N ALA A 195 9.04 29.46 -26.91
CA ALA A 195 8.19 30.64 -26.95
C ALA A 195 6.75 30.30 -26.57
N SER A 196 6.25 29.15 -27.02
CA SER A 196 4.90 28.73 -26.67
C SER A 196 4.78 28.48 -25.18
N LEU A 197 5.79 27.85 -24.58
CA LEU A 197 5.79 27.67 -23.13
C LEU A 197 5.77 29.02 -22.41
N PHE A 198 6.60 29.95 -22.87
CA PHE A 198 6.62 31.29 -22.28
C PHE A 198 5.23 31.93 -22.34
N PHE A 199 4.61 31.90 -23.52
CA PHE A 199 3.36 32.62 -23.74
C PHE A 199 2.15 31.89 -23.18
N ILE A 200 2.29 30.61 -22.81
CA ILE A 200 1.25 29.92 -22.07
C ILE A 200 1.37 30.19 -20.58
N LEU A 201 2.59 30.13 -20.05
CA LEU A 201 2.80 30.43 -18.64
C LEU A 201 2.43 31.88 -18.33
N VAL A 202 2.79 32.81 -19.22
CA VAL A 202 2.47 34.22 -18.98
C VAL A 202 0.96 34.43 -19.03
N SER A 203 0.27 33.76 -19.97
CA SER A 203 -1.17 33.89 -20.03
C SER A 203 -1.83 33.36 -18.77
N ILE A 204 -1.36 32.21 -18.27
CA ILE A 204 -1.92 31.65 -17.05
C ILE A 204 -1.65 32.59 -15.87
N THR A 205 -0.45 33.17 -15.81
CA THR A 205 -0.14 34.11 -14.74
C THR A 205 -1.04 35.34 -14.80
N THR A 206 -1.27 35.87 -15.99
CA THR A 206 -2.15 37.02 -16.12
C THR A 206 -3.58 36.68 -15.72
N PHE A 207 -4.05 35.49 -16.12
CA PHE A 207 -5.39 35.07 -15.72
C PHE A 207 -5.51 34.93 -14.21
N CYS A 208 -4.47 34.39 -13.56
CA CYS A 208 -4.49 34.25 -12.11
C CYS A 208 -4.41 35.61 -11.42
N LEU A 209 -3.68 36.55 -12.00
CA LEU A 209 -3.48 37.85 -11.38
C LEU A 209 -4.69 38.76 -11.55
N GLU A 210 -5.45 38.57 -12.63
CA GLU A 210 -6.62 39.41 -12.86
C GLU A 210 -7.65 39.28 -11.75
N THR A 211 -7.65 38.18 -11.00
CA THR A 211 -8.59 37.97 -9.92
C THR A 211 -8.07 38.47 -8.57
N HIS A 212 -6.84 38.98 -8.53
CA HIS A 212 -6.27 39.48 -7.28
C HIS A 212 -6.74 40.91 -7.03
N GLU A 213 -7.02 41.22 -5.77
CA GLU A 213 -7.57 42.51 -5.42
C GLU A 213 -6.59 43.66 -5.64
N ARG A 214 -5.29 43.37 -5.66
CA ARG A 214 -4.31 44.43 -5.91
C ARG A 214 -4.44 45.00 -7.30
N PHE A 215 -4.84 44.18 -8.28
CA PHE A 215 -4.94 44.60 -9.67
C PHE A 215 -6.34 45.03 -10.06
N ASN A 216 -7.26 45.13 -9.11
CA ASN A 216 -8.61 45.65 -9.36
C ASN A 216 -8.94 46.71 -8.31
N PRO A 217 -8.21 47.83 -8.31
CA PRO A 217 -8.59 48.93 -7.44
C PRO A 217 -10.01 49.41 -7.74
N ILE A 218 -10.74 49.75 -6.69
CA ILE A 218 -12.14 50.14 -6.84
C ILE A 218 -12.20 51.58 -7.31
N VAL A 219 -12.93 51.81 -8.40
CA VAL A 219 -13.12 53.14 -8.96
C VAL A 219 -14.55 53.58 -8.65
N ASN A 220 -14.69 54.68 -7.90
CA ASN A 220 -15.98 55.20 -7.52
C ASN A 220 -16.50 56.26 -8.49
N LYS A 221 -15.69 56.68 -9.46
CA LYS A 221 -16.14 57.67 -10.44
C LYS A 221 -17.07 57.04 -11.48
N THR A 222 -16.80 55.79 -11.86
CA THR A 222 -17.62 55.10 -12.85
C THR A 222 -17.37 53.60 -12.81
N TYR A 236 -21.76 55.11 -8.88
CA TYR A 236 -21.08 54.12 -9.70
C TYR A 236 -19.81 53.62 -9.03
N ARG A 237 -19.97 52.84 -7.97
CA ARG A 237 -18.85 52.29 -7.21
C ARG A 237 -18.68 50.82 -7.63
N GLU A 238 -17.88 50.59 -8.66
CA GLU A 238 -17.61 49.27 -9.18
C GLU A 238 -16.11 49.06 -9.31
N ALA A 239 -15.73 47.80 -9.57
CA ALA A 239 -14.33 47.43 -9.73
C ALA A 239 -13.94 47.45 -11.19
N GLU A 240 -12.64 47.62 -11.43
CA GLU A 240 -12.10 47.69 -12.78
C GLU A 240 -10.69 47.12 -12.78
N THR A 241 -10.49 46.05 -13.56
CA THR A 241 -9.18 45.43 -13.65
C THR A 241 -8.20 46.34 -14.40
N GLU A 242 -6.92 46.21 -14.06
CA GLU A 242 -5.89 47.04 -14.68
C GLU A 242 -5.77 46.71 -16.17
N ALA A 243 -5.36 47.72 -16.95
CA ALA A 243 -5.29 47.58 -18.40
C ALA A 243 -3.97 46.99 -18.88
N PHE A 244 -2.90 47.10 -18.09
CA PHE A 244 -1.63 46.52 -18.52
C PHE A 244 -1.71 45.00 -18.58
N LEU A 245 -2.43 44.39 -17.63
CA LEU A 245 -2.64 42.95 -17.70
C LEU A 245 -3.40 42.57 -18.97
N THR A 246 -4.39 43.38 -19.34
CA THR A 246 -5.12 43.14 -20.58
C THR A 246 -4.18 43.25 -21.78
N TYR A 247 -3.26 44.21 -21.75
CA TYR A 247 -2.32 44.36 -22.87
C TYR A 247 -1.39 43.14 -22.98
N ILE A 248 -0.89 42.65 -21.85
CA ILE A 248 -0.07 41.44 -21.88
C ILE A 248 -0.87 40.25 -22.38
N GLU A 249 -2.12 40.11 -21.93
CA GLU A 249 -2.98 39.07 -22.48
C GLU A 249 -3.17 39.25 -23.97
N GLY A 250 -3.20 40.50 -24.44
CA GLY A 250 -3.35 40.75 -25.86
C GLY A 250 -2.15 40.31 -26.68
N VAL A 251 -0.94 40.54 -26.17
CA VAL A 251 0.24 40.07 -26.90
C VAL A 251 0.30 38.54 -26.85
N CYS A 252 -0.06 37.95 -25.70
CA CYS A 252 -0.22 36.50 -25.67
C CYS A 252 -1.19 36.03 -26.74
N VAL A 253 -2.31 36.74 -26.88
CA VAL A 253 -3.33 36.37 -27.86
C VAL A 253 -2.78 36.47 -29.26
N VAL A 254 -2.05 37.53 -29.57
CA VAL A 254 -1.57 37.68 -30.95
C VAL A 254 -0.59 36.58 -31.30
N TRP A 255 0.33 36.25 -30.39
CA TRP A 255 1.27 35.17 -30.70
C TRP A 255 0.53 33.83 -30.83
N PHE A 256 -0.33 33.52 -29.85
CA PHE A 256 -0.98 32.21 -29.84
C PHE A 256 -1.96 32.07 -31.00
N THR A 257 -2.59 33.16 -31.42
CA THR A 257 -3.48 33.12 -32.57
C THR A 257 -2.70 33.08 -33.88
N PHE A 258 -1.48 33.63 -33.91
CA PHE A 258 -0.61 33.36 -35.06
C PHE A 258 -0.35 31.86 -35.19
N GLU A 259 0.00 31.22 -34.07
CA GLU A 259 0.23 29.77 -34.11
C GLU A 259 -1.03 29.03 -34.53
N PHE A 260 -2.18 29.40 -33.96
CA PHE A 260 -3.43 28.73 -34.29
C PHE A 260 -3.80 28.95 -35.76
N LEU A 261 -3.58 30.16 -36.27
CA LEU A 261 -3.90 30.47 -37.66
C LEU A 261 -3.05 29.64 -38.60
N MET A 262 -1.75 29.52 -38.33
CA MET A 262 -0.93 28.69 -39.20
C MET A 262 -1.34 27.23 -39.10
N ARG A 263 -1.68 26.77 -37.90
CA ARG A 263 -2.11 25.38 -37.73
C ARG A 263 -3.40 25.12 -38.51
N VAL A 264 -4.34 26.07 -38.51
CA VAL A 264 -5.60 25.86 -39.21
C VAL A 264 -5.43 25.98 -40.72
N ILE A 265 -4.60 26.92 -41.20
CA ILE A 265 -4.41 27.09 -42.63
C ILE A 265 -3.67 25.90 -43.21
N PHE A 266 -2.50 25.58 -42.66
CA PHE A 266 -1.75 24.40 -43.07
C PHE A 266 -2.22 23.24 -42.20
N CYS A 267 -3.23 22.52 -42.68
CA CYS A 267 -3.88 21.49 -41.88
C CYS A 267 -4.27 20.28 -42.71
N PRO A 268 -3.51 19.19 -42.67
CA PRO A 268 -3.99 17.93 -43.24
C PRO A 268 -5.05 17.31 -42.35
N ASN A 269 -5.84 16.42 -42.95
CA ASN A 269 -6.92 15.75 -42.23
C ASN A 269 -7.76 16.78 -41.47
N LYS A 270 -8.44 17.66 -42.21
CA LYS A 270 -9.18 18.75 -41.58
C LYS A 270 -10.19 18.22 -40.57
N VAL A 271 -10.85 17.10 -40.88
CA VAL A 271 -11.85 16.56 -39.96
C VAL A 271 -11.19 16.17 -38.64
N GLU A 272 -10.05 15.47 -38.71
CA GLU A 272 -9.36 15.09 -37.48
C GLU A 272 -8.88 16.31 -36.72
N PHE A 273 -8.35 17.31 -37.43
CA PHE A 273 -7.87 18.52 -36.76
C PHE A 273 -9.00 19.21 -36.03
N ILE A 274 -10.17 19.34 -36.66
CA ILE A 274 -11.31 19.97 -36.00
C ILE A 274 -11.76 19.13 -34.80
N LYS A 275 -11.83 17.81 -34.97
CA LYS A 275 -12.26 16.96 -33.86
C LYS A 275 -11.27 16.95 -32.71
N ASN A 276 -10.01 17.32 -32.96
CA ASN A 276 -9.00 17.31 -31.91
C ASN A 276 -9.44 18.18 -30.74
N SER A 277 -9.43 17.59 -29.54
CA SER A 277 -9.88 18.31 -28.35
C SER A 277 -8.91 19.44 -28.00
N LEU A 278 -7.61 19.23 -28.21
CA LEU A 278 -6.65 20.29 -27.89
C LEU A 278 -6.85 21.50 -28.80
N ASN A 279 -7.07 21.26 -30.10
CA ASN A 279 -7.34 22.37 -31.01
C ASN A 279 -8.68 23.04 -30.69
N ILE A 280 -9.68 22.26 -30.30
CA ILE A 280 -10.94 22.85 -29.87
C ILE A 280 -10.71 23.76 -28.67
N ILE A 281 -9.92 23.28 -27.71
CA ILE A 281 -9.58 24.08 -26.53
C ILE A 281 -8.88 25.36 -26.95
N ASP A 282 -7.96 25.26 -27.90
CA ASP A 282 -7.25 26.45 -28.37
C ASP A 282 -8.22 27.47 -28.96
N PHE A 283 -9.17 26.99 -29.78
CA PHE A 283 -10.12 27.90 -30.42
C PHE A 283 -11.02 28.57 -29.38
N VAL A 284 -11.53 27.79 -28.43
CA VAL A 284 -12.40 28.38 -27.40
C VAL A 284 -11.61 29.27 -26.46
N ALA A 285 -10.29 29.07 -26.38
CA ALA A 285 -9.45 29.97 -25.60
C ALA A 285 -9.21 31.28 -26.32
N ILE A 286 -9.10 31.25 -27.65
CA ILE A 286 -8.86 32.48 -28.39
C ILE A 286 -10.14 33.26 -28.67
N LEU A 287 -11.30 32.61 -28.64
CA LEU A 287 -12.54 33.30 -28.94
C LEU A 287 -12.83 34.45 -27.98
N PRO A 288 -12.76 34.29 -26.65
CA PRO A 288 -13.28 35.32 -25.75
C PRO A 288 -12.60 36.68 -25.92
N PHE A 289 -11.30 36.73 -26.20
CA PHE A 289 -10.65 38.03 -26.37
C PHE A 289 -11.23 38.78 -27.57
N TYR A 290 -11.37 38.07 -28.70
CA TYR A 290 -11.94 38.71 -29.88
C TYR A 290 -13.38 39.12 -29.63
N LEU A 291 -14.16 38.27 -28.95
CA LEU A 291 -15.56 38.62 -28.68
C LEU A 291 -15.65 39.83 -27.77
N GLU A 292 -14.79 39.92 -26.75
CA GLU A 292 -14.81 41.09 -25.89
C GLU A 292 -14.42 42.34 -26.65
N VAL A 293 -13.42 42.25 -27.53
CA VAL A 293 -13.00 43.39 -28.32
C VAL A 293 -14.14 43.86 -29.22
N GLY A 294 -14.80 42.92 -29.90
CA GLY A 294 -15.88 43.29 -30.81
C GLY A 294 -17.09 43.84 -30.09
N LEU A 295 -17.47 43.22 -28.96
CA LEU A 295 -18.67 43.63 -28.25
C LEU A 295 -18.49 44.93 -27.48
N SER A 296 -17.25 45.34 -27.22
CA SER A 296 -17.04 46.62 -26.54
C SER A 296 -17.59 47.78 -27.35
N GLY A 297 -17.62 47.66 -28.67
CA GLY A 297 -18.20 48.71 -29.49
C GLY A 297 -19.67 48.91 -29.22
N LEU A 298 -20.41 47.82 -28.99
CA LEU A 298 -21.84 47.93 -28.72
C LEU A 298 -22.08 48.74 -27.45
N SER A 299 -21.34 48.45 -26.38
CA SER A 299 -21.40 49.22 -25.14
C SER A 299 -22.83 49.32 -24.60
N SER A 300 -23.56 48.21 -24.67
CA SER A 300 -24.92 48.13 -24.15
C SER A 300 -24.92 47.35 -22.83
N LYS A 301 -26.04 47.49 -22.09
CA LYS A 301 -26.18 46.76 -20.84
C LYS A 301 -26.18 45.25 -21.08
N ALA A 302 -26.96 44.80 -22.07
CA ALA A 302 -26.89 43.40 -22.46
C ALA A 302 -25.49 43.04 -22.94
N ALA A 303 -24.82 43.98 -23.61
CA ALA A 303 -23.43 43.76 -23.99
C ALA A 303 -22.56 43.61 -22.75
N LYS A 304 -22.86 44.37 -21.69
CA LYS A 304 -22.11 44.21 -20.43
C LYS A 304 -22.35 42.83 -19.84
N ASP A 305 -23.59 42.34 -19.88
CA ASP A 305 -23.86 40.99 -19.39
C ASP A 305 -23.10 39.94 -20.19
N VAL A 306 -23.06 40.11 -21.52
CA VAL A 306 -22.33 39.16 -22.35
C VAL A 306 -20.83 39.28 -22.09
N LEU A 307 -20.35 40.48 -21.75
CA LEU A 307 -18.94 40.63 -21.37
C LEU A 307 -18.65 39.87 -20.07
N GLY A 308 -19.58 39.93 -19.12
CA GLY A 308 -19.43 39.12 -17.92
C GLY A 308 -19.40 37.63 -18.24
N PHE A 309 -20.26 37.20 -19.16
CA PHE A 309 -20.26 35.81 -19.59
C PHE A 309 -18.92 35.45 -20.24
N LEU A 310 -18.37 36.34 -21.05
CA LEU A 310 -17.07 36.11 -21.66
C LEU A 310 -15.96 36.04 -20.62
N ARG A 311 -16.05 36.86 -19.58
CA ARG A 311 -15.09 36.77 -18.48
C ARG A 311 -15.19 35.41 -17.81
N VAL A 312 -16.42 34.92 -17.62
CA VAL A 312 -16.59 33.59 -17.04
C VAL A 312 -15.94 32.54 -17.92
N VAL A 313 -16.16 32.64 -19.23
CA VAL A 313 -15.58 31.68 -20.18
C VAL A 313 -14.07 31.79 -20.26
N ARG A 314 -13.50 32.94 -19.91
CA ARG A 314 -12.05 33.15 -20.01
C ARG A 314 -11.25 32.12 -19.22
N PHE A 315 -11.90 31.29 -18.40
CA PHE A 315 -11.19 30.31 -17.60
C PHE A 315 -10.49 29.25 -18.44
N VAL A 316 -10.80 29.15 -19.74
CA VAL A 316 -10.28 28.07 -20.57
C VAL A 316 -8.80 28.27 -20.87
N ARG A 317 -8.23 29.37 -20.38
CA ARG A 317 -6.79 29.58 -20.57
C ARG A 317 -5.96 28.54 -19.82
N ILE A 318 -6.43 28.09 -18.65
CA ILE A 318 -5.69 27.11 -17.87
C ILE A 318 -5.62 25.77 -18.57
N LEU A 319 -6.48 25.54 -19.57
CA LEU A 319 -6.50 24.27 -20.28
C LEU A 319 -5.46 24.18 -21.39
N ARG A 320 -4.69 25.24 -21.61
CA ARG A 320 -3.62 25.22 -22.61
C ARG A 320 -2.34 24.60 -22.08
N ILE A 321 -2.29 24.21 -20.81
CA ILE A 321 -1.14 23.50 -20.26
C ILE A 321 -1.24 22.00 -20.52
N PHE A 322 -2.44 21.49 -20.82
CA PHE A 322 -2.55 20.09 -21.23
C PHE A 322 -1.80 19.85 -22.53
N LYS A 323 -1.76 20.86 -23.42
CA LYS A 323 -0.93 20.73 -24.61
C LYS A 323 0.53 20.59 -24.26
N LEU A 324 1.01 21.36 -23.29
CA LEU A 324 2.40 21.27 -22.87
C LEU A 324 2.69 19.91 -22.24
N THR A 325 1.76 19.38 -21.45
CA THR A 325 1.96 18.13 -20.74
C THR A 325 1.51 16.92 -21.56
N ARG A 326 1.09 17.11 -22.80
CA ARG A 326 0.63 16.01 -23.63
C ARG A 326 1.75 15.07 -24.04
N HIS A 327 3.00 15.53 -24.02
CA HIS A 327 4.14 14.71 -24.38
C HIS A 327 4.70 13.92 -23.20
N PHE A 328 4.06 13.99 -22.03
CA PHE A 328 4.59 13.37 -20.84
C PHE A 328 4.08 11.93 -20.70
N VAL A 329 5.03 11.01 -20.56
CA VAL A 329 4.69 9.59 -20.49
C VAL A 329 3.85 9.30 -19.26
N GLY A 330 4.16 9.96 -18.15
CA GLY A 330 3.35 9.79 -16.96
C GLY A 330 1.91 10.21 -17.18
N LEU A 331 1.72 11.33 -17.88
CA LEU A 331 0.36 11.78 -18.18
C LEU A 331 -0.36 10.80 -19.10
N ARG A 332 0.33 10.27 -20.11
CA ARG A 332 -0.31 9.30 -20.99
C ARG A 332 -0.66 8.02 -20.25
N VAL A 333 0.23 7.56 -19.37
CA VAL A 333 -0.04 6.37 -18.58
C VAL A 333 -1.23 6.62 -17.65
N LEU A 334 -1.31 7.81 -17.05
CA LEU A 334 -2.45 8.14 -16.22
C LEU A 334 -3.74 8.11 -17.03
N GLY A 335 -3.72 8.66 -18.23
CA GLY A 335 -4.91 8.61 -19.07
C GLY A 335 -5.33 7.20 -19.39
N HIS A 336 -4.36 6.35 -19.74
CA HIS A 336 -4.68 4.96 -20.02
C HIS A 336 -5.25 4.27 -18.79
N THR A 337 -4.69 4.55 -17.61
CA THR A 337 -5.19 3.97 -16.38
C THR A 337 -6.63 4.43 -16.09
N LEU A 338 -6.92 5.71 -16.33
CA LEU A 338 -8.28 6.19 -16.13
C LEU A 338 -9.24 5.50 -17.09
N ARG A 339 -8.83 5.30 -18.35
CA ARG A 339 -9.67 4.59 -19.29
C ARG A 339 -9.90 3.14 -18.85
N ALA A 340 -8.86 2.51 -18.30
CA ALA A 340 -8.96 1.09 -17.95
C ALA A 340 -9.75 0.85 -16.67
N SER A 341 -9.62 1.73 -15.69
CA SER A 341 -10.20 1.52 -14.36
C SER A 341 -11.52 2.25 -14.18
N THR A 342 -12.33 2.31 -15.25
CA THR A 342 -13.65 2.93 -15.14
C THR A 342 -14.53 2.20 -14.13
N ASN A 343 -14.47 0.87 -14.13
CA ASN A 343 -15.26 0.10 -13.17
C ASN A 343 -14.84 0.40 -11.74
N GLU A 344 -13.53 0.48 -11.49
CA GLU A 344 -13.07 0.80 -10.14
C GLU A 344 -13.44 2.22 -9.73
N PHE A 345 -13.38 3.17 -10.66
CA PHE A 345 -13.79 4.53 -10.34
C PHE A 345 -15.28 4.59 -10.01
N LEU A 346 -16.11 3.88 -10.79
CA LEU A 346 -17.54 3.83 -10.48
C LEU A 346 -17.79 3.17 -9.13
N LEU A 347 -17.02 2.12 -8.82
CA LEU A 347 -17.14 1.48 -7.51
C LEU A 347 -16.79 2.45 -6.39
N LEU A 348 -15.72 3.21 -6.56
CA LEU A 348 -15.34 4.20 -5.56
C LEU A 348 -16.44 5.24 -5.39
N ILE A 349 -17.00 5.73 -6.49
CA ILE A 349 -18.05 6.74 -6.41
C ILE A 349 -19.27 6.19 -5.68
N ILE A 350 -19.69 4.98 -6.02
CA ILE A 350 -20.88 4.41 -5.40
C ILE A 350 -20.66 4.16 -3.92
N PHE A 351 -19.49 3.61 -3.56
CA PHE A 351 -19.17 3.41 -2.14
C PHE A 351 -19.21 4.73 -1.39
N LEU A 352 -18.57 5.77 -1.95
CA LEU A 352 -18.53 7.06 -1.28
C LEU A 352 -19.93 7.63 -1.11
N ALA A 353 -20.77 7.53 -2.14
CA ALA A 353 -22.13 8.05 -2.03
C ALA A 353 -22.92 7.31 -0.96
N LEU A 354 -22.83 5.97 -0.95
CA LEU A 354 -23.54 5.20 0.07
C LEU A 354 -23.10 5.60 1.47
N GLY A 355 -21.79 5.64 1.70
CA GLY A 355 -21.29 5.99 3.02
C GLY A 355 -21.67 7.41 3.41
N VAL A 356 -21.59 8.34 2.46
CA VAL A 356 -21.92 9.73 2.75
C VAL A 356 -23.37 9.86 3.18
N LEU A 357 -24.29 9.27 2.41
CA LEU A 357 -25.70 9.34 2.77
C LEU A 357 -25.95 8.70 4.12
N ILE A 358 -25.43 7.49 4.33
CA ILE A 358 -25.70 6.76 5.56
C ILE A 358 -25.19 7.54 6.75
N PHE A 359 -23.96 8.04 6.68
CA PHE A 359 -23.35 8.69 7.84
C PHE A 359 -23.92 10.09 8.07
N ALA A 360 -24.34 10.79 7.01
CA ALA A 360 -25.04 12.05 7.21
C ALA A 360 -26.34 11.83 7.97
N THR A 361 -27.11 10.82 7.57
CA THR A 361 -28.34 10.52 8.31
C THR A 361 -28.02 10.11 9.75
N MET A 362 -27.00 9.27 9.93
CA MET A 362 -26.68 8.78 11.26
C MET A 362 -26.24 9.91 12.18
N ILE A 363 -25.42 10.83 11.69
CA ILE A 363 -24.97 11.94 12.53
C ILE A 363 -26.13 12.90 12.80
N TYR A 364 -26.97 13.15 11.80
CA TYR A 364 -28.15 13.97 12.02
C TYR A 364 -28.99 13.41 13.16
N TYR A 365 -29.19 12.11 13.18
CA TYR A 365 -30.01 11.51 14.23
C TYR A 365 -29.29 11.40 15.56
N ALA A 366 -27.97 11.20 15.54
CA ALA A 366 -27.21 11.08 16.78
C ALA A 366 -27.06 12.41 17.49
N GLU A 367 -27.11 13.52 16.75
CA GLU A 367 -27.01 14.84 17.37
C GLU A 367 -28.35 15.34 17.91
N ARG A 368 -29.43 14.56 17.76
CA ARG A 368 -30.75 14.96 18.23
C ARG A 368 -31.34 13.94 19.19
N ILE A 369 -30.49 13.15 19.84
CA ILE A 369 -30.96 12.13 20.77
C ILE A 369 -31.46 12.82 22.04
N GLY A 370 -32.68 12.48 22.46
CA GLY A 370 -33.28 13.09 23.61
C GLY A 370 -33.89 14.46 23.37
N ALA A 371 -33.90 14.92 22.12
CA ALA A 371 -34.43 16.25 21.81
C ALA A 371 -35.95 16.20 21.68
N GLN A 372 -36.55 17.39 21.67
CA GLN A 372 -37.99 17.50 21.57
C GLN A 372 -38.45 17.13 20.15
N PRO A 373 -39.69 16.67 20.00
CA PRO A 373 -40.16 16.29 18.66
C PRO A 373 -40.08 17.41 17.64
N ASN A 374 -40.36 18.65 18.03
CA ASN A 374 -40.43 19.76 17.10
C ASN A 374 -39.78 21.04 17.61
N ASP A 375 -39.09 21.00 18.75
CA ASP A 375 -38.52 22.21 19.31
C ASP A 375 -37.46 22.77 18.37
N PRO A 376 -37.57 24.03 17.94
CA PRO A 376 -36.56 24.60 17.03
C PRO A 376 -35.18 24.72 17.65
N SER A 377 -35.06 24.70 18.98
CA SER A 377 -33.78 24.87 19.65
C SER A 377 -32.94 23.60 19.64
N ALA A 378 -33.48 22.48 19.16
CA ALA A 378 -32.70 21.25 19.09
C ALA A 378 -31.53 21.38 18.14
N SER A 379 -31.69 22.12 17.05
CA SER A 379 -30.64 22.30 16.05
C SER A 379 -29.76 23.51 16.32
N GLU A 380 -29.99 24.24 17.40
CA GLU A 380 -29.20 25.42 17.71
C GLU A 380 -27.85 25.08 18.35
N HIS A 381 -27.63 23.83 18.75
CA HIS A 381 -26.41 23.43 19.41
C HIS A 381 -25.56 22.46 18.59
N THR A 382 -25.96 22.14 17.36
CA THR A 382 -25.24 21.19 16.53
C THR A 382 -24.97 21.80 15.17
N HIS A 383 -23.79 21.48 14.61
CA HIS A 383 -23.47 21.91 13.25
C HIS A 383 -24.35 21.23 12.22
N PHE A 384 -24.99 20.11 12.58
CA PHE A 384 -25.74 19.29 11.64
C PHE A 384 -27.21 19.73 11.68
N LYS A 385 -27.48 20.85 11.02
CA LYS A 385 -28.85 21.33 10.91
C LYS A 385 -29.70 20.41 10.05
N ASN A 386 -29.10 19.83 9.01
CA ASN A 386 -29.83 19.01 8.05
C ASN A 386 -28.93 17.88 7.59
N ILE A 387 -29.47 17.02 6.74
CA ILE A 387 -28.76 15.86 6.19
C ILE A 387 -27.87 16.29 5.02
N PRO A 388 -28.32 17.20 4.17
CA PRO A 388 -27.44 17.67 3.08
C PRO A 388 -26.11 18.24 3.55
N ILE A 389 -26.09 18.98 4.66
CA ILE A 389 -24.82 19.46 5.20
C ILE A 389 -24.03 18.32 5.84
N GLY A 390 -24.73 17.35 6.42
CA GLY A 390 -24.08 16.15 6.87
C GLY A 390 -23.38 15.42 5.74
N PHE A 391 -23.86 15.58 4.52
CA PHE A 391 -23.14 15.01 3.37
C PHE A 391 -21.73 15.56 3.28
N TRP A 392 -21.60 16.90 3.37
CA TRP A 392 -20.29 17.53 3.33
C TRP A 392 -19.43 17.09 4.51
N TRP A 393 -20.02 17.06 5.71
CA TRP A 393 -19.25 16.61 6.86
C TRP A 393 -18.76 15.17 6.65
N ALA A 394 -19.63 14.32 6.11
CA ALA A 394 -19.29 12.91 5.96
C ALA A 394 -18.20 12.71 4.93
N VAL A 395 -18.24 13.44 3.81
CA VAL A 395 -17.18 13.29 2.82
C VAL A 395 -15.86 13.79 3.39
N VAL A 396 -15.90 14.92 4.11
CA VAL A 396 -14.67 15.45 4.70
C VAL A 396 -14.09 14.48 5.72
N THR A 397 -14.95 13.85 6.53
CA THR A 397 -14.47 12.90 7.54
C THR A 397 -14.02 11.58 6.92
N MET A 398 -14.67 11.15 5.84
CA MET A 398 -14.31 9.90 5.18
C MET A 398 -12.97 10.00 4.48
N THR A 399 -12.68 11.14 3.84
CA THR A 399 -11.39 11.32 3.19
C THR A 399 -10.27 11.63 4.17
N THR A 400 -10.54 11.57 5.47
CA THR A 400 -9.56 11.94 6.50
C THR A 400 -9.09 13.38 6.34
N LEU A 401 -9.88 14.19 5.63
CA LEU A 401 -9.51 15.59 5.42
C LEU A 401 -9.65 16.40 6.69
N GLY A 402 -10.78 16.27 7.38
CA GLY A 402 -10.98 16.92 8.67
C GLY A 402 -10.73 18.41 8.68
N TYR A 403 -11.53 19.17 7.93
CA TYR A 403 -11.38 20.63 7.94
C TYR A 403 -11.61 21.20 9.33
N GLY A 404 -12.64 20.71 10.01
CA GLY A 404 -12.99 21.20 11.34
C GLY A 404 -14.07 22.25 11.36
N ASP A 405 -14.62 22.63 10.20
CA ASP A 405 -15.72 23.57 10.18
C ASP A 405 -16.96 22.99 10.86
N MET A 406 -17.13 21.68 10.79
CA MET A 406 -18.21 20.99 11.48
C MET A 406 -17.68 19.68 12.05
N TYR A 407 -18.07 19.39 13.28
CA TYR A 407 -17.65 18.18 13.98
C TYR A 407 -18.72 17.83 15.02
N PRO A 408 -18.86 16.56 15.37
CA PRO A 408 -19.83 16.20 16.41
C PRO A 408 -19.48 16.82 17.74
N GLN A 409 -20.52 17.16 18.50
CA GLN A 409 -20.36 17.73 19.84
C GLN A 409 -21.06 16.91 20.91
N THR A 410 -21.67 15.79 20.54
CA THR A 410 -22.31 14.87 21.48
C THR A 410 -21.55 13.56 21.51
N TRP A 411 -21.86 12.74 22.52
CA TRP A 411 -21.24 11.42 22.62
C TRP A 411 -21.70 10.51 21.49
N SER A 412 -23.00 10.51 21.18
CA SER A 412 -23.51 9.68 20.09
C SER A 412 -22.97 10.15 18.75
N GLY A 413 -22.99 11.46 18.51
CA GLY A 413 -22.39 11.99 17.30
C GLY A 413 -20.91 11.70 17.22
N MET A 414 -20.23 11.65 18.37
CA MET A 414 -18.81 11.33 18.40
C MET A 414 -18.57 9.89 17.96
N LEU A 415 -19.36 8.96 18.49
CA LEU A 415 -19.26 7.57 18.04
C LEU A 415 -19.56 7.44 16.56
N VAL A 416 -20.58 8.16 16.09
CA VAL A 416 -20.93 8.12 14.67
C VAL A 416 -19.78 8.65 13.82
N GLY A 417 -19.15 9.74 14.26
CA GLY A 417 -18.02 10.28 13.51
C GLY A 417 -16.83 9.34 13.48
N ALA A 418 -16.57 8.65 14.59
CA ALA A 418 -15.50 7.65 14.60
C ALA A 418 -15.79 6.54 13.61
N LEU A 419 -17.03 6.04 13.62
CA LEU A 419 -17.41 5.01 12.67
C LEU A 419 -17.28 5.51 11.24
N CYS A 420 -17.65 6.77 11.01
CA CYS A 420 -17.49 7.38 9.69
C CYS A 420 -16.03 7.39 9.28
N ALA A 421 -15.15 7.75 10.20
CA ALA A 421 -13.72 7.81 9.87
C ALA A 421 -13.19 6.45 9.45
N LEU A 422 -13.43 5.43 10.27
CA LEU A 422 -12.93 4.09 9.91
C LEU A 422 -13.58 3.57 8.64
N ALA A 423 -14.90 3.77 8.49
CA ALA A 423 -15.58 3.28 7.29
C ALA A 423 -15.05 3.96 6.04
N GLY A 424 -14.80 5.27 6.11
CA GLY A 424 -14.22 5.95 4.97
C GLY A 424 -12.83 5.45 4.65
N VAL A 425 -12.00 5.25 5.67
CA VAL A 425 -10.66 4.73 5.42
C VAL A 425 -10.76 3.42 4.66
N LEU A 426 -11.60 2.49 5.14
CA LEU A 426 -11.70 1.18 4.52
C LEU A 426 -12.30 1.24 3.12
N THR A 427 -13.38 2.00 2.94
CA THR A 427 -14.05 2.04 1.64
C THR A 427 -13.22 2.77 0.60
N ILE A 428 -12.36 3.70 0.99
CA ILE A 428 -11.46 4.32 0.04
C ILE A 428 -10.25 3.42 -0.22
N ALA A 429 -9.79 2.67 0.78
CA ALA A 429 -8.70 1.73 0.57
C ALA A 429 -9.12 0.50 -0.23
N MET A 430 -10.43 0.29 -0.44
CA MET A 430 -10.83 -0.87 -1.24
C MET A 430 -10.38 -0.74 -2.69
N PRO A 431 -10.90 0.19 -3.51
CA PRO A 431 -10.57 0.19 -4.94
C PRO A 431 -9.37 1.03 -5.33
N VAL A 432 -8.94 1.95 -4.46
CA VAL A 432 -7.78 2.77 -4.78
C VAL A 432 -6.55 1.92 -4.99
N PRO A 433 -6.28 0.89 -4.19
CA PRO A 433 -5.15 -0.01 -4.50
C PRO A 433 -5.27 -0.68 -5.85
N VAL A 434 -6.48 -1.06 -6.27
CA VAL A 434 -6.64 -1.67 -7.59
C VAL A 434 -6.24 -0.68 -8.68
N ILE A 435 -6.73 0.55 -8.57
CA ILE A 435 -6.39 1.57 -9.56
C ILE A 435 -4.89 1.83 -9.54
N VAL A 436 -4.30 1.91 -8.35
CA VAL A 436 -2.88 2.17 -8.20
C VAL A 436 -2.05 1.06 -8.83
N ASN A 437 -2.47 -0.19 -8.64
CA ASN A 437 -1.72 -1.31 -9.17
C ASN A 437 -1.83 -1.39 -10.70
N ASN A 438 -3.00 -1.03 -11.24
CA ASN A 438 -3.12 -0.92 -12.69
C ASN A 438 -2.17 0.16 -13.23
N PHE A 439 -2.14 1.31 -12.54
CA PHE A 439 -1.19 2.36 -12.93
C PHE A 439 0.24 1.86 -12.86
N GLY A 440 0.55 1.05 -11.84
CA GLY A 440 1.89 0.51 -11.72
C GLY A 440 2.25 -0.37 -12.90
N MET A 441 1.34 -1.28 -13.28
CA MET A 441 1.59 -2.10 -14.46
C MET A 441 1.87 -1.23 -15.68
N TYR A 442 0.99 -0.26 -15.94
CA TYR A 442 1.12 0.51 -17.17
C TYR A 442 2.39 1.35 -17.18
N TYR A 443 2.71 1.98 -16.04
CA TYR A 443 3.93 2.77 -15.95
C TYR A 443 5.16 1.91 -16.12
N SER A 444 5.19 0.73 -15.49
CA SER A 444 6.34 -0.15 -15.64
C SER A 444 6.51 -0.58 -17.09
N LEU A 445 5.41 -0.92 -17.76
CA LEU A 445 5.50 -1.35 -19.15
C LEU A 445 5.98 -0.21 -20.05
N ALA A 446 5.49 1.02 -19.81
CA ALA A 446 5.96 2.15 -20.61
C ALA A 446 7.45 2.41 -20.38
N MET A 447 7.90 2.35 -19.13
CA MET A 447 9.32 2.56 -18.86
C MET A 447 10.16 1.46 -19.48
N ALA A 448 9.66 0.21 -19.48
CA ALA A 448 10.39 -0.87 -20.12
C ALA A 448 10.49 -0.65 -21.63
N LYS A 449 9.38 -0.22 -22.25
CA LYS A 449 9.43 0.07 -23.68
C LYS A 449 10.42 1.18 -24.00
N GLN A 450 10.53 2.19 -23.13
CA GLN A 450 11.56 3.21 -23.32
C GLN A 450 12.95 2.62 -23.19
N LYS A 451 13.20 1.88 -22.09
CA LYS A 451 14.51 1.31 -21.85
C LYS A 451 14.91 0.29 -22.92
N LEU A 452 13.95 -0.19 -23.71
CA LEU A 452 14.20 -1.15 -24.78
C LEU A 452 14.01 -0.44 -26.11
N PRO A 453 15.01 0.30 -26.58
CA PRO A 453 14.86 1.01 -27.85
C PRO A 453 14.78 0.06 -29.03
N LYS A 454 14.15 0.53 -30.10
CA LYS A 454 14.01 -0.29 -31.31
C LYS A 454 15.39 -0.62 -31.87
N LYS A 455 15.56 -1.88 -32.27
CA LYS A 455 16.83 -2.35 -32.79
C LYS A 455 16.56 -3.45 -33.81
N LYS A 456 17.64 -4.03 -34.33
CA LYS A 456 17.51 -5.14 -35.27
C LYS A 456 16.93 -6.37 -34.57
N LYS A 457 16.11 -7.11 -35.30
CA LYS A 457 15.49 -8.30 -34.72
C LYS A 457 16.54 -9.32 -34.30
N LYS A 458 17.61 -9.47 -35.08
CA LYS A 458 18.72 -10.36 -34.76
C LYS A 458 18.33 -11.83 -34.96
N HIS A 459 17.08 -12.09 -35.29
CA HIS A 459 16.58 -13.44 -35.51
C HIS A 459 15.96 -13.54 -36.88
N ILE A 460 16.27 -14.62 -37.60
CA ILE A 460 15.81 -14.84 -38.96
C ILE A 460 14.79 -15.98 -38.94
N PRO A 461 13.50 -15.73 -39.18
CA PRO A 461 12.55 -16.83 -39.26
C PRO A 461 12.83 -17.74 -40.44
N ARG A 462 12.38 -18.98 -40.33
CA ARG A 462 12.67 -19.96 -41.37
C ARG A 462 12.01 -19.53 -42.68
N PRO A 463 12.68 -19.76 -43.84
CA PRO A 463 12.10 -19.42 -45.14
C PRO A 463 10.64 -19.84 -45.29
N SER B 7 15.26 -55.60 -6.76
CA SER B 7 16.13 -55.46 -5.59
C SER B 7 16.03 -54.06 -5.00
N GLU B 8 14.86 -53.75 -4.43
CA GLU B 8 14.61 -52.48 -3.75
C GLU B 8 14.54 -51.33 -4.75
N ARG B 9 14.79 -51.62 -6.03
CA ARG B 9 14.83 -50.61 -7.08
C ARG B 9 13.53 -50.66 -7.86
N ILE B 10 12.81 -49.53 -7.90
CA ILE B 10 11.55 -49.42 -8.61
C ILE B 10 11.61 -48.18 -9.48
N VAL B 11 11.18 -48.31 -10.73
CA VAL B 11 11.18 -47.22 -11.70
C VAL B 11 9.74 -46.89 -12.04
N ILE B 12 9.37 -45.63 -11.88
CA ILE B 12 8.01 -45.16 -12.16
C ILE B 12 8.09 -44.21 -13.36
N ASN B 13 7.38 -44.56 -14.43
CA ASN B 13 7.38 -43.79 -15.67
C ASN B 13 6.13 -42.92 -15.67
N VAL B 14 6.28 -41.69 -15.21
CA VAL B 14 5.17 -40.75 -15.09
C VAL B 14 5.21 -39.84 -16.31
N GLY B 15 4.31 -40.09 -17.25
CA GLY B 15 4.22 -39.24 -18.44
C GLY B 15 5.48 -39.21 -19.27
N GLY B 16 6.15 -40.35 -19.42
CA GLY B 16 7.36 -40.45 -20.21
C GLY B 16 8.64 -40.14 -19.47
N THR B 17 8.55 -39.68 -18.22
CA THR B 17 9.71 -39.37 -17.40
C THR B 17 9.89 -40.47 -16.37
N ARG B 18 11.09 -41.04 -16.31
CA ARG B 18 11.37 -42.16 -15.43
C ARG B 18 11.87 -41.66 -14.09
N HIS B 19 11.10 -41.95 -13.03
CA HIS B 19 11.49 -41.62 -11.68
C HIS B 19 11.93 -42.89 -10.97
N GLN B 20 13.15 -42.88 -10.44
CA GLN B 20 13.73 -44.04 -9.78
C GLN B 20 13.84 -43.76 -8.28
N THR B 21 13.27 -44.65 -7.48
CA THR B 21 13.31 -44.51 -6.03
C THR B 21 13.37 -45.90 -5.42
N HIS B 22 13.33 -45.95 -4.09
CA HIS B 22 13.40 -47.20 -3.34
C HIS B 22 12.02 -47.62 -2.88
N ARG B 23 11.82 -48.94 -2.80
CA ARG B 23 10.54 -49.47 -2.32
C ARG B 23 10.28 -49.07 -0.88
N SER B 24 11.32 -48.96 -0.06
CA SER B 24 11.16 -48.42 1.28
C SER B 24 10.69 -46.98 1.25
N THR B 25 11.26 -46.18 0.34
CA THR B 25 10.79 -44.81 0.19
C THR B 25 9.33 -44.76 -0.21
N LEU B 26 8.89 -45.66 -1.09
CA LEU B 26 7.50 -45.69 -1.49
C LEU B 26 6.60 -46.14 -0.33
N ARG B 27 7.07 -47.08 0.48
CA ARG B 27 6.29 -47.57 1.61
C ARG B 27 6.31 -46.63 2.80
N THR B 28 7.14 -45.60 2.78
CA THR B 28 7.19 -44.65 3.89
C THR B 28 5.83 -44.02 4.18
N LEU B 29 4.93 -43.97 3.19
CA LEU B 29 3.59 -43.39 3.34
C LEU B 29 2.56 -44.48 3.05
N PRO B 30 2.16 -45.25 4.05
CA PRO B 30 1.23 -46.36 3.79
C PRO B 30 -0.14 -45.87 3.39
N GLY B 31 -0.85 -46.71 2.63
CA GLY B 31 -2.22 -46.44 2.23
C GLY B 31 -2.36 -45.62 0.97
N THR B 32 -1.27 -45.22 0.32
CA THR B 32 -1.32 -44.42 -0.88
C THR B 32 -1.02 -45.28 -2.10
N ARG B 33 -1.23 -44.69 -3.28
CA ARG B 33 -1.04 -45.43 -4.53
C ARG B 33 0.40 -45.90 -4.70
N LEU B 34 1.35 -45.04 -4.32
CA LEU B 34 2.78 -45.40 -4.47
C LEU B 34 3.16 -46.47 -3.43
N ALA B 35 2.53 -46.49 -2.24
CA ALA B 35 2.73 -47.56 -1.28
C ALA B 35 2.16 -48.88 -1.81
N TRP B 36 1.00 -48.83 -2.45
CA TRP B 36 0.45 -50.03 -3.10
C TRP B 36 1.38 -50.52 -4.20
N LEU B 37 1.91 -49.58 -4.99
CA LEU B 37 2.85 -49.93 -6.05
C LEU B 37 4.07 -50.66 -5.49
N ALA B 38 4.48 -50.30 -4.28
CA ALA B 38 5.63 -50.92 -3.63
C ALA B 38 5.33 -52.31 -3.09
N GLU B 39 4.18 -52.91 -3.45
CA GLU B 39 3.84 -54.24 -2.97
C GLU B 39 4.24 -55.30 -3.98
N PRO B 40 4.50 -56.54 -3.54
CA PRO B 40 4.91 -57.59 -4.49
C PRO B 40 3.88 -57.85 -5.58
N ASP B 41 2.63 -57.41 -5.39
CA ASP B 41 1.57 -57.67 -6.36
C ASP B 41 1.28 -56.48 -7.26
N ALA B 42 2.08 -55.41 -7.18
CA ALA B 42 1.86 -54.27 -8.05
C ALA B 42 2.02 -54.64 -9.51
N HIS B 43 2.86 -55.63 -9.82
CA HIS B 43 3.07 -56.03 -11.20
C HIS B 43 1.77 -56.49 -11.86
N SER B 44 0.80 -56.96 -11.07
CA SER B 44 -0.50 -57.34 -11.60
C SER B 44 -1.60 -56.35 -11.21
N HIS B 45 -1.38 -55.53 -10.19
CA HIS B 45 -2.37 -54.55 -9.75
C HIS B 45 -2.22 -53.19 -10.42
N PHE B 46 -1.18 -53.00 -11.24
CA PHE B 46 -0.93 -51.71 -11.87
C PHE B 46 -0.50 -51.93 -13.31
N ASP B 47 -0.26 -50.83 -14.02
CA ASP B 47 0.23 -50.88 -15.40
C ASP B 47 1.74 -51.08 -15.36
N TYR B 48 2.19 -52.29 -15.68
CA TYR B 48 3.58 -52.67 -15.54
C TYR B 48 4.14 -53.13 -16.89
N ASP B 49 5.42 -52.85 -17.10
CA ASP B 49 6.12 -53.20 -18.34
C ASP B 49 7.23 -54.20 -18.02
N PRO B 50 7.05 -55.49 -18.30
CA PRO B 50 8.11 -56.46 -17.95
C PRO B 50 9.43 -56.18 -18.65
N ARG B 51 9.40 -55.92 -19.96
CA ARG B 51 10.64 -55.69 -20.70
C ARG B 51 11.38 -54.48 -20.15
N ALA B 52 10.67 -53.36 -19.97
CA ALA B 52 11.29 -52.15 -19.44
C ALA B 52 11.41 -52.16 -17.93
N ASP B 53 10.65 -53.02 -17.24
CA ASP B 53 10.70 -53.14 -15.79
C ASP B 53 10.41 -51.79 -15.13
N GLU B 54 9.27 -51.22 -15.49
CA GLU B 54 8.84 -49.94 -14.93
C GLU B 54 7.33 -49.84 -15.04
N PHE B 55 6.74 -49.04 -14.14
CA PHE B 55 5.32 -48.76 -14.15
C PHE B 55 5.06 -47.44 -14.84
N PHE B 56 3.93 -47.36 -15.54
CA PHE B 56 3.56 -46.19 -16.32
C PHE B 56 2.40 -45.45 -15.67
N PHE B 57 2.48 -44.12 -15.68
CA PHE B 57 1.42 -43.27 -15.17
C PHE B 57 1.26 -42.07 -16.09
N ASP B 58 0.03 -41.80 -16.51
CA ASP B 58 -0.26 -40.70 -17.44
C ASP B 58 -0.57 -39.43 -16.66
N ARG B 59 0.45 -38.96 -15.94
CA ARG B 59 0.31 -37.78 -15.09
C ARG B 59 1.43 -36.78 -15.33
N HIS B 60 1.47 -35.73 -14.50
CA HIS B 60 2.47 -34.65 -14.70
C HIS B 60 3.74 -34.96 -13.89
N PRO B 61 4.87 -35.31 -14.55
CA PRO B 61 6.09 -35.66 -13.84
C PRO B 61 6.62 -34.49 -13.00
N GLY B 62 6.56 -33.25 -13.51
CA GLY B 62 7.13 -32.16 -12.76
C GLY B 62 6.61 -32.08 -11.34
N VAL B 63 5.32 -32.28 -11.16
CA VAL B 63 4.72 -32.27 -9.83
C VAL B 63 4.80 -33.64 -9.16
N PHE B 64 4.85 -34.71 -9.94
CA PHE B 64 5.16 -36.00 -9.33
C PHE B 64 6.51 -35.97 -8.65
N ALA B 65 7.45 -35.17 -9.16
CA ALA B 65 8.74 -35.04 -8.51
C ALA B 65 8.59 -34.49 -7.10
N HIS B 66 7.74 -33.47 -6.92
CA HIS B 66 7.53 -32.91 -5.60
C HIS B 66 6.75 -33.86 -4.70
N ILE B 67 5.80 -34.60 -5.25
CA ILE B 67 5.10 -35.60 -4.44
C ILE B 67 6.06 -36.67 -3.95
N LEU B 68 6.93 -37.17 -4.84
CA LEU B 68 7.95 -38.12 -4.43
C LEU B 68 8.95 -37.49 -3.48
N ASN B 69 9.17 -36.18 -3.56
CA ASN B 69 10.01 -35.50 -2.56
C ASN B 69 9.35 -35.54 -1.19
N TYR B 70 8.03 -35.35 -1.14
CA TYR B 70 7.31 -35.61 0.10
C TYR B 70 7.58 -37.01 0.60
N TYR B 71 7.39 -38.01 -0.28
CA TYR B 71 7.68 -39.39 0.09
C TYR B 71 9.09 -39.55 0.64
N ARG B 72 10.05 -38.82 0.07
CA ARG B 72 11.46 -39.06 0.37
C ARG B 72 11.87 -38.40 1.68
N THR B 73 11.48 -37.14 1.88
CA THR B 73 11.94 -36.37 3.04
C THR B 73 10.99 -36.47 4.22
N GLY B 74 9.68 -36.49 3.98
CA GLY B 74 8.70 -36.48 5.05
C GLY B 74 7.88 -35.22 5.15
N LYS B 75 8.16 -34.20 4.33
CA LYS B 75 7.42 -32.94 4.34
C LYS B 75 6.80 -32.72 2.97
N LEU B 76 5.51 -32.40 2.97
CA LEU B 76 4.80 -32.11 1.74
C LEU B 76 4.81 -30.59 1.50
N HIS B 77 5.51 -30.17 0.46
CA HIS B 77 5.52 -28.79 0.02
C HIS B 77 4.72 -28.67 -1.28
N CYS B 78 4.62 -27.46 -1.80
CA CYS B 78 3.88 -27.20 -3.01
C CYS B 78 4.72 -26.41 -3.99
N PRO B 79 4.91 -26.88 -5.23
CA PRO B 79 5.71 -26.12 -6.18
C PRO B 79 5.08 -24.77 -6.52
N ALA B 80 5.94 -23.80 -6.82
CA ALA B 80 5.50 -22.47 -7.19
C ALA B 80 5.37 -22.30 -8.70
N ASP B 81 5.66 -23.33 -9.48
CA ASP B 81 5.53 -23.27 -10.94
C ASP B 81 4.17 -23.75 -11.44
N VAL B 82 3.30 -24.24 -10.55
CA VAL B 82 1.96 -24.66 -10.90
C VAL B 82 0.99 -24.12 -9.87
N CYS B 83 -0.29 -24.13 -10.22
CA CYS B 83 -1.30 -23.54 -9.37
C CYS B 83 -1.82 -24.56 -8.34
N GLY B 84 -2.48 -24.01 -7.33
CA GLY B 84 -3.02 -24.79 -6.25
C GLY B 84 -4.02 -25.82 -6.72
N PRO B 85 -4.95 -25.43 -7.59
CA PRO B 85 -5.90 -26.43 -8.11
C PRO B 85 -5.22 -27.58 -8.84
N LEU B 86 -4.17 -27.30 -9.61
CA LEU B 86 -3.46 -28.36 -10.30
C LEU B 86 -2.77 -29.30 -9.32
N TYR B 87 -2.05 -28.74 -8.35
CA TYR B 87 -1.41 -29.58 -7.35
C TYR B 87 -2.45 -30.35 -6.55
N GLU B 88 -3.64 -29.77 -6.35
CA GLU B 88 -4.70 -30.45 -5.63
C GLU B 88 -5.22 -31.65 -6.42
N GLU B 89 -5.45 -31.48 -7.72
CA GLU B 89 -5.85 -32.64 -8.54
C GLU B 89 -4.79 -33.73 -8.48
N GLU B 90 -3.50 -33.36 -8.59
CA GLU B 90 -2.47 -34.39 -8.58
C GLU B 90 -2.39 -35.09 -7.23
N LEU B 91 -2.48 -34.35 -6.14
CA LEU B 91 -2.49 -34.96 -4.81
C LEU B 91 -3.68 -35.89 -4.65
N ALA B 92 -4.86 -35.47 -5.14
CA ALA B 92 -6.03 -36.33 -5.04
C ALA B 92 -5.82 -37.63 -5.81
N PHE B 93 -5.26 -37.54 -7.01
CA PHE B 93 -5.00 -38.77 -7.77
C PHE B 93 -4.01 -39.67 -7.05
N TRP B 94 -2.95 -39.09 -6.48
CA TRP B 94 -1.92 -39.88 -5.82
C TRP B 94 -2.30 -40.30 -4.41
N GLY B 95 -3.46 -39.86 -3.90
CA GLY B 95 -3.89 -40.25 -2.58
C GLY B 95 -3.25 -39.49 -1.44
N ILE B 96 -2.59 -38.37 -1.72
CA ILE B 96 -1.94 -37.60 -0.68
C ILE B 96 -2.95 -36.69 -0.01
N ASP B 97 -2.90 -36.64 1.32
CA ASP B 97 -3.78 -35.76 2.08
C ASP B 97 -3.30 -34.32 1.93
N GLU B 98 -4.19 -33.45 1.45
CA GLU B 98 -3.83 -32.06 1.20
C GLU B 98 -3.60 -31.27 2.47
N THR B 99 -3.92 -31.82 3.65
CA THR B 99 -3.66 -31.17 4.92
C THR B 99 -2.23 -31.41 5.41
N ASP B 100 -1.43 -32.16 4.65
CA ASP B 100 -0.03 -32.36 4.97
C ASP B 100 0.85 -31.23 4.46
N VAL B 101 0.28 -30.26 3.74
CA VAL B 101 1.06 -29.16 3.19
C VAL B 101 1.66 -28.34 4.33
N GLU B 102 2.94 -28.02 4.20
CA GLU B 102 3.63 -27.29 5.25
C GLU B 102 3.14 -25.84 5.32
N PRO B 103 3.30 -25.19 6.48
CA PRO B 103 2.86 -23.79 6.60
C PRO B 103 3.56 -22.86 5.64
N CYS B 104 4.76 -23.20 5.17
CA CYS B 104 5.49 -22.35 4.24
C CYS B 104 4.83 -22.27 2.87
N CYS B 105 3.89 -23.18 2.58
CA CYS B 105 3.22 -23.20 1.29
C CYS B 105 1.70 -23.30 1.39
N TRP B 106 1.14 -23.49 2.59
CA TRP B 106 -0.29 -23.73 2.73
C TRP B 106 -1.11 -22.55 2.22
N MET B 107 -0.73 -21.32 2.60
CA MET B 107 -1.54 -20.17 2.25
C MET B 107 -1.57 -19.96 0.74
N THR B 108 -0.41 -20.05 0.09
CA THR B 108 -0.37 -19.92 -1.36
C THR B 108 -1.12 -21.04 -2.04
N TYR B 109 -1.02 -22.26 -1.49
CA TYR B 109 -1.72 -23.39 -2.08
C TYR B 109 -3.24 -23.23 -1.99
N ARG B 110 -3.73 -22.63 -0.90
CA ARG B 110 -5.17 -22.54 -0.67
C ARG B 110 -5.79 -21.27 -1.22
N GLN B 111 -4.98 -20.23 -1.50
CA GLN B 111 -5.52 -18.92 -1.88
C GLN B 111 -6.76 -19.00 -2.78
N HIS B 112 -6.66 -19.72 -3.90
CA HIS B 112 -7.76 -19.71 -4.86
C HIS B 112 -9.01 -20.39 -4.29
N ARG B 113 -8.84 -21.54 -3.62
CA ARG B 113 -9.99 -22.22 -3.06
C ARG B 113 -10.65 -21.39 -1.97
N ASP B 114 -9.83 -20.73 -1.15
CA ASP B 114 -10.38 -19.84 -0.12
C ASP B 114 -11.16 -18.69 -0.75
N ALA B 115 -10.63 -18.09 -1.81
CA ALA B 115 -11.33 -17.01 -2.48
C ALA B 115 -12.66 -17.51 -3.06
N GLU B 116 -12.65 -18.69 -3.69
CA GLU B 116 -13.88 -19.23 -4.25
C GLU B 116 -14.90 -19.52 -3.16
N GLU B 117 -14.45 -20.06 -2.03
CA GLU B 117 -15.36 -20.30 -0.91
C GLU B 117 -15.95 -18.99 -0.40
N ALA B 118 -15.12 -17.96 -0.29
CA ALA B 118 -15.63 -16.66 0.17
C ALA B 118 -16.66 -16.10 -0.80
N LEU B 119 -16.40 -16.22 -2.10
CA LEU B 119 -17.33 -15.69 -3.10
C LEU B 119 -18.54 -16.58 -3.32
N ASP B 120 -18.52 -17.81 -2.81
CA ASP B 120 -19.66 -18.72 -2.96
C ASP B 120 -19.92 -19.47 -1.66
N ARG B 170 -50.92 -19.55 -11.69
CA ARG B 170 -51.20 -19.06 -13.03
C ARG B 170 -49.93 -19.02 -13.87
N ARG B 171 -50.09 -19.03 -15.19
CA ARG B 171 -48.94 -18.98 -16.08
C ARG B 171 -48.24 -17.63 -16.05
N TRP B 172 -48.94 -16.57 -15.69
CA TRP B 172 -48.35 -15.24 -15.57
C TRP B 172 -47.75 -14.97 -14.21
N GLN B 173 -47.94 -15.87 -13.24
CA GLN B 173 -47.32 -15.69 -11.93
C GLN B 173 -45.80 -15.67 -12.01
N PRO B 174 -45.13 -16.60 -12.70
CA PRO B 174 -43.68 -16.46 -12.85
C PRO B 174 -43.27 -15.18 -13.56
N ARG B 175 -44.07 -14.73 -14.53
CA ARG B 175 -43.75 -13.48 -15.21
C ARG B 175 -43.81 -12.31 -14.25
N ILE B 176 -44.82 -12.27 -13.38
CA ILE B 176 -44.92 -11.18 -12.41
C ILE B 176 -43.80 -11.28 -11.39
N TRP B 177 -43.40 -12.51 -11.01
CA TRP B 177 -42.28 -12.67 -10.10
C TRP B 177 -40.94 -12.35 -10.76
N ALA B 178 -40.90 -12.28 -12.08
CA ALA B 178 -39.68 -11.89 -12.79
C ALA B 178 -39.44 -10.39 -12.77
N LEU B 179 -40.23 -9.64 -12.00
CA LEU B 179 -40.07 -8.18 -11.97
C LEU B 179 -38.72 -7.77 -11.41
N PHE B 180 -38.16 -8.54 -10.49
CA PHE B 180 -36.86 -8.21 -9.90
C PHE B 180 -35.71 -8.99 -10.53
N GLU B 181 -35.99 -10.15 -11.11
CA GLU B 181 -34.95 -10.99 -11.70
C GLU B 181 -34.63 -10.47 -13.10
N ASP B 182 -33.41 -9.96 -13.27
CA ASP B 182 -32.98 -9.39 -14.54
C ASP B 182 -34.04 -8.46 -15.10
N PRO B 183 -34.33 -7.33 -14.43
CA PRO B 183 -35.36 -6.43 -14.94
C PRO B 183 -35.09 -5.93 -16.34
N TYR B 184 -33.83 -5.73 -16.71
CA TYR B 184 -33.50 -5.29 -18.05
C TYR B 184 -33.79 -6.36 -19.10
N SER B 185 -33.99 -7.61 -18.68
CA SER B 185 -34.25 -8.68 -19.64
C SER B 185 -35.50 -8.39 -20.45
N SER B 186 -36.58 -7.99 -19.77
CA SER B 186 -37.83 -7.62 -20.42
C SER B 186 -37.95 -6.11 -20.46
N ARG B 187 -38.55 -5.59 -21.53
CA ARG B 187 -38.70 -4.15 -21.66
C ARG B 187 -39.60 -3.58 -20.56
N TYR B 188 -40.70 -4.27 -20.27
CA TYR B 188 -41.61 -3.82 -19.22
C TYR B 188 -40.91 -3.82 -17.86
N ALA B 189 -40.14 -4.87 -17.58
CA ALA B 189 -39.43 -4.93 -16.31
C ALA B 189 -38.33 -3.87 -16.23
N ARG B 190 -37.68 -3.55 -17.36
CA ARG B 190 -36.69 -2.48 -17.36
C ARG B 190 -37.35 -1.14 -17.07
N TYR B 191 -38.51 -0.88 -17.68
CA TYR B 191 -39.24 0.34 -17.38
C TYR B 191 -39.65 0.38 -15.91
N VAL B 192 -40.06 -0.77 -15.36
CA VAL B 192 -40.43 -0.84 -13.96
C VAL B 192 -39.23 -0.51 -13.08
N ALA B 193 -38.06 -1.04 -13.44
CA ALA B 193 -36.84 -0.76 -12.67
C ALA B 193 -36.49 0.72 -12.74
N PHE B 194 -36.65 1.34 -13.92
CA PHE B 194 -36.40 2.77 -14.04
C PHE B 194 -37.36 3.57 -13.14
N ALA B 195 -38.64 3.19 -13.14
CA ALA B 195 -39.60 3.85 -12.26
C ALA B 195 -39.26 3.66 -10.80
N SER B 196 -38.80 2.46 -10.42
CA SER B 196 -38.40 2.21 -9.04
C SER B 196 -37.21 3.07 -8.65
N LEU B 197 -36.23 3.20 -9.55
CA LEU B 197 -35.10 4.09 -9.28
C LEU B 197 -35.58 5.52 -9.09
N PHE B 198 -36.48 5.99 -9.96
CA PHE B 198 -37.01 7.33 -9.83
C PHE B 198 -37.67 7.52 -8.47
N PHE B 199 -38.54 6.59 -8.08
CA PHE B 199 -39.34 6.74 -6.88
C PHE B 199 -38.56 6.44 -5.60
N ILE B 200 -37.39 5.83 -5.70
CA ILE B 200 -36.50 5.70 -4.56
C ILE B 200 -35.66 6.95 -4.39
N LEU B 201 -35.09 7.47 -5.50
CA LEU B 201 -34.32 8.70 -5.42
C LEU B 201 -35.18 9.86 -4.96
N VAL B 202 -36.42 9.95 -5.45
CA VAL B 202 -37.29 11.04 -5.05
C VAL B 202 -37.66 10.92 -3.59
N SER B 203 -37.91 9.70 -3.10
CA SER B 203 -38.20 9.52 -1.69
C SER B 203 -37.02 9.92 -0.83
N ILE B 204 -35.81 9.54 -1.22
CA ILE B 204 -34.62 9.93 -0.46
C ILE B 204 -34.46 11.45 -0.48
N THR B 205 -34.69 12.08 -1.62
CA THR B 205 -34.59 13.54 -1.70
C THR B 205 -35.61 14.21 -0.80
N THR B 206 -36.84 13.72 -0.78
CA THR B 206 -37.86 14.29 0.09
C THR B 206 -37.48 14.11 1.57
N PHE B 207 -36.96 12.94 1.92
CA PHE B 207 -36.54 12.71 3.29
C PHE B 207 -35.41 13.65 3.69
N CYS B 208 -34.46 13.88 2.78
CA CYS B 208 -33.37 14.80 3.07
C CYS B 208 -33.85 16.24 3.16
N LEU B 209 -34.85 16.60 2.35
CA LEU B 209 -35.32 17.98 2.31
C LEU B 209 -36.22 18.31 3.49
N GLU B 210 -36.92 17.31 4.04
CA GLU B 210 -37.81 17.56 5.17
C GLU B 210 -37.07 18.09 6.38
N THR B 211 -35.77 17.83 6.48
CA THR B 211 -34.97 18.30 7.61
C THR B 211 -34.34 19.67 7.36
N HIS B 212 -34.54 20.25 6.18
CA HIS B 212 -33.98 21.55 5.87
C HIS B 212 -34.88 22.65 6.42
N GLU B 213 -34.26 23.71 6.93
CA GLU B 213 -35.01 24.78 7.60
C GLU B 213 -35.87 25.56 6.61
N ARG B 214 -35.53 25.55 5.32
CA ARG B 214 -36.34 26.26 4.35
C ARG B 214 -37.74 25.68 4.23
N PHE B 215 -37.87 24.36 4.41
CA PHE B 215 -39.13 23.66 4.25
C PHE B 215 -39.88 23.48 5.57
N ASN B 216 -39.39 24.07 6.66
CA ASN B 216 -40.08 24.05 7.95
C ASN B 216 -40.15 25.47 8.50
N PRO B 217 -40.87 26.36 7.81
CA PRO B 217 -41.10 27.69 8.38
C PRO B 217 -41.80 27.59 9.73
N ILE B 218 -41.41 28.45 10.65
CA ILE B 218 -41.94 28.40 12.01
C ILE B 218 -43.32 29.07 12.03
N VAL B 219 -44.31 28.36 12.54
CA VAL B 219 -45.67 28.87 12.66
C VAL B 219 -45.93 29.17 14.14
N ASN B 220 -46.22 30.43 14.44
CA ASN B 220 -46.48 30.88 15.80
C ASN B 220 -47.96 30.86 16.15
N LYS B 221 -48.83 30.59 15.18
CA LYS B 221 -50.26 30.52 15.47
C LYS B 221 -50.63 29.22 16.17
N THR B 222 -49.98 28.12 15.80
CA THR B 222 -50.26 26.83 16.40
C THR B 222 -49.12 25.84 16.12
N TYR B 236 -47.99 28.96 21.21
CA TYR B 236 -47.77 27.79 20.37
C TYR B 236 -46.81 28.13 19.23
N ARG B 237 -45.54 28.29 19.57
CA ARG B 237 -44.49 28.60 18.58
C ARG B 237 -43.71 27.33 18.31
N GLU B 238 -44.18 26.56 17.32
CA GLU B 238 -43.55 25.31 16.92
C GLU B 238 -43.32 25.31 15.42
N ALA B 239 -42.56 24.31 14.96
CA ALA B 239 -42.25 24.15 13.56
C ALA B 239 -43.24 23.21 12.88
N GLU B 240 -43.37 23.36 11.57
CA GLU B 240 -44.29 22.54 10.79
C GLU B 240 -43.73 22.36 9.39
N THR B 241 -43.48 21.11 9.01
CA THR B 241 -42.95 20.82 7.68
C THR B 241 -44.01 21.08 6.62
N GLU B 242 -43.54 21.42 5.42
CA GLU B 242 -44.44 21.72 4.32
C GLU B 242 -45.22 20.47 3.91
N ALA B 243 -46.43 20.69 3.39
CA ALA B 243 -47.32 19.59 3.04
C ALA B 243 -47.09 19.05 1.63
N PHE B 244 -46.50 19.84 0.74
CA PHE B 244 -46.24 19.33 -0.61
C PHE B 244 -45.20 18.22 -0.58
N LEU B 245 -44.19 18.33 0.29
CA LEU B 245 -43.23 17.25 0.44
C LEU B 245 -43.93 15.99 0.95
N THR B 246 -44.87 16.14 1.87
CA THR B 246 -45.64 14.98 2.34
C THR B 246 -46.44 14.37 1.20
N TYR B 247 -47.00 15.21 0.32
CA TYR B 247 -47.77 14.67 -0.81
C TYR B 247 -46.87 13.89 -1.77
N ILE B 248 -45.68 14.42 -2.06
CA ILE B 248 -44.76 13.67 -2.91
C ILE B 248 -44.34 12.36 -2.25
N GLU B 249 -44.07 12.40 -0.94
CA GLU B 249 -43.79 11.16 -0.24
C GLU B 249 -44.98 10.21 -0.32
N GLY B 250 -46.20 10.75 -0.36
CA GLY B 250 -47.38 9.91 -0.46
C GLY B 250 -47.48 9.21 -1.80
N VAL B 251 -47.17 9.91 -2.89
CA VAL B 251 -47.20 9.25 -4.19
C VAL B 251 -46.07 8.22 -4.29
N CYS B 252 -44.89 8.56 -3.74
CA CYS B 252 -43.85 7.55 -3.62
C CYS B 252 -44.36 6.32 -2.88
N VAL B 253 -45.09 6.55 -1.78
CA VAL B 253 -45.61 5.46 -0.97
C VAL B 253 -46.59 4.62 -1.78
N VAL B 254 -47.49 5.25 -2.53
CA VAL B 254 -48.49 4.48 -3.24
C VAL B 254 -47.83 3.61 -4.30
N TRP B 255 -46.86 4.16 -5.05
CA TRP B 255 -46.19 3.32 -6.05
C TRP B 255 -45.41 2.20 -5.39
N PHE B 256 -44.61 2.53 -4.37
CA PHE B 256 -43.74 1.53 -3.77
C PHE B 256 -44.55 0.47 -3.03
N THR B 257 -45.69 0.84 -2.46
CA THR B 257 -46.55 -0.14 -1.81
C THR B 257 -47.34 -0.96 -2.82
N PHE B 258 -47.62 -0.42 -4.01
CA PHE B 258 -48.12 -1.27 -5.08
C PHE B 258 -47.11 -2.36 -5.40
N GLU B 259 -45.85 -1.97 -5.56
CA GLU B 259 -44.80 -2.97 -5.83
C GLU B 259 -44.70 -3.99 -4.70
N PHE B 260 -44.70 -3.50 -3.45
CA PHE B 260 -44.60 -4.40 -2.30
C PHE B 260 -45.81 -5.32 -2.21
N LEU B 261 -47.00 -4.80 -2.49
CA LEU B 261 -48.21 -5.61 -2.43
C LEU B 261 -48.18 -6.72 -3.46
N MET B 262 -47.76 -6.41 -4.69
CA MET B 262 -47.68 -7.47 -5.69
C MET B 262 -46.61 -8.48 -5.31
N ARG B 263 -45.48 -8.01 -4.76
CA ARG B 263 -44.43 -8.93 -4.33
C ARG B 263 -44.92 -9.86 -3.22
N VAL B 264 -45.71 -9.34 -2.29
CA VAL B 264 -46.18 -10.17 -1.18
C VAL B 264 -47.30 -11.12 -1.62
N ILE B 265 -48.19 -10.67 -2.50
CA ILE B 265 -49.28 -11.52 -2.95
C ILE B 265 -48.76 -12.65 -3.83
N PHE B 266 -48.01 -12.30 -4.88
CA PHE B 266 -47.36 -13.30 -5.73
C PHE B 266 -45.99 -13.57 -5.13
N CYS B 267 -45.92 -14.57 -4.25
CA CYS B 267 -44.70 -14.82 -3.49
C CYS B 267 -44.46 -16.31 -3.29
N PRO B 268 -43.57 -16.92 -4.06
CA PRO B 268 -43.11 -18.28 -3.74
C PRO B 268 -42.16 -18.26 -2.55
N ASN B 269 -42.03 -19.42 -1.92
CA ASN B 269 -41.19 -19.55 -0.73
C ASN B 269 -41.49 -18.43 0.26
N LYS B 270 -42.70 -18.43 0.82
CA LYS B 270 -43.12 -17.34 1.69
C LYS B 270 -42.17 -17.16 2.86
N VAL B 271 -41.66 -18.26 3.42
CA VAL B 271 -40.74 -18.16 4.55
C VAL B 271 -39.48 -17.41 4.15
N GLU B 272 -38.91 -17.76 3.00
CA GLU B 272 -37.70 -17.07 2.54
C GLU B 272 -37.99 -15.61 2.23
N PHE B 273 -39.15 -15.32 1.62
CA PHE B 273 -39.49 -13.94 1.31
C PHE B 273 -39.62 -13.11 2.58
N ILE B 274 -40.26 -13.65 3.61
CA ILE B 274 -40.38 -12.93 4.87
C ILE B 274 -39.02 -12.74 5.51
N LYS B 275 -38.19 -13.78 5.52
CA LYS B 275 -36.87 -13.68 6.12
C LYS B 275 -35.96 -12.73 5.36
N ASN B 276 -36.26 -12.44 4.10
CA ASN B 276 -35.41 -11.57 3.30
C ASN B 276 -35.27 -10.19 3.97
N SER B 277 -34.02 -9.79 4.18
CA SER B 277 -33.76 -8.51 4.85
C SER B 277 -34.21 -7.33 4.00
N LEU B 278 -34.07 -7.42 2.68
CA LEU B 278 -34.51 -6.31 1.83
C LEU B 278 -36.02 -6.15 1.88
N ASN B 279 -36.77 -7.25 1.85
CA ASN B 279 -38.22 -7.14 1.98
C ASN B 279 -38.63 -6.66 3.36
N ILE B 280 -37.91 -7.08 4.41
CA ILE B 280 -38.18 -6.56 5.75
C ILE B 280 -37.98 -5.05 5.76
N ILE B 281 -36.89 -4.59 5.15
CA ILE B 281 -36.61 -3.16 5.07
C ILE B 281 -37.74 -2.45 4.34
N ASP B 282 -38.22 -3.05 3.25
CA ASP B 282 -39.31 -2.44 2.50
C ASP B 282 -40.56 -2.30 3.37
N PHE B 283 -40.88 -3.34 4.13
CA PHE B 283 -42.07 -3.29 4.97
C PHE B 283 -41.94 -2.24 6.07
N VAL B 284 -40.78 -2.20 6.74
CA VAL B 284 -40.60 -1.21 7.79
C VAL B 284 -40.49 0.20 7.21
N ALA B 285 -40.15 0.32 5.93
CA ALA B 285 -40.16 1.63 5.29
C ALA B 285 -41.57 2.07 4.94
N ILE B 286 -42.45 1.13 4.59
CA ILE B 286 -43.82 1.51 4.24
C ILE B 286 -44.71 1.67 5.47
N LEU B 287 -44.35 1.05 6.59
CA LEU B 287 -45.19 1.14 7.79
C LEU B 287 -45.39 2.57 8.28
N PRO B 288 -44.35 3.38 8.45
CA PRO B 288 -44.53 4.66 9.15
C PRO B 288 -45.53 5.60 8.50
N PHE B 289 -45.62 5.64 7.17
CA PHE B 289 -46.59 6.53 6.54
C PHE B 289 -48.02 6.12 6.90
N TYR B 290 -48.31 4.83 6.80
CA TYR B 290 -49.65 4.34 7.16
C TYR B 290 -49.93 4.58 8.64
N LEU B 291 -48.94 4.35 9.50
CA LEU B 291 -49.16 4.57 10.93
C LEU B 291 -49.40 6.03 11.24
N GLU B 292 -48.67 6.94 10.59
CA GLU B 292 -48.91 8.36 10.79
C GLU B 292 -50.29 8.76 10.30
N VAL B 293 -50.71 8.23 9.15
CA VAL B 293 -52.04 8.55 8.63
C VAL B 293 -53.12 8.07 9.59
N GLY B 294 -52.99 6.83 10.08
CA GLY B 294 -54.00 6.29 10.98
C GLY B 294 -54.04 6.99 12.32
N LEU B 295 -52.86 7.29 12.89
CA LEU B 295 -52.79 7.88 14.21
C LEU B 295 -53.17 9.36 14.21
N SER B 296 -53.15 10.01 13.06
CA SER B 296 -53.56 11.42 13.01
C SER B 296 -55.02 11.58 13.43
N GLY B 297 -55.84 10.56 13.21
CA GLY B 297 -57.23 10.63 13.66
C GLY B 297 -57.35 10.74 15.17
N LEU B 298 -56.50 10.03 15.90
CA LEU B 298 -56.55 10.08 17.35
C LEU B 298 -56.28 11.49 17.87
N SER B 299 -55.25 12.14 17.32
CA SER B 299 -54.95 13.54 17.63
C SER B 299 -54.80 13.76 19.14
N SER B 300 -54.15 12.83 19.82
CA SER B 300 -53.87 12.93 21.24
C SER B 300 -52.41 13.30 21.48
N LYS B 301 -52.14 13.75 22.70
CA LYS B 301 -50.76 14.09 23.07
C LYS B 301 -49.85 12.89 22.99
N ALA B 302 -50.30 11.75 23.55
CA ALA B 302 -49.56 10.51 23.36
C ALA B 302 -49.48 10.13 21.89
N ALA B 303 -50.54 10.42 21.13
CA ALA B 303 -50.48 10.23 19.69
C ALA B 303 -49.42 11.12 19.07
N LYS B 304 -49.27 12.34 19.58
CA LYS B 304 -48.20 13.22 19.08
C LYS B 304 -46.82 12.64 19.38
N ASP B 305 -46.64 12.08 20.57
CA ASP B 305 -45.37 11.44 20.90
C ASP B 305 -45.09 10.26 19.98
N VAL B 306 -46.12 9.45 19.70
CA VAL B 306 -45.94 8.33 18.78
C VAL B 306 -45.68 8.83 17.37
N LEU B 307 -46.25 9.97 16.99
CA LEU B 307 -45.93 10.57 15.69
C LEU B 307 -44.47 10.99 15.64
N GLY B 308 -43.94 11.55 16.73
CA GLY B 308 -42.52 11.84 16.77
C GLY B 308 -41.68 10.58 16.64
N PHE B 309 -42.10 9.51 17.31
CA PHE B 309 -41.40 8.23 17.18
C PHE B 309 -41.44 7.74 15.73
N LEU B 310 -42.58 7.88 15.07
CA LEU B 310 -42.69 7.48 13.67
C LEU B 310 -41.79 8.34 12.78
N ARG B 311 -41.68 9.63 13.08
CA ARG B 311 -40.75 10.48 12.35
C ARG B 311 -39.32 9.98 12.52
N VAL B 312 -38.98 9.59 13.75
CA VAL B 312 -37.64 9.04 14.01
C VAL B 312 -37.43 7.78 13.16
N VAL B 313 -38.44 6.90 13.14
CA VAL B 313 -38.34 5.66 12.37
C VAL B 313 -38.29 5.91 10.87
N ARG B 314 -38.82 7.05 10.41
CA ARG B 314 -38.87 7.35 8.98
C ARG B 314 -37.51 7.30 8.31
N PHE B 315 -36.42 7.20 9.07
CA PHE B 315 -35.08 7.18 8.50
C PHE B 315 -34.82 5.96 7.62
N VAL B 316 -35.67 4.94 7.69
CA VAL B 316 -35.43 3.68 6.99
C VAL B 316 -35.61 3.84 5.49
N ARG B 317 -36.00 5.04 5.04
CA ARG B 317 -36.12 5.27 3.60
C ARG B 317 -34.77 5.20 2.91
N ILE B 318 -33.69 5.63 3.58
CA ILE B 318 -32.37 5.60 2.97
C ILE B 318 -31.88 4.18 2.74
N LEU B 319 -32.50 3.20 3.37
CA LEU B 319 -32.08 1.80 3.23
C LEU B 319 -32.66 1.13 1.99
N ARG B 320 -33.49 1.83 1.22
CA ARG B 320 -34.04 1.29 -0.01
C ARG B 320 -33.09 1.42 -1.19
N ILE B 321 -31.94 2.06 -1.00
CA ILE B 321 -30.92 2.11 -2.05
C ILE B 321 -30.03 0.87 -2.05
N PHE B 322 -30.01 0.13 -0.95
CA PHE B 322 -29.32 -1.16 -0.95
C PHE B 322 -29.95 -2.12 -1.94
N LYS B 323 -31.27 -2.03 -2.12
CA LYS B 323 -31.92 -2.83 -3.15
C LYS B 323 -31.41 -2.46 -4.54
N LEU B 324 -31.24 -1.16 -4.80
CA LEU B 324 -30.72 -0.73 -6.10
C LEU B 324 -29.29 -1.20 -6.29
N THR B 325 -28.47 -1.14 -5.25
CA THR B 325 -27.07 -1.50 -5.34
C THR B 325 -26.81 -2.98 -5.09
N ARG B 326 -27.86 -3.79 -4.90
CA ARG B 326 -27.69 -5.21 -4.64
C ARG B 326 -27.17 -5.98 -5.84
N HIS B 327 -27.35 -5.44 -7.04
CA HIS B 327 -26.89 -6.09 -8.26
C HIS B 327 -25.45 -5.73 -8.61
N PHE B 328 -24.77 -4.97 -7.76
CA PHE B 328 -23.43 -4.48 -8.07
C PHE B 328 -22.37 -5.47 -7.59
N VAL B 329 -21.50 -5.87 -8.51
CA VAL B 329 -20.48 -6.87 -8.20
C VAL B 329 -19.51 -6.34 -7.16
N GLY B 330 -19.18 -5.05 -7.25
CA GLY B 330 -18.33 -4.46 -6.22
C GLY B 330 -18.95 -4.54 -4.84
N LEU B 331 -20.25 -4.28 -4.74
CA LEU B 331 -20.94 -4.38 -3.46
C LEU B 331 -20.94 -5.82 -2.95
N ARG B 332 -21.19 -6.79 -3.84
CA ARG B 332 -21.18 -8.18 -3.41
C ARG B 332 -19.79 -8.61 -2.95
N VAL B 333 -18.76 -8.18 -3.67
CA VAL B 333 -17.39 -8.50 -3.28
C VAL B 333 -17.06 -7.87 -1.95
N LEU B 334 -17.51 -6.63 -1.73
CA LEU B 334 -17.30 -5.98 -0.44
C LEU B 334 -17.97 -6.77 0.67
N GLY B 335 -19.20 -7.23 0.44
CA GLY B 335 -19.88 -8.03 1.45
C GLY B 335 -19.13 -9.31 1.77
N HIS B 336 -18.66 -10.00 0.72
CA HIS B 336 -17.89 -11.21 0.95
C HIS B 336 -16.61 -10.93 1.72
N THR B 337 -15.94 -9.81 1.39
CA THR B 337 -14.73 -9.43 2.11
C THR B 337 -15.02 -9.14 3.58
N LEU B 338 -16.13 -8.45 3.86
CA LEU B 338 -16.49 -8.19 5.25
C LEU B 338 -16.77 -9.49 5.99
N ARG B 339 -17.45 -10.44 5.35
CA ARG B 339 -17.68 -11.73 5.98
C ARG B 339 -16.36 -12.46 6.24
N ALA B 340 -15.42 -12.37 5.31
CA ALA B 340 -14.17 -13.12 5.42
C ALA B 340 -13.21 -12.52 6.44
N SER B 341 -13.14 -11.20 6.53
CA SER B 341 -12.15 -10.50 7.33
C SER B 341 -12.70 -10.07 8.69
N THR B 342 -13.56 -10.89 9.28
CA THR B 342 -14.08 -10.59 10.61
C THR B 342 -12.95 -10.53 11.64
N ASN B 343 -11.99 -11.45 11.55
CA ASN B 343 -10.87 -11.44 12.49
C ASN B 343 -10.06 -10.17 12.36
N GLU B 344 -9.79 -9.73 11.12
CA GLU B 344 -9.04 -8.50 10.92
C GLU B 344 -9.82 -7.28 11.41
N PHE B 345 -11.13 -7.26 11.20
CA PHE B 345 -11.92 -6.15 11.71
C PHE B 345 -11.91 -6.10 13.23
N LEU B 346 -12.02 -7.26 13.87
CA LEU B 346 -11.94 -7.30 15.33
C LEU B 346 -10.56 -6.86 15.82
N LEU B 347 -9.51 -7.26 15.10
CA LEU B 347 -8.17 -6.81 15.44
C LEU B 347 -8.05 -5.30 15.34
N LEU B 348 -8.59 -4.72 14.27
CA LEU B 348 -8.57 -3.27 14.12
C LEU B 348 -9.31 -2.59 15.25
N ILE B 349 -10.49 -3.11 15.61
CA ILE B 349 -11.28 -2.51 16.68
C ILE B 349 -10.52 -2.56 18.00
N ILE B 350 -9.92 -3.72 18.31
CA ILE B 350 -9.22 -3.87 19.58
C ILE B 350 -8.00 -2.98 19.64
N PHE B 351 -7.23 -2.93 18.55
CA PHE B 351 -6.08 -2.03 18.50
C PHE B 351 -6.51 -0.58 18.71
N LEU B 352 -7.56 -0.16 18.01
CA LEU B 352 -8.02 1.22 18.13
C LEU B 352 -8.46 1.52 19.56
N ALA B 353 -9.19 0.60 20.18
CA ALA B 353 -9.64 0.84 21.55
C ALA B 353 -8.46 0.94 22.51
N LEU B 354 -7.48 0.04 22.39
CA LEU B 354 -6.31 0.10 23.25
C LEU B 354 -5.59 1.43 23.09
N GLY B 355 -5.30 1.82 21.85
CA GLY B 355 -4.60 3.06 21.62
C GLY B 355 -5.39 4.26 22.10
N VAL B 356 -6.69 4.26 21.87
CA VAL B 356 -7.53 5.39 22.28
C VAL B 356 -7.48 5.55 23.80
N LEU B 357 -7.69 4.46 24.54
CA LEU B 357 -7.66 4.54 25.99
C LEU B 357 -6.28 5.01 26.48
N ILE B 358 -5.22 4.39 25.97
CA ILE B 358 -3.89 4.69 26.45
C ILE B 358 -3.57 6.16 26.19
N PHE B 359 -3.83 6.65 24.98
CA PHE B 359 -3.44 8.00 24.63
C PHE B 359 -4.34 9.04 25.27
N ALA B 360 -5.61 8.74 25.49
CA ALA B 360 -6.45 9.64 26.26
C ALA B 360 -5.91 9.82 27.67
N THR B 361 -5.56 8.72 28.33
CA THR B 361 -4.96 8.83 29.66
C THR B 361 -3.65 9.60 29.61
N MET B 362 -2.80 9.29 28.63
CA MET B 362 -1.50 9.94 28.53
C MET B 362 -1.63 11.44 28.33
N ILE B 363 -2.54 11.87 27.45
CA ILE B 363 -2.71 13.30 27.19
C ILE B 363 -3.33 13.99 28.40
N TYR B 364 -4.30 13.33 29.05
CA TYR B 364 -4.86 13.88 30.28
C TYR B 364 -3.77 14.16 31.30
N TYR B 365 -2.84 13.21 31.46
CA TYR B 365 -1.78 13.40 32.45
C TYR B 365 -0.71 14.38 31.98
N ALA B 366 -0.43 14.42 30.68
CA ALA B 366 0.59 15.32 30.17
C ALA B 366 0.14 16.77 30.18
N GLU B 367 -1.16 17.02 30.14
CA GLU B 367 -1.67 18.39 30.18
C GLU B 367 -1.80 18.91 31.61
N ARG B 368 -1.47 18.10 32.63
CA ARG B 368 -1.58 18.50 34.02
C ARG B 368 -0.24 18.36 34.75
N ILE B 369 0.86 18.41 34.02
CA ILE B 369 2.18 18.27 34.62
C ILE B 369 2.50 19.56 35.37
N GLY B 370 2.90 19.42 36.64
CA GLY B 370 3.18 20.57 37.47
C GLY B 370 1.97 21.25 38.06
N ALA B 371 0.78 20.71 37.85
CA ALA B 371 -0.43 21.33 38.34
C ALA B 371 -0.67 20.99 39.81
N GLN B 372 -1.59 21.72 40.43
CA GLN B 372 -1.90 21.49 41.83
C GLN B 372 -2.66 20.17 42.00
N PRO B 373 -2.58 19.56 43.18
CA PRO B 373 -3.28 18.29 43.38
C PRO B 373 -4.78 18.36 43.13
N ASN B 374 -5.43 19.47 43.52
CA ASN B 374 -6.88 19.57 43.43
C ASN B 374 -7.36 20.93 42.94
N ASP B 375 -6.47 21.80 42.47
CA ASP B 375 -6.89 23.13 42.05
C ASP B 375 -7.83 23.02 40.85
N PRO B 376 -9.03 23.58 40.92
CA PRO B 376 -9.95 23.50 39.77
C PRO B 376 -9.45 24.24 38.53
N SER B 377 -8.51 25.16 38.67
CA SER B 377 -8.02 25.94 37.54
C SER B 377 -7.02 25.18 36.67
N ALA B 378 -6.63 23.98 37.09
CA ALA B 378 -5.70 23.19 36.28
C ALA B 378 -6.32 22.81 34.94
N SER B 379 -7.62 22.53 34.92
CA SER B 379 -8.32 22.12 33.70
C SER B 379 -8.90 23.29 32.92
N GLU B 380 -8.69 24.52 33.38
CA GLU B 380 -9.23 25.69 32.69
C GLU B 380 -8.41 26.10 31.48
N HIS B 381 -7.22 25.54 31.31
CA HIS B 381 -6.33 25.91 30.21
C HIS B 381 -6.11 24.79 29.21
N THR B 382 -6.77 23.65 29.34
CA THR B 382 -6.58 22.50 28.47
C THR B 382 -7.94 22.02 27.96
N HIS B 383 -7.96 21.59 26.69
CA HIS B 383 -9.17 21.00 26.13
C HIS B 383 -9.49 19.66 26.78
N PHE B 384 -8.51 19.04 27.44
CA PHE B 384 -8.66 17.69 27.99
C PHE B 384 -9.10 17.80 29.45
N LYS B 385 -10.39 18.08 29.62
CA LYS B 385 -10.97 18.13 30.96
C LYS B 385 -11.00 16.75 31.60
N ASN B 386 -11.23 15.71 30.80
CA ASN B 386 -11.39 14.36 31.32
C ASN B 386 -10.79 13.38 30.31
N ILE B 387 -10.83 12.10 30.65
CA ILE B 387 -10.30 11.02 29.82
C ILE B 387 -11.32 10.64 28.74
N PRO B 388 -12.61 10.61 29.05
CA PRO B 388 -13.59 10.31 27.99
C PRO B 388 -13.53 11.24 26.79
N ILE B 389 -13.29 12.54 26.99
CA ILE B 389 -13.12 13.46 25.87
C ILE B 389 -11.77 13.23 25.18
N GLY B 390 -10.76 12.85 25.96
CA GLY B 390 -9.52 12.42 25.36
C GLY B 390 -9.69 11.23 24.45
N PHE B 391 -10.71 10.41 24.69
CA PHE B 391 -11.01 9.32 23.76
C PHE B 391 -11.31 9.87 22.37
N TRP B 392 -12.18 10.87 22.29
CA TRP B 392 -12.51 11.49 21.02
C TRP B 392 -11.29 12.13 20.39
N TRP B 393 -10.52 12.87 21.18
CA TRP B 393 -9.31 13.47 20.63
C TRP B 393 -8.36 12.40 20.08
N ALA B 394 -8.23 11.29 20.80
CA ALA B 394 -7.29 10.25 20.41
C ALA B 394 -7.74 9.56 19.13
N VAL B 395 -9.03 9.28 18.99
CA VAL B 395 -9.49 8.65 17.76
C VAL B 395 -9.30 9.61 16.58
N VAL B 396 -9.61 10.89 16.78
CA VAL B 396 -9.46 11.87 15.71
C VAL B 396 -7.99 11.99 15.30
N THR B 397 -7.08 11.98 16.27
CA THR B 397 -5.66 12.10 15.97
C THR B 397 -5.09 10.81 15.38
N MET B 398 -5.60 9.65 15.79
CA MET B 398 -5.12 8.38 15.28
C MET B 398 -5.53 8.15 13.83
N THR B 399 -6.74 8.55 13.46
CA THR B 399 -7.18 8.42 12.08
C THR B 399 -6.60 9.50 11.18
N THR B 400 -5.69 10.33 11.68
CA THR B 400 -5.14 11.46 10.93
C THR B 400 -6.23 12.42 10.48
N LEU B 401 -7.38 12.37 11.14
CA LEU B 401 -8.49 13.25 10.78
C LEU B 401 -8.21 14.69 11.17
N GLY B 402 -7.76 14.90 12.41
CA GLY B 402 -7.36 16.23 12.86
C GLY B 402 -8.40 17.31 12.66
N TYR B 403 -9.54 17.20 13.33
CA TYR B 403 -10.57 18.24 13.22
C TYR B 403 -10.04 19.58 13.73
N GLY B 404 -9.33 19.57 14.86
CA GLY B 404 -8.81 20.77 15.45
C GLY B 404 -9.65 21.35 16.56
N ASP B 405 -10.79 20.73 16.89
CA ASP B 405 -11.60 21.21 18.00
C ASP B 405 -10.86 21.08 19.32
N MET B 406 -9.98 20.08 19.43
CA MET B 406 -9.13 19.92 20.61
C MET B 406 -7.75 19.50 20.15
N TYR B 407 -6.73 20.09 20.77
CA TYR B 407 -5.35 19.79 20.46
C TYR B 407 -4.50 20.11 21.68
N PRO B 408 -3.36 19.45 21.85
CA PRO B 408 -2.50 19.77 22.99
C PRO B 408 -1.99 21.20 22.92
N GLN B 409 -1.83 21.81 24.09
CA GLN B 409 -1.29 23.16 24.20
C GLN B 409 -0.03 23.22 25.07
N THR B 410 0.44 22.09 25.56
CA THR B 410 1.67 22.01 26.35
C THR B 410 2.72 21.23 25.57
N TRP B 411 3.96 21.32 26.04
CA TRP B 411 5.05 20.57 25.41
C TRP B 411 4.87 19.05 25.63
N SER B 412 4.51 18.66 26.85
CA SER B 412 4.30 17.23 27.11
C SER B 412 3.09 16.70 26.36
N GLY B 413 1.99 17.46 26.35
CA GLY B 413 0.85 17.07 25.55
C GLY B 413 1.16 17.04 24.07
N MET B 414 2.06 17.91 23.63
CA MET B 414 2.48 17.93 22.23
C MET B 414 3.23 16.65 21.87
N LEU B 415 4.17 16.25 22.72
CA LEU B 415 4.87 14.98 22.50
C LEU B 415 3.89 13.81 22.51
N VAL B 416 2.94 13.82 23.44
CA VAL B 416 1.96 12.75 23.52
C VAL B 416 1.12 12.70 22.24
N GLY B 417 0.72 13.86 21.73
CA GLY B 417 -0.05 13.89 20.50
C GLY B 417 0.73 13.39 19.31
N ALA B 418 2.02 13.73 19.24
CA ALA B 418 2.85 13.22 18.16
C ALA B 418 2.93 11.70 18.23
N LEU B 419 3.17 11.16 19.44
CA LEU B 419 3.20 9.71 19.60
C LEU B 419 1.87 9.09 19.22
N CYS B 420 0.77 9.75 19.58
CA CYS B 420 -0.55 9.28 19.19
C CYS B 420 -0.69 9.23 17.68
N ALA B 421 -0.21 10.26 16.99
CA ALA B 421 -0.32 10.29 15.53
C ALA B 421 0.41 9.12 14.89
N LEU B 422 1.70 8.94 15.25
CA LEU B 422 2.45 7.84 14.65
C LEU B 422 1.87 6.49 15.04
N ALA B 423 1.48 6.31 16.31
CA ALA B 423 0.93 5.04 16.75
C ALA B 423 -0.35 4.72 16.01
N GLY B 424 -1.22 5.72 15.81
CA GLY B 424 -2.43 5.49 15.05
C GLY B 424 -2.14 5.13 13.60
N VAL B 425 -1.20 5.83 12.97
CA VAL B 425 -0.84 5.49 11.60
C VAL B 425 -0.44 4.03 11.52
N LEU B 426 0.46 3.60 12.41
CA LEU B 426 0.96 2.22 12.35
C LEU B 426 -0.13 1.20 12.68
N THR B 427 -0.91 1.44 13.73
CA THR B 427 -1.90 0.45 14.13
C THR B 427 -3.06 0.36 13.15
N ILE B 428 -3.35 1.42 12.41
CA ILE B 428 -4.35 1.32 11.35
C ILE B 428 -3.76 0.71 10.10
N ALA B 429 -2.48 0.95 9.82
CA ALA B 429 -1.82 0.31 8.68
C ALA B 429 -1.54 -1.17 8.91
N MET B 430 -1.69 -1.67 10.14
CA MET B 430 -1.46 -3.10 10.36
C MET B 430 -2.49 -3.96 9.65
N PRO B 431 -3.79 -3.95 10.04
CA PRO B 431 -4.73 -4.90 9.44
C PRO B 431 -5.48 -4.41 8.22
N VAL B 432 -5.47 -3.09 7.98
CA VAL B 432 -6.16 -2.55 6.80
C VAL B 432 -5.55 -3.12 5.53
N PRO B 433 -4.23 -3.23 5.38
CA PRO B 433 -3.69 -3.90 4.19
C PRO B 433 -4.14 -5.34 4.04
N VAL B 434 -4.30 -6.08 5.13
CA VAL B 434 -4.79 -7.46 5.03
C VAL B 434 -6.20 -7.46 4.46
N ILE B 435 -7.07 -6.60 4.99
CA ILE B 435 -8.44 -6.53 4.50
C ILE B 435 -8.45 -6.10 3.04
N VAL B 436 -7.61 -5.12 2.70
CA VAL B 436 -7.55 -4.61 1.32
C VAL B 436 -7.10 -5.71 0.37
N ASN B 437 -6.11 -6.51 0.78
CA ASN B 437 -5.59 -7.55 -0.10
C ASN B 437 -6.60 -8.68 -0.27
N ASN B 438 -7.36 -9.00 0.78
CA ASN B 438 -8.46 -9.94 0.63
C ASN B 438 -9.49 -9.42 -0.37
N PHE B 439 -9.84 -8.14 -0.25
CA PHE B 439 -10.75 -7.53 -1.22
C PHE B 439 -10.18 -7.62 -2.62
N GLY B 440 -8.87 -7.42 -2.76
CA GLY B 440 -8.25 -7.50 -4.07
C GLY B 440 -8.38 -8.89 -4.67
N MET B 441 -8.10 -9.92 -3.87
CA MET B 441 -8.30 -11.29 -4.36
C MET B 441 -9.73 -11.49 -4.84
N TYR B 442 -10.70 -11.13 -4.00
CA TYR B 442 -12.09 -11.43 -4.32
C TYR B 442 -12.56 -10.65 -5.55
N TYR B 443 -12.18 -9.37 -5.64
CA TYR B 443 -12.55 -8.56 -6.79
C TYR B 443 -11.91 -9.10 -8.07
N SER B 444 -10.63 -9.48 -8.01
CA SER B 444 -9.98 -10.02 -9.20
C SER B 444 -10.66 -11.31 -9.64
N LEU B 445 -11.00 -12.18 -8.69
CA LEU B 445 -11.64 -13.44 -9.05
C LEU B 445 -13.03 -13.19 -9.67
N ALA B 446 -13.79 -12.26 -9.11
CA ALA B 446 -15.10 -11.95 -9.69
C ALA B 446 -14.96 -11.38 -11.10
N MET B 447 -14.01 -10.47 -11.31
CA MET B 447 -13.81 -9.92 -12.64
C MET B 447 -13.35 -11.00 -13.62
N ALA B 448 -12.52 -11.93 -13.16
CA ALA B 448 -12.11 -13.03 -14.03
C ALA B 448 -13.29 -13.92 -14.40
N LYS B 449 -14.15 -14.22 -13.43
CA LYS B 449 -15.35 -15.01 -13.73
C LYS B 449 -16.24 -14.30 -14.73
N GLN B 450 -16.35 -12.97 -14.64
CA GLN B 450 -17.10 -12.24 -15.66
C GLN B 450 -16.42 -12.34 -17.02
N LYS B 451 -15.12 -12.06 -17.08
CA LYS B 451 -14.39 -12.09 -18.34
C LYS B 451 -14.36 -13.47 -18.96
N LEU B 452 -14.67 -14.52 -18.18
CA LEU B 452 -14.68 -15.90 -18.66
C LEU B 452 -16.13 -16.37 -18.70
N PRO B 453 -16.88 -16.02 -19.75
CA PRO B 453 -18.28 -16.44 -19.82
C PRO B 453 -18.42 -17.94 -19.99
N LYS B 454 -19.56 -18.45 -19.56
CA LYS B 454 -19.83 -19.89 -19.67
C LYS B 454 -19.83 -20.30 -21.14
N LYS B 455 -19.18 -21.43 -21.41
CA LYS B 455 -19.05 -21.93 -22.78
C LYS B 455 -19.01 -23.46 -22.74
N LYS B 456 -18.83 -24.06 -23.91
CA LYS B 456 -18.70 -25.50 -24.00
C LYS B 456 -17.41 -25.96 -23.33
N LYS B 457 -17.47 -27.12 -22.67
CA LYS B 457 -16.29 -27.64 -21.99
C LYS B 457 -15.15 -27.90 -22.97
N LYS B 458 -15.46 -28.38 -24.18
CA LYS B 458 -14.47 -28.61 -25.22
C LYS B 458 -13.62 -29.83 -24.93
N HIS B 459 -13.79 -30.45 -23.76
CA HIS B 459 -13.03 -31.62 -23.36
C HIS B 459 -13.98 -32.75 -23.01
N ILE B 460 -13.66 -33.94 -23.47
CA ILE B 460 -14.49 -35.13 -23.28
C ILE B 460 -13.77 -36.06 -22.32
N PRO B 461 -14.28 -36.25 -21.10
CA PRO B 461 -13.65 -37.22 -20.19
C PRO B 461 -13.79 -38.64 -20.72
N ARG B 462 -12.87 -39.50 -20.30
CA ARG B 462 -12.84 -40.87 -20.80
C ARG B 462 -14.14 -41.59 -20.39
N PRO B 463 -14.69 -42.44 -21.26
CA PRO B 463 -15.91 -43.21 -20.94
C PRO B 463 -15.87 -43.84 -19.54
N SER C 7 21.42 -35.48 -40.66
CA SER C 7 20.34 -35.06 -41.54
C SER C 7 19.46 -34.02 -40.86
N GLU C 8 20.02 -32.83 -40.65
CA GLU C 8 19.30 -31.69 -40.08
C GLU C 8 19.00 -31.93 -38.60
N ARG C 9 19.35 -33.11 -38.08
CA ARG C 9 19.06 -33.48 -36.70
C ARG C 9 20.32 -33.35 -35.87
N ILE C 10 20.26 -32.52 -34.84
CA ILE C 10 21.39 -32.28 -33.94
C ILE C 10 20.89 -32.46 -32.51
N VAL C 11 21.66 -33.18 -31.70
CA VAL C 11 21.33 -33.45 -30.31
C VAL C 11 22.36 -32.77 -29.44
N ILE C 12 21.90 -31.93 -28.51
CA ILE C 12 22.76 -31.20 -27.60
C ILE C 12 22.52 -31.72 -26.19
N ASN C 13 23.58 -32.25 -25.58
CA ASN C 13 23.51 -32.84 -24.24
C ASN C 13 24.00 -31.79 -23.24
N VAL C 14 23.05 -31.05 -22.68
CA VAL C 14 23.35 -29.97 -21.75
C VAL C 14 23.16 -30.51 -20.34
N GLY C 15 24.26 -30.80 -19.66
CA GLY C 15 24.22 -31.28 -18.29
C GLY C 15 23.46 -32.57 -18.12
N GLY C 16 23.64 -33.51 -19.05
CA GLY C 16 22.98 -34.80 -18.98
C GLY C 16 21.61 -34.85 -19.59
N THR C 17 21.06 -33.72 -20.00
CA THR C 17 19.74 -33.67 -20.63
C THR C 17 19.91 -33.44 -22.13
N ARG C 18 19.28 -34.31 -22.92
CA ARG C 18 19.44 -34.27 -24.37
C ARG C 18 18.38 -33.38 -24.98
N HIS C 19 18.82 -32.30 -25.63
CA HIS C 19 17.94 -31.39 -26.34
C HIS C 19 18.11 -31.63 -27.84
N GLN C 20 17.01 -31.93 -28.52
CA GLN C 20 17.01 -32.24 -29.95
C GLN C 20 16.32 -31.10 -30.69
N THR C 21 17.03 -30.54 -31.68
CA THR C 21 16.50 -29.47 -32.49
C THR C 21 17.06 -29.60 -33.90
N HIS C 22 16.72 -28.63 -34.75
CA HIS C 22 17.15 -28.63 -36.14
C HIS C 22 18.32 -27.68 -36.34
N ARG C 23 19.19 -28.03 -37.29
CA ARG C 23 20.33 -27.18 -37.58
C ARG C 23 19.89 -25.81 -38.11
N SER C 24 18.78 -25.77 -38.85
CA SER C 24 18.21 -24.49 -39.25
C SER C 24 17.78 -23.68 -38.04
N THR C 25 17.16 -24.33 -37.06
CA THR C 25 16.79 -23.65 -35.83
C THR C 25 18.01 -23.10 -35.13
N LEU C 26 19.11 -23.85 -35.11
CA LEU C 26 20.33 -23.36 -34.47
C LEU C 26 20.94 -22.20 -35.25
N ARG C 27 20.85 -22.23 -36.58
CA ARG C 27 21.40 -21.18 -37.42
C ARG C 27 20.51 -19.94 -37.48
N THR C 28 19.29 -20.03 -36.95
CA THR C 28 18.40 -18.87 -36.97
C THR C 28 19.01 -17.66 -36.29
N LEU C 29 19.97 -17.84 -35.38
CA LEU C 29 20.63 -16.75 -34.67
C LEU C 29 22.12 -16.81 -34.97
N PRO C 30 22.57 -16.16 -36.05
CA PRO C 30 23.99 -16.27 -36.42
C PRO C 30 24.90 -15.59 -35.40
N GLY C 31 26.14 -16.08 -35.34
CA GLY C 31 27.15 -15.49 -34.50
C GLY C 31 27.19 -15.99 -33.07
N THR C 32 26.32 -16.92 -32.71
CA THR C 32 26.25 -17.46 -31.35
C THR C 32 26.86 -18.85 -31.32
N ARG C 33 27.04 -19.36 -30.09
CA ARG C 33 27.68 -20.65 -29.91
C ARG C 33 26.87 -21.78 -30.56
N LEU C 34 25.55 -21.71 -30.44
CA LEU C 34 24.68 -22.75 -31.03
C LEU C 34 24.69 -22.63 -32.57
N ALA C 35 24.84 -21.43 -33.14
CA ALA C 35 25.01 -21.27 -34.57
C ALA C 35 26.34 -21.86 -35.03
N TRP C 36 27.40 -21.64 -34.26
CA TRP C 36 28.67 -22.27 -34.57
C TRP C 36 28.56 -23.79 -34.50
N LEU C 37 27.85 -24.30 -33.49
CA LEU C 37 27.64 -25.73 -33.37
C LEU C 37 26.94 -26.29 -34.60
N ALA C 38 26.06 -25.51 -35.20
CA ALA C 38 25.33 -25.94 -36.39
C ALA C 38 26.19 -25.93 -37.66
N GLU C 39 27.52 -25.78 -37.54
CA GLU C 39 28.39 -25.75 -38.70
C GLU C 39 28.97 -27.14 -38.96
N PRO C 40 29.34 -27.45 -40.21
CA PRO C 40 29.89 -28.79 -40.50
C PRO C 40 31.16 -29.10 -39.72
N ASP C 41 31.82 -28.09 -39.15
CA ASP C 41 33.07 -28.30 -38.43
C ASP C 41 32.89 -28.32 -36.92
N ALA C 42 31.65 -28.29 -36.42
CA ALA C 42 31.43 -28.33 -34.98
C ALA C 42 31.94 -29.64 -34.39
N HIS C 43 31.93 -30.72 -35.17
CA HIS C 43 32.41 -32.01 -34.66
C HIS C 43 33.86 -31.93 -34.20
N SER C 44 34.64 -31.01 -34.76
CA SER C 44 36.02 -30.80 -34.32
C SER C 44 36.21 -29.51 -33.52
N HIS C 45 35.27 -28.57 -33.63
CA HIS C 45 35.37 -27.30 -32.90
C HIS C 45 34.67 -27.34 -31.54
N PHE C 46 34.01 -28.44 -31.18
CA PHE C 46 33.27 -28.54 -29.94
C PHE C 46 33.49 -29.91 -29.33
N ASP C 47 32.89 -30.13 -28.16
CA ASP C 47 32.95 -31.42 -27.47
C ASP C 47 31.88 -32.32 -28.08
N TYR C 48 32.31 -33.28 -28.90
CA TYR C 48 31.41 -34.12 -29.66
C TYR C 48 31.63 -35.59 -29.32
N ASP C 49 30.54 -36.35 -29.35
CA ASP C 49 30.56 -37.79 -29.06
C ASP C 49 30.17 -38.57 -30.31
N PRO C 50 31.12 -39.20 -31.01
CA PRO C 50 30.73 -39.91 -32.24
C PRO C 50 29.77 -41.06 -31.99
N ARG C 51 30.03 -41.89 -30.97
CA ARG C 51 29.15 -43.03 -30.71
C ARG C 51 27.74 -42.56 -30.39
N ALA C 52 27.60 -41.60 -29.48
CA ALA C 52 26.29 -41.09 -29.11
C ALA C 52 25.76 -40.05 -30.09
N ASP C 53 26.63 -39.48 -30.93
CA ASP C 53 26.22 -38.49 -31.93
C ASP C 53 25.50 -37.31 -31.28
N GLU C 54 26.18 -36.71 -30.30
CA GLU C 54 25.62 -35.56 -29.59
C GLU C 54 26.77 -34.74 -29.01
N PHE C 55 26.50 -33.45 -28.82
CA PHE C 55 27.45 -32.53 -28.20
C PHE C 55 27.12 -32.38 -26.73
N PHE C 56 28.15 -32.21 -25.91
CA PHE C 56 28.00 -32.12 -24.46
C PHE C 56 28.30 -30.69 -24.00
N PHE C 57 27.49 -30.22 -23.04
CA PHE C 57 27.68 -28.92 -22.43
C PHE C 57 27.40 -29.03 -20.94
N ASP C 58 28.33 -28.53 -20.12
CA ASP C 58 28.21 -28.62 -18.67
C ASP C 58 27.50 -27.36 -18.14
N ARG C 59 26.24 -27.23 -18.54
CA ARG C 59 25.44 -26.06 -18.18
C ARG C 59 24.08 -26.48 -17.62
N HIS C 60 23.21 -25.48 -17.38
CA HIS C 60 21.89 -25.76 -16.77
C HIS C 60 20.85 -26.01 -17.87
N PRO C 61 20.36 -27.26 -18.04
CA PRO C 61 19.40 -27.57 -19.10
C PRO C 61 18.09 -26.80 -18.92
N GLY C 62 17.60 -26.65 -17.68
CA GLY C 62 16.31 -25.99 -17.52
C GLY C 62 16.26 -24.64 -18.20
N VAL C 63 17.32 -23.86 -18.07
CA VAL C 63 17.37 -22.54 -18.71
C VAL C 63 17.89 -22.64 -20.15
N PHE C 64 18.69 -23.66 -20.47
CA PHE C 64 19.00 -23.91 -21.87
C PHE C 64 17.73 -24.16 -22.67
N ALA C 65 16.71 -24.75 -22.04
CA ALA C 65 15.44 -24.94 -22.73
C ALA C 65 14.84 -23.61 -23.16
N HIS C 66 14.87 -22.61 -22.28
CA HIS C 66 14.32 -21.31 -22.63
C HIS C 66 15.19 -20.59 -23.66
N ILE C 67 16.52 -20.75 -23.58
CA ILE C 67 17.38 -20.16 -24.60
C ILE C 67 17.09 -20.78 -25.97
N LEU C 68 16.96 -22.11 -26.02
CA LEU C 68 16.58 -22.76 -27.27
C LEU C 68 15.17 -22.38 -27.70
N ASN C 69 14.29 -22.05 -26.76
CA ASN C 69 12.97 -21.53 -27.13
C ASN C 69 13.10 -20.18 -27.82
N TYR C 70 14.00 -19.33 -27.34
CA TYR C 70 14.33 -18.11 -28.08
C TYR C 70 14.77 -18.47 -29.49
N TYR C 71 15.73 -19.39 -29.61
CA TYR C 71 16.18 -19.83 -30.93
C TYR C 71 15.01 -20.28 -31.80
N ARG C 72 14.04 -20.96 -31.20
CA ARG C 72 12.99 -21.62 -31.96
C ARG C 72 11.91 -20.64 -32.42
N THR C 73 11.44 -19.78 -31.51
CA THR C 73 10.32 -18.89 -31.81
C THR C 73 10.77 -17.54 -32.35
N GLY C 74 11.85 -16.99 -31.82
CA GLY C 74 12.30 -15.65 -32.20
C GLY C 74 12.19 -14.62 -31.10
N LYS C 75 11.64 -14.97 -29.93
CA LYS C 75 11.51 -14.05 -28.82
C LYS C 75 12.26 -14.61 -27.62
N LEU C 76 13.09 -13.75 -27.00
CA LEU C 76 13.84 -14.13 -25.81
C LEU C 76 13.04 -13.72 -24.58
N HIS C 77 12.57 -14.69 -23.82
CA HIS C 77 11.92 -14.48 -22.55
C HIS C 77 12.85 -14.91 -21.43
N CYS C 78 12.39 -14.76 -20.19
CA CYS C 78 13.18 -15.13 -19.04
C CYS C 78 12.36 -15.99 -18.09
N PRO C 79 12.86 -17.17 -17.71
CA PRO C 79 12.09 -18.03 -16.80
C PRO C 79 11.93 -17.39 -15.44
N ALA C 80 10.80 -17.70 -14.80
CA ALA C 80 10.50 -17.20 -13.46
C ALA C 80 10.95 -18.16 -12.36
N ASP C 81 11.53 -19.30 -12.71
CA ASP C 81 12.03 -20.26 -11.73
C ASP C 81 13.49 -20.04 -11.37
N VAL C 82 14.18 -19.10 -12.03
CA VAL C 82 15.56 -18.77 -11.72
C VAL C 82 15.69 -17.25 -11.69
N CYS C 83 16.80 -16.80 -11.10
CA CYS C 83 17.01 -15.38 -10.91
C CYS C 83 17.68 -14.74 -12.13
N GLY C 84 17.57 -13.42 -12.18
CA GLY C 84 18.11 -12.63 -13.25
C GLY C 84 19.60 -12.81 -13.43
N PRO C 85 20.36 -12.78 -12.33
CA PRO C 85 21.81 -13.02 -12.45
C PRO C 85 22.15 -14.37 -13.03
N LEU C 86 21.40 -15.42 -12.65
CA LEU C 86 21.65 -16.75 -13.20
C LEU C 86 21.36 -16.78 -14.70
N TYR C 87 20.20 -16.28 -15.09
CA TYR C 87 19.88 -16.23 -16.51
C TYR C 87 20.89 -15.37 -17.28
N GLU C 88 21.42 -14.33 -16.63
CA GLU C 88 22.42 -13.48 -17.26
C GLU C 88 23.72 -14.23 -17.50
N GLU C 89 24.18 -14.99 -16.50
CA GLU C 89 25.38 -15.80 -16.71
C GLU C 89 25.16 -16.79 -17.85
N GLU C 90 24.00 -17.45 -17.89
CA GLU C 90 23.76 -18.43 -18.94
C GLU C 90 23.70 -17.78 -20.32
N LEU C 91 23.03 -16.64 -20.43
CA LEU C 91 23.00 -15.91 -21.69
C LEU C 91 24.39 -15.49 -22.13
N ALA C 92 25.21 -15.02 -21.18
CA ALA C 92 26.57 -14.63 -21.52
C ALA C 92 27.37 -15.82 -22.04
N PHE C 93 27.24 -16.97 -21.40
CA PHE C 93 27.94 -18.16 -21.89
C PHE C 93 27.47 -18.53 -23.29
N TRP C 94 26.16 -18.50 -23.53
CA TRP C 94 25.62 -18.91 -24.82
C TRP C 94 25.72 -17.83 -25.89
N GLY C 95 26.23 -16.65 -25.55
CA GLY C 95 26.40 -15.58 -26.52
C GLY C 95 25.14 -14.82 -26.87
N ILE C 96 24.09 -14.96 -26.06
CA ILE C 96 22.83 -14.27 -26.33
C ILE C 96 22.91 -12.85 -25.80
N ASP C 97 22.46 -11.90 -26.61
CA ASP C 97 22.41 -10.50 -26.19
C ASP C 97 21.29 -10.31 -25.19
N GLU C 98 21.63 -9.81 -24.00
CA GLU C 98 20.64 -9.65 -22.94
C GLU C 98 19.64 -8.53 -23.22
N THR C 99 19.85 -7.72 -24.26
CA THR C 99 18.91 -6.70 -24.65
C THR C 99 17.80 -7.24 -25.55
N ASP C 100 17.81 -8.53 -25.85
CA ASP C 100 16.76 -9.17 -26.60
C ASP C 100 15.58 -9.59 -25.71
N VAL C 101 15.70 -9.40 -24.41
CA VAL C 101 14.64 -9.81 -23.50
C VAL C 101 13.39 -9.00 -23.78
N GLU C 102 12.24 -9.68 -23.84
CA GLU C 102 11.00 -9.02 -24.17
C GLU C 102 10.55 -8.12 -23.02
N PRO C 103 9.71 -7.12 -23.31
CA PRO C 103 9.24 -6.23 -22.24
C PRO C 103 8.45 -6.95 -21.16
N CYS C 104 7.85 -8.10 -21.47
CA CYS C 104 7.08 -8.85 -20.49
C CYS C 104 7.96 -9.44 -19.39
N CYS C 105 9.28 -9.48 -19.58
CA CYS C 105 10.19 -10.04 -18.60
C CYS C 105 11.38 -9.16 -18.30
N TRP C 106 11.57 -8.05 -19.02
CA TRP C 106 12.77 -7.25 -18.86
C TRP C 106 12.89 -6.67 -17.45
N MET C 107 11.80 -6.13 -16.90
CA MET C 107 11.89 -5.48 -15.60
C MET C 107 12.23 -6.48 -14.51
N THR C 108 11.57 -7.63 -14.51
CA THR C 108 11.88 -8.65 -13.52
C THR C 108 13.31 -9.17 -13.70
N TYR C 109 13.76 -9.31 -14.96
CA TYR C 109 15.10 -9.78 -15.21
C TYR C 109 16.15 -8.81 -14.70
N ARG C 110 15.89 -7.51 -14.81
CA ARG C 110 16.87 -6.50 -14.46
C ARG C 110 16.80 -6.03 -13.01
N GLN C 111 15.68 -6.28 -12.32
CA GLN C 111 15.47 -5.73 -10.98
C GLN C 111 16.72 -5.72 -10.11
N HIS C 112 17.39 -6.87 -9.96
CA HIS C 112 18.52 -6.95 -9.05
C HIS C 112 19.70 -6.11 -9.53
N ARG C 113 20.02 -6.17 -10.82
CA ARG C 113 21.13 -5.38 -11.34
C ARG C 113 20.85 -3.89 -11.22
N ASP C 114 19.60 -3.49 -11.49
CA ASP C 114 19.23 -2.09 -11.33
C ASP C 114 19.37 -1.65 -9.87
N ALA C 115 18.93 -2.49 -8.93
CA ALA C 115 19.07 -2.14 -7.52
C ALA C 115 20.54 -2.02 -7.13
N GLU C 116 21.38 -2.94 -7.60
CA GLU C 116 22.80 -2.88 -7.29
C GLU C 116 23.44 -1.63 -7.89
N GLU C 117 23.05 -1.27 -9.11
CA GLU C 117 23.57 -0.04 -9.71
C GLU C 117 23.14 1.18 -8.91
N ALA C 118 21.88 1.21 -8.46
CA ALA C 118 21.41 2.33 -7.66
C ALA C 118 22.18 2.43 -6.35
N LEU C 119 22.43 1.30 -5.70
CA LEU C 119 23.14 1.30 -4.43
C LEU C 119 24.65 1.48 -4.58
N ASP C 120 25.17 1.35 -5.80
CA ASP C 120 26.60 1.52 -6.04
C ASP C 120 26.85 2.31 -7.32
N ARG C 170 53.81 12.45 7.91
CA ARG C 170 54.15 11.82 9.17
C ARG C 170 53.39 10.51 9.35
N ARG C 171 53.92 9.64 10.23
CA ARG C 171 53.26 8.36 10.48
C ARG C 171 51.95 8.54 11.22
N TRP C 172 51.79 9.61 11.98
CA TRP C 172 50.55 9.88 12.71
C TRP C 172 49.52 10.65 11.87
N GLN C 173 49.90 11.10 10.68
CA GLN C 173 48.94 11.78 9.82
C GLN C 173 47.77 10.87 9.43
N PRO C 174 47.98 9.62 8.99
CA PRO C 174 46.82 8.75 8.76
C PRO C 174 46.00 8.52 10.01
N ARG C 175 46.64 8.42 11.18
CA ARG C 175 45.89 8.25 12.42
C ARG C 175 44.99 9.45 12.69
N ILE C 176 45.50 10.67 12.47
CA ILE C 176 44.69 11.86 12.68
C ILE C 176 43.57 11.92 11.65
N TRP C 177 43.84 11.49 10.41
CA TRP C 177 42.80 11.46 9.39
C TRP C 177 41.78 10.35 9.64
N ALA C 178 42.10 9.39 10.52
CA ALA C 178 41.16 8.35 10.88
C ALA C 178 40.11 8.83 11.88
N LEU C 179 40.06 10.12 12.18
CA LEU C 179 39.12 10.63 13.18
C LEU C 179 37.68 10.44 12.75
N PHE C 180 37.40 10.49 11.44
CA PHE C 180 36.05 10.32 10.94
C PHE C 180 35.78 8.91 10.43
N GLU C 181 36.82 8.18 10.03
CA GLU C 181 36.66 6.83 9.47
C GLU C 181 36.53 5.84 10.63
N ASP C 182 35.35 5.24 10.76
CA ASP C 182 35.07 4.30 11.83
C ASP C 182 35.53 4.86 13.17
N PRO C 183 34.92 5.94 13.65
CA PRO C 183 35.36 6.52 14.92
C PRO C 183 35.29 5.54 16.08
N TYR C 184 34.30 4.65 16.09
CA TYR C 184 34.20 3.66 17.15
C TYR C 184 35.33 2.64 17.11
N SER C 185 36.07 2.56 16.00
CA SER C 185 37.15 1.58 15.88
C SER C 185 38.20 1.82 16.97
N SER C 186 38.61 3.07 17.14
CA SER C 186 39.56 3.45 18.19
C SER C 186 38.82 4.10 19.35
N ARG C 187 39.30 3.86 20.56
CA ARG C 187 38.64 4.42 21.75
C ARG C 187 38.70 5.95 21.72
N TYR C 188 39.86 6.50 21.37
CA TYR C 188 39.99 7.96 21.30
C TYR C 188 39.05 8.55 20.26
N ALA C 189 38.96 7.91 19.10
CA ALA C 189 38.07 8.40 18.05
C ALA C 189 36.61 8.26 18.45
N ARG C 190 36.26 7.20 19.19
CA ARG C 190 34.89 7.06 19.69
C ARG C 190 34.56 8.17 20.67
N TYR C 191 35.49 8.49 21.58
CA TYR C 191 35.29 9.61 22.49
C TYR C 191 35.15 10.92 21.73
N VAL C 192 35.94 11.09 20.68
CA VAL C 192 35.85 12.30 19.85
C VAL C 192 34.49 12.38 19.20
N ALA C 193 33.99 11.25 18.70
CA ALA C 193 32.66 11.23 18.08
C ALA C 193 31.58 11.58 19.09
N PHE C 194 31.70 11.05 20.32
CA PHE C 194 30.75 11.39 21.36
C PHE C 194 30.77 12.89 21.66
N ALA C 195 31.97 13.47 21.75
CA ALA C 195 32.08 14.90 21.97
C ALA C 195 31.49 15.70 20.82
N SER C 196 31.70 15.24 19.58
CA SER C 196 31.14 15.92 18.43
C SER C 196 29.62 15.88 18.46
N LEU C 197 29.04 14.73 18.83
CA LEU C 197 27.60 14.63 18.97
C LEU C 197 27.10 15.61 20.03
N PHE C 198 27.79 15.66 21.18
CA PHE C 198 27.41 16.60 22.23
C PHE C 198 27.43 18.03 21.72
N PHE C 199 28.50 18.43 21.05
CA PHE C 199 28.68 19.81 20.65
C PHE C 199 27.87 20.18 19.40
N ILE C 200 27.34 19.20 18.68
CA ILE C 200 26.38 19.49 17.62
C ILE C 200 24.98 19.63 18.18
N LEU C 201 24.59 18.71 19.08
CA LEU C 201 23.27 18.82 19.70
C LEU C 201 23.15 20.10 20.51
N VAL C 202 24.20 20.47 21.23
CA VAL C 202 24.14 21.68 22.05
C VAL C 202 24.06 22.92 21.15
N SER C 203 24.80 22.91 20.03
CA SER C 203 24.71 24.04 19.10
C SER C 203 23.31 24.16 18.52
N ILE C 204 22.70 23.04 18.14
CA ILE C 204 21.35 23.08 17.59
C ILE C 204 20.37 23.58 18.66
N THR C 205 20.54 23.12 19.91
CA THR C 205 19.66 23.58 20.99
C THR C 205 19.80 25.08 21.21
N THR C 206 21.04 25.59 21.20
CA THR C 206 21.24 27.02 21.36
C THR C 206 20.62 27.81 20.22
N PHE C 207 20.78 27.31 18.99
CA PHE C 207 20.17 27.98 17.84
C PHE C 207 18.65 28.00 17.96
N CYS C 208 18.06 26.90 18.41
CA CYS C 208 16.60 26.86 18.58
C CYS C 208 16.15 27.76 19.70
N LEU C 209 16.95 27.88 20.77
CA LEU C 209 16.55 28.66 21.93
C LEU C 209 16.72 30.16 21.69
N GLU C 210 17.66 30.55 20.83
CA GLU C 210 17.88 31.97 20.58
C GLU C 210 16.65 32.65 19.99
N THR C 211 15.75 31.89 19.36
CA THR C 211 14.54 32.44 18.76
C THR C 211 13.37 32.45 19.73
N HIS C 212 13.53 31.93 20.94
CA HIS C 212 12.46 31.90 21.92
C HIS C 212 12.38 33.24 22.64
N GLU C 213 11.15 33.68 22.90
CA GLU C 213 10.94 35.01 23.49
C GLU C 213 11.45 35.09 24.92
N ARG C 214 11.58 33.96 25.62
CA ARG C 214 12.09 33.99 26.99
C ARG C 214 13.54 34.46 27.03
N PHE C 215 14.32 34.14 26.01
CA PHE C 215 15.74 34.46 25.96
C PHE C 215 16.02 35.76 25.22
N ASN C 216 15.00 36.51 24.84
CA ASN C 216 15.16 37.83 24.22
C ASN C 216 14.27 38.84 24.94
N PRO C 217 14.53 39.10 26.22
CA PRO C 217 13.79 40.17 26.90
C PRO C 217 14.00 41.49 26.18
N ILE C 218 12.93 42.29 26.12
CA ILE C 218 12.98 43.56 25.40
C ILE C 218 13.65 44.60 26.28
N VAL C 219 14.67 45.25 25.73
CA VAL C 219 15.40 46.31 26.42
C VAL C 219 15.00 47.64 25.80
N ASN C 220 14.42 48.52 26.61
CA ASN C 220 13.97 49.83 26.16
C ASN C 220 15.02 50.91 26.37
N LYS C 221 16.14 50.59 27.02
CA LYS C 221 17.20 51.58 27.22
C LYS C 221 18.01 51.79 25.94
N THR C 222 18.23 50.72 25.18
CA THR C 222 19.01 50.80 23.95
C THR C 222 18.76 49.57 23.08
N TYR C 236 14.62 53.85 21.85
CA TYR C 236 15.37 52.66 21.46
C TYR C 236 14.77 51.42 22.13
N ARG C 237 13.60 51.01 21.68
CA ARG C 237 12.90 49.84 22.21
C ARG C 237 13.10 48.70 21.22
N GLU C 238 14.16 47.94 21.42
CA GLU C 238 14.51 46.80 20.57
C GLU C 238 14.77 45.57 21.44
N ALA C 239 14.88 44.43 20.78
CA ALA C 239 15.14 43.16 21.44
C ALA C 239 16.63 42.86 21.47
N GLU C 240 17.04 42.03 22.43
CA GLU C 240 18.44 41.66 22.59
C GLU C 240 18.52 40.26 23.16
N THR C 241 19.14 39.36 22.41
CA THR C 241 19.29 37.98 22.88
C THR C 241 20.26 37.90 24.03
N GLU C 242 20.06 36.91 24.89
CA GLU C 242 20.92 36.73 26.06
C GLU C 242 22.34 36.38 25.63
N ALA C 243 23.31 36.76 26.46
CA ALA C 243 24.72 36.59 26.15
C ALA C 243 25.26 35.22 26.55
N PHE C 244 24.62 34.55 27.53
CA PHE C 244 25.11 33.23 27.91
C PHE C 244 24.91 32.22 26.78
N LEU C 245 23.82 32.32 26.03
CA LEU C 245 23.64 31.47 24.87
C LEU C 245 24.73 31.72 23.84
N THR C 246 25.11 32.99 23.65
CA THR C 246 26.21 33.30 22.75
C THR C 246 27.50 32.69 23.24
N TYR C 247 27.73 32.69 24.55
CA TYR C 247 28.95 32.10 25.09
C TYR C 247 28.99 30.59 24.86
N ILE C 248 27.86 29.91 25.07
CA ILE C 248 27.80 28.48 24.80
C ILE C 248 28.02 28.21 23.31
N GLU C 249 27.42 29.02 22.45
CA GLU C 249 27.69 28.88 21.03
C GLU C 249 29.16 29.12 20.73
N GLY C 250 29.81 30.00 21.50
CA GLY C 250 31.23 30.25 21.30
C GLY C 250 32.10 29.06 21.66
N VAL C 251 31.78 28.37 22.75
CA VAL C 251 32.55 27.17 23.09
C VAL C 251 32.29 26.07 22.08
N CYS C 252 31.03 25.94 21.64
CA CYS C 252 30.75 25.04 20.52
C CYS C 252 31.62 25.38 19.32
N VAL C 253 31.73 26.68 19.01
CA VAL C 253 32.52 27.12 17.87
C VAL C 253 33.98 26.75 18.05
N VAL C 254 34.53 26.97 19.24
CA VAL C 254 35.96 26.71 19.41
C VAL C 254 36.25 25.23 19.25
N TRP C 255 35.42 24.35 19.83
CA TRP C 255 35.65 22.92 19.65
C TRP C 255 35.49 22.51 18.19
N PHE C 256 34.39 22.93 17.57
CA PHE C 256 34.10 22.49 16.21
C PHE C 256 35.10 23.05 15.21
N THR C 257 35.61 24.26 15.46
CA THR C 257 36.63 24.84 14.60
C THR C 257 38.00 24.22 14.86
N PHE C 258 38.26 23.73 16.08
CA PHE C 258 39.44 22.89 16.27
C PHE C 258 39.37 21.66 15.38
N GLU C 259 38.21 20.99 15.38
CA GLU C 259 38.05 19.81 14.53
C GLU C 259 38.22 20.18 13.06
N PHE C 260 37.57 21.27 12.63
CA PHE C 260 37.66 21.69 11.23
C PHE C 260 39.09 22.08 10.86
N LEU C 261 39.79 22.75 11.76
CA LEU C 261 41.17 23.16 11.49
C LEU C 261 42.07 21.95 11.32
N MET C 262 41.93 20.94 12.18
CA MET C 262 42.76 19.75 12.01
C MET C 262 42.39 19.02 10.72
N ARG C 263 41.09 18.98 10.39
CA ARG C 263 40.67 18.33 9.16
C ARG C 263 41.24 19.04 7.93
N VAL C 264 41.28 20.38 7.95
CA VAL C 264 41.79 21.12 6.80
C VAL C 264 43.31 21.05 6.72
N ILE C 265 44.02 21.08 7.86
CA ILE C 265 45.48 21.04 7.83
C ILE C 265 45.95 19.66 7.40
N PHE C 266 45.50 18.63 8.09
CA PHE C 266 45.81 17.24 7.70
C PHE C 266 44.72 16.79 6.74
N CYS C 267 44.96 17.00 5.44
CA CYS C 267 43.94 16.77 4.43
C CYS C 267 44.53 16.19 3.15
N PRO C 268 44.41 14.89 2.93
CA PRO C 268 44.73 14.32 1.61
C PRO C 268 43.63 14.66 0.61
N ASN C 269 44.00 14.60 -0.67
CA ASN C 269 43.06 14.92 -1.75
C ASN C 269 42.38 16.26 -1.47
N LYS C 270 43.16 17.34 -1.46
CA LYS C 270 42.61 18.64 -1.09
C LYS C 270 41.42 19.02 -1.96
N VAL C 271 41.48 18.71 -3.26
CA VAL C 271 40.38 19.06 -4.15
C VAL C 271 39.11 18.35 -3.72
N GLU C 272 39.20 17.06 -3.44
CA GLU C 272 38.02 16.31 -2.99
C GLU C 272 37.51 16.84 -1.66
N PHE C 273 38.43 17.15 -0.74
CA PHE C 273 38.01 17.67 0.57
C PHE C 273 37.26 18.98 0.42
N ILE C 274 37.76 19.89 -0.43
CA ILE C 274 37.08 21.15 -0.65
C ILE C 274 35.73 20.93 -1.31
N LYS C 275 35.67 20.04 -2.31
CA LYS C 275 34.42 19.79 -3.00
C LYS C 275 33.40 19.10 -2.10
N ASN C 276 33.85 18.46 -1.02
CA ASN C 276 32.92 17.76 -0.14
C ASN C 276 31.86 18.70 0.41
N SER C 277 30.60 18.32 0.20
CA SER C 277 29.49 19.16 0.64
C SER C 277 29.42 19.27 2.15
N LEU C 278 29.75 18.19 2.88
CA LEU C 278 29.71 18.25 4.34
C LEU C 278 30.77 19.21 4.87
N ASN C 279 31.98 19.18 4.30
CA ASN C 279 33.01 20.13 4.71
C ASN C 279 32.65 21.55 4.32
N ILE C 280 32.03 21.74 3.16
CA ILE C 280 31.55 23.07 2.79
C ILE C 280 30.53 23.56 3.81
N ILE C 281 29.61 22.68 4.21
CA ILE C 281 28.61 23.04 5.22
C ILE C 281 29.30 23.42 6.52
N ASP C 282 30.33 22.66 6.91
CA ASP C 282 31.06 22.98 8.13
C ASP C 282 31.69 24.37 8.06
N PHE C 283 32.29 24.69 6.92
CA PHE C 283 32.95 25.99 6.77
C PHE C 283 31.93 27.13 6.82
N VAL C 284 30.82 26.97 6.10
CA VAL C 284 29.80 28.03 6.11
C VAL C 284 29.11 28.10 7.46
N ALA C 285 29.15 27.03 8.25
CA ALA C 285 28.62 27.08 9.60
C ALA C 285 29.55 27.81 10.54
N ILE C 286 30.86 27.67 10.35
CA ILE C 286 31.82 28.33 11.23
C ILE C 286 32.05 29.79 10.84
N LEU C 287 31.79 30.16 9.59
CA LEU C 287 32.04 31.54 9.16
C LEU C 287 31.24 32.56 9.95
N PRO C 288 29.93 32.43 10.13
CA PRO C 288 29.15 33.56 10.68
C PRO C 288 29.59 34.01 12.06
N PHE C 289 30.02 33.11 12.94
CA PHE C 289 30.46 33.55 14.26
C PHE C 289 31.69 34.45 14.16
N TYR C 290 32.67 34.04 13.35
CA TYR C 290 33.87 34.85 13.18
C TYR C 290 33.52 36.18 12.51
N LEU C 291 32.64 36.16 11.52
CA LEU C 291 32.26 37.40 10.85
C LEU C 291 31.53 38.35 11.80
N GLU C 292 30.65 37.83 12.65
CA GLU C 292 29.97 38.68 13.63
C GLU C 292 30.97 39.25 14.62
N VAL C 293 31.93 38.44 15.07
CA VAL C 293 32.93 38.93 16.02
C VAL C 293 33.75 40.05 15.39
N GLY C 294 34.20 39.84 14.15
CA GLY C 294 35.02 40.85 13.49
C GLY C 294 34.25 42.12 13.18
N LEU C 295 33.02 41.98 12.69
CA LEU C 295 32.24 43.15 12.28
C LEU C 295 31.71 43.95 13.46
N SER C 296 31.67 43.36 14.65
CA SER C 296 31.21 44.10 15.82
C SER C 296 32.11 45.30 16.11
N GLY C 297 33.39 45.20 15.74
CA GLY C 297 34.29 46.33 15.92
C GLY C 297 33.88 47.54 15.10
N LEU C 298 33.41 47.30 13.87
CA LEU C 298 32.99 48.41 13.02
C LEU C 298 31.84 49.19 13.66
N SER C 299 30.84 48.47 14.17
CA SER C 299 29.73 49.08 14.90
C SER C 299 29.05 50.18 14.08
N SER C 300 28.87 49.94 12.79
CA SER C 300 28.18 50.86 11.90
C SER C 300 26.76 50.36 11.60
N LYS C 301 25.94 51.26 11.06
CA LYS C 301 24.58 50.89 10.70
C LYS C 301 24.58 49.83 9.60
N ALA C 302 25.40 50.04 8.56
CA ALA C 302 25.57 49.00 7.56
C ALA C 302 26.16 47.75 8.18
N ALA C 303 27.04 47.90 9.17
CA ALA C 303 27.53 46.75 9.90
C ALA C 303 26.39 46.05 10.64
N LYS C 304 25.43 46.81 11.16
CA LYS C 304 24.26 46.21 11.79
C LYS C 304 23.44 45.42 10.79
N ASP C 305 23.26 45.96 9.58
CA ASP C 305 22.54 45.23 8.54
C ASP C 305 23.26 43.94 8.18
N VAL C 306 24.59 43.99 8.07
CA VAL C 306 25.35 42.78 7.77
C VAL C 306 25.29 41.80 8.94
N LEU C 307 25.19 42.30 10.17
CA LEU C 307 24.99 41.43 11.31
C LEU C 307 23.65 40.71 11.23
N GLY C 308 22.61 41.44 10.81
CA GLY C 308 21.32 40.79 10.57
C GLY C 308 21.41 39.72 9.49
N PHE C 309 22.15 40.02 8.42
CA PHE C 309 22.37 39.02 7.36
C PHE C 309 23.09 37.81 7.92
N LEU C 310 24.10 38.02 8.78
CA LEU C 310 24.82 36.91 9.39
C LEU C 310 23.91 36.10 10.29
N ARG C 311 23.00 36.76 11.02
CA ARG C 311 22.02 36.04 11.83
C ARG C 311 21.15 35.17 10.93
N VAL C 312 20.73 35.71 9.77
CA VAL C 312 19.94 34.92 8.84
C VAL C 312 20.73 33.70 8.38
N VAL C 313 22.01 33.90 8.05
CA VAL C 313 22.85 32.79 7.59
C VAL C 313 23.13 31.78 8.70
N ARG C 314 23.02 32.19 9.97
CA ARG C 314 23.31 31.30 11.09
C ARG C 314 22.48 30.02 11.07
N PHE C 315 21.47 29.92 10.20
CA PHE C 315 20.61 28.75 10.16
C PHE C 315 21.36 27.49 9.74
N VAL C 316 22.57 27.61 9.21
CA VAL C 316 23.29 26.47 8.66
C VAL C 316 23.79 25.54 9.76
N ARG C 317 23.55 25.91 11.02
CA ARG C 317 23.93 25.02 12.12
C ARG C 317 23.13 23.73 12.10
N ILE C 318 21.86 23.79 11.69
CA ILE C 318 21.04 22.58 11.67
C ILE C 318 21.53 21.58 10.63
N LEU C 319 22.37 22.00 9.70
CA LEU C 319 22.87 21.12 8.65
C LEU C 319 24.06 20.28 9.10
N ARG C 320 24.53 20.46 10.34
CA ARG C 320 25.62 19.66 10.87
C ARG C 320 25.16 18.32 11.42
N ILE C 321 23.85 18.05 11.43
CA ILE C 321 23.36 16.75 11.82
C ILE C 321 23.35 15.76 10.66
N PHE C 322 23.43 16.25 9.43
CA PHE C 322 23.62 15.35 8.29
C PHE C 322 24.95 14.61 8.39
N LYS C 323 25.97 15.26 8.95
CA LYS C 323 27.22 14.56 9.21
C LYS C 323 27.03 13.41 10.19
N LEU C 324 26.24 13.64 11.24
CA LEU C 324 25.98 12.58 12.22
C LEU C 324 25.20 11.44 11.58
N THR C 325 24.23 11.76 10.73
CA THR C 325 23.36 10.76 10.12
C THR C 325 23.92 10.22 8.80
N ARG C 326 25.13 10.63 8.42
CA ARG C 326 25.72 10.16 7.17
C ARG C 326 26.10 8.69 7.21
N HIS C 327 26.29 8.13 8.40
CA HIS C 327 26.66 6.73 8.54
C HIS C 327 25.45 5.80 8.60
N PHE C 328 24.24 6.35 8.44
CA PHE C 328 23.03 5.55 8.59
C PHE C 328 22.62 4.92 7.27
N VAL C 329 22.45 3.60 7.29
CA VAL C 329 22.13 2.85 6.08
C VAL C 329 20.77 3.27 5.54
N GLY C 330 19.82 3.54 6.43
CA GLY C 330 18.52 4.04 5.96
C GLY C 330 18.65 5.35 5.23
N LEU C 331 19.48 6.26 5.74
CA LEU C 331 19.69 7.53 5.07
C LEU C 331 20.35 7.34 3.71
N ARG C 332 21.35 6.46 3.63
CA ARG C 332 22.00 6.21 2.34
C ARG C 332 21.03 5.59 1.34
N VAL C 333 20.20 4.65 1.80
CA VAL C 333 19.21 4.03 0.93
C VAL C 333 18.20 5.08 0.47
N LEU C 334 17.78 5.98 1.36
CA LEU C 334 16.88 7.04 0.96
C LEU C 334 17.52 7.92 -0.11
N GLY C 335 18.80 8.28 0.07
CA GLY C 335 19.47 9.07 -0.95
C GLY C 335 19.53 8.37 -2.29
N HIS C 336 19.85 7.08 -2.28
CA HIS C 336 19.88 6.32 -3.53
C HIS C 336 18.50 6.28 -4.17
N THR C 337 17.45 6.10 -3.35
CA THR C 337 16.09 6.09 -3.88
C THR C 337 15.71 7.44 -4.49
N LEU C 338 16.10 8.54 -3.84
CA LEU C 338 15.84 9.86 -4.41
C LEU C 338 16.55 10.03 -5.74
N ARG C 339 17.80 9.57 -5.82
CA ARG C 339 18.53 9.65 -7.09
C ARG C 339 17.84 8.81 -8.17
N ALA C 340 17.32 7.64 -7.79
CA ALA C 340 16.76 6.73 -8.78
C ALA C 340 15.37 7.16 -9.26
N SER C 341 14.55 7.71 -8.37
CA SER C 341 13.15 8.01 -8.65
C SER C 341 12.94 9.47 -9.02
N THR C 342 13.90 10.06 -9.74
CA THR C 342 13.74 11.44 -10.20
C THR C 342 12.53 11.58 -11.12
N ASN C 343 12.33 10.61 -12.02
CA ASN C 343 11.19 10.66 -12.92
C ASN C 343 9.88 10.61 -12.15
N GLU C 344 9.79 9.73 -11.14
CA GLU C 344 8.57 9.65 -10.34
C GLU C 344 8.34 10.92 -9.53
N PHE C 345 9.41 11.52 -9.00
CA PHE C 345 9.26 12.78 -8.28
C PHE C 345 8.77 13.89 -9.18
N LEU C 346 9.32 13.97 -10.41
CA LEU C 346 8.85 14.96 -11.37
C LEU C 346 7.40 14.71 -11.74
N LEU C 347 7.01 13.45 -11.90
CA LEU C 347 5.63 13.10 -12.17
C LEU C 347 4.72 13.57 -11.05
N LEU C 348 5.12 13.32 -9.80
CA LEU C 348 4.33 13.77 -8.66
C LEU C 348 4.18 15.29 -8.66
N ILE C 349 5.29 16.00 -8.91
CA ILE C 349 5.24 17.45 -8.91
C ILE C 349 4.30 17.97 -10.00
N ILE C 350 4.40 17.41 -11.21
CA ILE C 350 3.57 17.87 -12.31
C ILE C 350 2.10 17.58 -12.05
N PHE C 351 1.80 16.38 -11.56
CA PHE C 351 0.42 16.05 -11.20
C PHE C 351 -0.12 17.01 -10.16
N LEU C 352 0.66 17.26 -9.11
CA LEU C 352 0.21 18.15 -8.05
C LEU C 352 -0.04 19.56 -8.58
N ALA C 353 0.85 20.06 -9.43
CA ALA C 353 0.68 21.40 -9.98
C ALA C 353 -0.58 21.47 -10.84
N LEU C 354 -0.79 20.47 -11.71
CA LEU C 354 -1.99 20.46 -12.55
C LEU C 354 -3.25 20.47 -11.70
N GLY C 355 -3.32 19.56 -10.73
CA GLY C 355 -4.50 19.49 -9.88
C GLY C 355 -4.71 20.76 -9.08
N VAL C 356 -3.63 21.33 -8.55
CA VAL C 356 -3.73 22.55 -7.75
C VAL C 356 -4.31 23.67 -8.59
N LEU C 357 -3.75 23.90 -9.78
CA LEU C 357 -4.25 24.97 -10.63
C LEU C 357 -5.72 24.74 -10.99
N ILE C 358 -6.04 23.52 -11.44
CA ILE C 358 -7.39 23.23 -11.90
C ILE C 358 -8.38 23.46 -10.78
N PHE C 359 -8.09 22.91 -9.60
CA PHE C 359 -9.05 22.97 -8.50
C PHE C 359 -9.14 24.35 -7.88
N ALA C 360 -8.04 25.11 -7.88
CA ALA C 360 -8.12 26.50 -7.44
C ALA C 360 -9.06 27.30 -8.35
N THR C 361 -8.91 27.14 -9.66
CA THR C 361 -9.82 27.81 -10.58
C THR C 361 -11.26 27.34 -10.38
N MET C 362 -11.45 26.03 -10.23
CA MET C 362 -12.79 25.49 -10.09
C MET C 362 -13.47 25.99 -8.82
N ILE C 363 -12.75 26.04 -7.71
CA ILE C 363 -13.35 26.51 -6.45
C ILE C 363 -13.61 28.01 -6.53
N TYR C 364 -12.68 28.77 -7.13
CA TYR C 364 -12.91 30.19 -7.33
C TYR C 364 -14.21 30.43 -8.08
N TYR C 365 -14.46 29.66 -9.14
CA TYR C 365 -15.66 29.86 -9.92
C TYR C 365 -16.91 29.30 -9.23
N ALA C 366 -16.77 28.22 -8.47
CA ALA C 366 -17.91 27.61 -7.81
C ALA C 366 -18.38 28.46 -6.63
N GLU C 367 -17.50 29.25 -6.03
CA GLU C 367 -17.89 30.12 -4.93
C GLU C 367 -18.50 31.43 -5.39
N ARG C 368 -18.60 31.66 -6.71
CA ARG C 368 -19.15 32.90 -7.26
C ARG C 368 -20.32 32.62 -8.20
N ILE C 369 -20.99 31.48 -8.03
CA ILE C 369 -22.11 31.13 -8.89
C ILE C 369 -23.30 32.00 -8.52
N GLY C 370 -23.90 32.64 -9.52
CA GLY C 370 -25.01 33.53 -9.29
C GLY C 370 -24.63 34.91 -8.80
N ALA C 371 -23.34 35.22 -8.71
CA ALA C 371 -22.90 36.50 -8.21
C ALA C 371 -22.95 37.57 -9.31
N GLN C 372 -22.83 38.82 -8.90
CA GLN C 372 -22.87 39.93 -9.83
C GLN C 372 -21.59 39.96 -10.68
N PRO C 373 -21.67 40.53 -11.89
CA PRO C 373 -20.47 40.56 -12.73
C PRO C 373 -19.27 41.26 -12.09
N ASN C 374 -19.51 42.34 -11.34
CA ASN C 374 -18.42 43.14 -10.78
C ASN C 374 -18.67 43.58 -9.35
N ASP C 375 -19.70 43.09 -8.68
CA ASP C 375 -20.00 43.54 -7.34
C ASP C 375 -18.87 43.15 -6.39
N PRO C 376 -18.26 44.11 -5.67
CA PRO C 376 -17.17 43.75 -4.75
C PRO C 376 -17.60 42.87 -3.60
N SER C 377 -18.90 42.80 -3.28
CA SER C 377 -19.38 42.02 -2.15
C SER C 377 -19.47 40.53 -2.46
N ALA C 378 -19.23 40.13 -3.71
CA ALA C 378 -19.26 38.71 -4.04
C ALA C 378 -18.17 37.93 -3.32
N SER C 379 -17.01 38.54 -3.12
CA SER C 379 -15.88 37.88 -2.46
C SER C 379 -15.86 38.10 -0.96
N GLU C 380 -16.84 38.81 -0.41
CA GLU C 380 -16.87 39.08 1.03
C GLU C 380 -17.40 37.90 1.84
N HIS C 381 -17.95 36.87 1.19
CA HIS C 381 -18.52 35.73 1.88
C HIS C 381 -17.77 34.43 1.64
N THR C 382 -16.65 34.46 0.90
CA THR C 382 -15.90 33.26 0.57
C THR C 382 -14.44 33.46 0.93
N HIS C 383 -13.80 32.39 1.41
CA HIS C 383 -12.37 32.43 1.68
C HIS C 383 -11.56 32.55 0.40
N PHE C 384 -12.16 32.23 -0.75
CA PHE C 384 -11.45 32.18 -2.02
C PHE C 384 -11.59 33.53 -2.73
N LYS C 385 -10.80 34.50 -2.26
CA LYS C 385 -10.78 35.81 -2.87
C LYS C 385 -10.18 35.75 -4.27
N ASN C 386 -9.17 34.89 -4.47
CA ASN C 386 -8.44 34.82 -5.72
C ASN C 386 -8.06 33.36 -5.98
N ILE C 387 -7.41 33.12 -7.12
CA ILE C 387 -6.97 31.80 -7.54
C ILE C 387 -5.66 31.44 -6.84
N PRO C 388 -4.72 32.37 -6.68
CA PRO C 388 -3.48 32.04 -5.95
C PRO C 388 -3.71 31.50 -4.54
N ILE C 389 -4.68 32.04 -3.81
CA ILE C 389 -4.99 31.48 -2.48
C ILE C 389 -5.70 30.13 -2.62
N GLY C 390 -6.51 29.98 -3.68
CA GLY C 390 -7.06 28.67 -3.98
C GLY C 390 -5.98 27.63 -4.21
N PHE C 391 -4.80 28.07 -4.67
CA PHE C 391 -3.68 27.12 -4.80
C PHE C 391 -3.35 26.50 -3.45
N TRP C 392 -3.22 27.34 -2.41
CA TRP C 392 -2.93 26.84 -1.07
C TRP C 392 -4.06 25.95 -0.57
N TRP C 393 -5.30 26.38 -0.75
CA TRP C 393 -6.42 25.54 -0.33
C TRP C 393 -6.37 24.19 -1.04
N ALA C 394 -6.08 24.19 -2.34
CA ALA C 394 -6.10 22.97 -3.11
C ALA C 394 -5.00 22.02 -2.70
N VAL C 395 -3.79 22.53 -2.43
CA VAL C 395 -2.72 21.65 -1.99
C VAL C 395 -3.06 21.07 -0.62
N VAL C 396 -3.60 21.90 0.28
CA VAL C 396 -3.95 21.41 1.61
C VAL C 396 -5.03 20.34 1.53
N THR C 397 -6.02 20.53 0.65
CA THR C 397 -7.10 19.55 0.51
C THR C 397 -6.64 18.30 -0.22
N MET C 398 -5.72 18.42 -1.17
CA MET C 398 -5.22 17.28 -1.92
C MET C 398 -4.35 16.38 -1.06
N THR C 399 -3.53 16.95 -0.19
CA THR C 399 -2.70 16.14 0.70
C THR C 399 -3.50 15.58 1.88
N THR C 400 -4.82 15.76 1.90
CA THR C 400 -5.66 15.35 3.03
C THR C 400 -5.22 16.02 4.33
N LEU C 401 -4.50 17.12 4.21
CA LEU C 401 -4.02 17.83 5.40
C LEU C 401 -5.17 18.53 6.12
N GLY C 402 -6.00 19.26 5.37
CA GLY C 402 -7.18 19.90 5.94
C GLY C 402 -6.94 20.76 7.16
N TYR C 403 -6.19 21.84 6.99
CA TYR C 403 -5.94 22.75 8.12
C TYR C 403 -7.25 23.35 8.62
N GLY C 404 -8.12 23.76 7.70
CA GLY C 404 -9.38 24.39 8.06
C GLY C 404 -9.38 25.90 8.03
N ASP C 405 -8.24 26.52 7.70
CA ASP C 405 -8.21 27.97 7.61
C ASP C 405 -9.10 28.47 6.47
N MET C 406 -9.25 27.66 5.42
CA MET C 406 -10.16 27.97 4.33
C MET C 406 -10.87 26.69 3.89
N TYR C 407 -12.16 26.80 3.65
CA TYR C 407 -12.98 25.67 3.23
C TYR C 407 -14.17 26.22 2.45
N PRO C 408 -14.72 25.44 1.52
CA PRO C 408 -15.90 25.90 0.79
C PRO C 408 -17.09 26.12 1.73
N GLN C 409 -17.90 27.13 1.40
CA GLN C 409 -19.11 27.45 2.16
C GLN C 409 -20.36 27.39 1.30
N THR C 410 -20.24 27.03 0.02
CA THR C 410 -21.38 26.88 -0.88
C THR C 410 -21.53 25.41 -1.27
N TRP C 411 -22.68 25.09 -1.86
CA TRP C 411 -22.91 23.73 -2.34
C TRP C 411 -21.99 23.39 -3.50
N SER C 412 -21.83 24.31 -4.45
CA SER C 412 -20.96 24.07 -5.60
C SER C 412 -19.50 23.98 -5.16
N GLY C 413 -19.07 24.90 -4.29
CA GLY C 413 -17.73 24.82 -3.74
C GLY C 413 -17.52 23.55 -2.93
N MET C 414 -18.58 23.06 -2.29
CA MET C 414 -18.50 21.83 -1.52
C MET C 414 -18.26 20.63 -2.45
N LEU C 415 -19.01 20.56 -3.54
CA LEU C 415 -18.77 19.51 -4.53
C LEU C 415 -17.37 19.61 -5.10
N VAL C 416 -16.92 20.82 -5.39
CA VAL C 416 -15.56 21.00 -5.94
C VAL C 416 -14.52 20.53 -4.93
N GLY C 417 -14.72 20.85 -3.65
CA GLY C 417 -13.76 20.40 -2.64
C GLY C 417 -13.75 18.90 -2.48
N ALA C 418 -14.91 18.26 -2.58
CA ALA C 418 -14.95 16.80 -2.53
C ALA C 418 -14.17 16.20 -3.69
N LEU C 419 -14.41 16.73 -4.89
CA LEU C 419 -13.68 16.25 -6.06
C LEU C 419 -12.19 16.49 -5.89
N CYS C 420 -11.80 17.63 -5.32
CA CYS C 420 -10.40 17.90 -5.04
C CYS C 420 -9.82 16.86 -4.09
N ALA C 421 -10.57 16.50 -3.04
CA ALA C 421 -10.07 15.52 -2.08
C ALA C 421 -9.80 14.18 -2.76
N LEU C 422 -10.79 13.64 -3.47
CA LEU C 422 -10.59 12.35 -4.13
C LEU C 422 -9.49 12.42 -5.19
N ALA C 423 -9.46 13.50 -5.99
CA ALA C 423 -8.46 13.61 -7.02
C ALA C 423 -7.06 13.68 -6.42
N GLY C 424 -6.90 14.42 -5.32
CA GLY C 424 -5.62 14.46 -4.66
C GLY C 424 -5.20 13.11 -4.11
N VAL C 425 -6.15 12.40 -3.48
CA VAL C 425 -5.83 11.06 -2.98
C VAL C 425 -5.29 10.20 -4.11
N LEU C 426 -6.00 10.17 -5.24
CA LEU C 426 -5.60 9.30 -6.34
C LEU C 426 -4.28 9.74 -6.98
N THR C 427 -4.11 11.04 -7.23
CA THR C 427 -2.92 11.50 -7.91
C THR C 427 -1.68 11.41 -7.04
N ILE C 428 -1.83 11.46 -5.71
CA ILE C 428 -0.71 11.21 -4.83
C ILE C 428 -0.43 9.72 -4.68
N ALA C 429 -1.48 8.89 -4.70
CA ALA C 429 -1.29 7.45 -4.65
C ALA C 429 -0.75 6.88 -5.94
N MET C 430 -0.72 7.65 -7.04
CA MET C 430 -0.16 7.12 -8.27
C MET C 430 1.34 6.84 -8.15
N PRO C 431 2.21 7.84 -8.01
CA PRO C 431 3.66 7.58 -8.06
C PRO C 431 4.32 7.30 -6.71
N VAL C 432 3.65 7.65 -5.61
CA VAL C 432 4.22 7.39 -4.30
C VAL C 432 4.45 5.90 -4.09
N PRO C 433 3.53 5.01 -4.46
CA PRO C 433 3.83 3.57 -4.37
C PRO C 433 5.03 3.15 -5.19
N VAL C 434 5.25 3.73 -6.36
CA VAL C 434 6.43 3.40 -7.15
C VAL C 434 7.70 3.78 -6.39
N ILE C 435 7.73 4.99 -5.85
CA ILE C 435 8.89 5.43 -5.09
C ILE C 435 9.09 4.54 -3.87
N VAL C 436 7.99 4.21 -3.18
CA VAL C 436 8.06 3.38 -1.98
C VAL C 436 8.61 2.00 -2.32
N ASN C 437 8.18 1.43 -3.43
CA ASN C 437 8.61 0.09 -3.80
C ASN C 437 10.07 0.07 -4.22
N ASN C 438 10.53 1.14 -4.88
CA ASN C 438 11.97 1.29 -5.16
C ASN C 438 12.76 1.35 -3.86
N PHE C 439 12.28 2.14 -2.89
CA PHE C 439 12.91 2.19 -1.59
C PHE C 439 12.94 0.81 -0.94
N GLY C 440 11.85 0.06 -1.10
CA GLY C 440 11.81 -1.28 -0.53
C GLY C 440 12.87 -2.18 -1.11
N MET C 441 12.99 -2.18 -2.45
CA MET C 441 14.06 -2.96 -3.08
C MET C 441 15.42 -2.58 -2.50
N TYR C 442 15.73 -1.28 -2.49
CA TYR C 442 17.06 -0.86 -2.10
C TYR C 442 17.34 -1.18 -0.62
N TYR C 443 16.37 -0.94 0.25
CA TYR C 443 16.53 -1.25 1.66
C TYR C 443 16.72 -2.75 1.88
N SER C 444 15.92 -3.58 1.19
CA SER C 444 16.06 -5.02 1.34
C SER C 444 17.44 -5.47 0.88
N LEU C 445 17.92 -4.93 -0.24
CA LEU C 445 19.24 -5.33 -0.75
C LEU C 445 20.34 -4.91 0.22
N ALA C 446 20.24 -3.70 0.78
CA ALA C 446 21.25 -3.26 1.74
C ALA C 446 21.25 -4.14 2.99
N MET C 447 20.06 -4.46 3.50
CA MET C 447 19.99 -5.33 4.67
C MET C 447 20.52 -6.72 4.37
N ALA C 448 20.28 -7.23 3.16
CA ALA C 448 20.83 -8.52 2.78
C ALA C 448 22.34 -8.47 2.71
N LYS C 449 22.90 -7.40 2.13
CA LYS C 449 24.35 -7.27 2.09
C LYS C 449 24.93 -7.20 3.50
N GLN C 450 24.26 -6.55 4.44
CA GLN C 450 24.72 -6.58 5.82
C GLN C 450 24.65 -8.00 6.40
N LYS C 451 23.51 -8.65 6.26
CA LYS C 451 23.33 -9.99 6.81
C LYS C 451 24.26 -11.01 6.18
N LEU C 452 24.86 -10.69 5.03
CA LEU C 452 25.79 -11.56 4.32
C LEU C 452 27.19 -10.96 4.43
N PRO C 453 27.87 -11.17 5.55
CA PRO C 453 29.21 -10.59 5.71
C PRO C 453 30.21 -11.24 4.76
N LYS C 454 31.26 -10.47 4.44
CA LYS C 454 32.31 -10.98 3.56
C LYS C 454 32.96 -12.22 4.17
N LYS C 455 33.18 -13.23 3.33
CA LYS C 455 33.77 -14.48 3.78
C LYS C 455 34.58 -15.08 2.63
N LYS C 456 35.12 -16.27 2.87
CA LYS C 456 35.86 -16.97 1.83
C LYS C 456 34.92 -17.40 0.71
N LYS C 457 35.42 -17.34 -0.53
CA LYS C 457 34.61 -17.73 -1.66
C LYS C 457 34.15 -19.18 -1.57
N LYS C 458 35.03 -20.06 -1.09
CA LYS C 458 34.70 -21.47 -0.89
C LYS C 458 34.63 -22.23 -2.22
N HIS C 459 34.77 -21.52 -3.33
CA HIS C 459 34.72 -22.12 -4.66
C HIS C 459 35.99 -21.78 -5.42
N ILE C 460 36.56 -22.77 -6.10
CA ILE C 460 37.80 -22.63 -6.83
C ILE C 460 37.48 -22.69 -8.32
N PRO C 461 37.63 -21.61 -9.08
CA PRO C 461 37.42 -21.70 -10.52
C PRO C 461 38.48 -22.56 -11.18
N ARG C 462 38.12 -23.11 -12.34
CA ARG C 462 39.03 -24.02 -13.03
C ARG C 462 40.30 -23.28 -13.42
N PRO C 463 41.47 -23.94 -13.35
CA PRO C 463 42.74 -23.33 -13.76
C PRO C 463 42.65 -22.59 -15.09
N SER D 7 36.83 -41.24 -17.70
CA SER D 7 37.62 -40.20 -18.32
C SER D 7 37.02 -38.83 -18.08
N GLU D 8 37.07 -38.38 -16.82
CA GLU D 8 36.60 -37.06 -16.42
C GLU D 8 35.07 -36.97 -16.50
N ARG D 9 34.42 -38.03 -17.00
CA ARG D 9 32.98 -38.05 -17.19
C ARG D 9 32.32 -38.83 -16.06
N ILE D 10 31.42 -38.19 -15.33
CA ILE D 10 30.70 -38.79 -14.22
C ILE D 10 29.22 -38.53 -14.42
N VAL D 11 28.41 -39.57 -14.23
CA VAL D 11 26.97 -39.48 -14.39
C VAL D 11 26.33 -39.71 -13.03
N ILE D 12 25.50 -38.78 -12.59
CA ILE D 12 24.81 -38.85 -11.30
C ILE D 12 23.33 -39.01 -11.57
N ASN D 13 22.76 -40.12 -11.09
CA ASN D 13 21.35 -40.44 -11.30
C ASN D 13 20.59 -40.03 -10.05
N VAL D 14 20.04 -38.82 -10.07
CA VAL D 14 19.32 -38.25 -8.93
C VAL D 14 17.84 -38.46 -9.18
N GLY D 15 17.27 -39.44 -8.49
CA GLY D 15 15.83 -39.69 -8.58
C GLY D 15 15.38 -40.06 -9.98
N GLY D 16 16.17 -40.87 -10.69
CA GLY D 16 15.82 -41.29 -12.03
C GLY D 16 16.26 -40.37 -13.15
N THR D 17 16.78 -39.18 -12.81
CA THR D 17 17.25 -38.22 -13.79
C THR D 17 18.77 -38.24 -13.80
N ARG D 18 19.35 -38.41 -14.98
CA ARG D 18 20.79 -38.54 -15.13
C ARG D 18 21.41 -37.17 -15.35
N HIS D 19 22.26 -36.75 -14.42
CA HIS D 19 23.01 -35.50 -14.53
C HIS D 19 24.46 -35.84 -14.87
N GLN D 20 24.95 -35.27 -15.96
CA GLN D 20 26.30 -35.53 -16.45
C GLN D 20 27.14 -34.27 -16.27
N THR D 21 28.27 -34.41 -15.58
CA THR D 21 29.17 -33.30 -15.34
C THR D 21 30.59 -33.83 -15.33
N HIS D 22 31.54 -32.94 -15.04
CA HIS D 22 32.95 -33.28 -15.01
C HIS D 22 33.42 -33.45 -13.57
N ARG D 23 34.40 -34.34 -13.40
CA ARG D 23 34.96 -34.58 -12.07
C ARG D 23 35.64 -33.32 -11.53
N SER D 24 36.24 -32.51 -12.41
CA SER D 24 36.78 -31.23 -11.98
C SER D 24 35.66 -30.32 -11.48
N THR D 25 34.52 -30.31 -12.18
CA THR D 25 33.38 -29.53 -11.73
C THR D 25 32.91 -30.00 -10.36
N LEU D 26 32.91 -31.31 -10.13
CA LEU D 26 32.50 -31.82 -8.82
C LEU D 26 33.51 -31.47 -7.74
N ARG D 27 34.80 -31.47 -8.07
CA ARG D 27 35.85 -31.15 -7.11
C ARG D 27 35.99 -29.66 -6.88
N THR D 28 35.33 -28.82 -7.69
CA THR D 28 35.43 -27.38 -7.49
C THR D 28 35.02 -26.95 -6.08
N LEU D 29 34.21 -27.73 -5.39
CA LEU D 29 33.74 -27.42 -4.03
C LEU D 29 34.20 -28.54 -3.10
N PRO D 30 35.40 -28.44 -2.54
CA PRO D 30 35.92 -29.54 -1.71
C PRO D 30 35.13 -29.69 -0.42
N GLY D 31 35.14 -30.91 0.11
CA GLY D 31 34.52 -31.21 1.39
C GLY D 31 33.04 -31.54 1.32
N THR D 32 32.44 -31.55 0.14
CA THR D 32 31.03 -31.85 -0.02
C THR D 32 30.83 -33.26 -0.56
N ARG D 33 29.58 -33.70 -0.56
CA ARG D 33 29.27 -35.06 -0.99
C ARG D 33 29.65 -35.29 -2.45
N LEU D 34 29.39 -34.29 -3.29
CA LEU D 34 29.71 -34.41 -4.74
C LEU D 34 31.24 -34.38 -4.94
N ALA D 35 32.00 -33.66 -4.11
CA ALA D 35 33.46 -33.71 -4.15
C ALA D 35 33.96 -35.08 -3.73
N TRP D 36 33.35 -35.67 -2.70
CA TRP D 36 33.71 -37.04 -2.32
C TRP D 36 33.40 -38.01 -3.45
N LEU D 37 32.24 -37.84 -4.09
CA LEU D 37 31.87 -38.68 -5.22
C LEU D 37 32.91 -38.61 -6.33
N ALA D 38 33.54 -37.45 -6.50
CA ALA D 38 34.55 -37.26 -7.53
C ALA D 38 35.89 -37.89 -7.17
N GLU D 39 35.94 -38.74 -6.12
CA GLU D 39 37.19 -39.37 -5.73
C GLU D 39 37.30 -40.77 -6.35
N PRO D 40 38.52 -41.28 -6.55
CA PRO D 40 38.66 -42.61 -7.16
C PRO D 40 37.99 -43.72 -6.35
N ASP D 41 37.66 -43.47 -5.08
CA ASP D 41 37.06 -44.49 -4.23
C ASP D 41 35.56 -44.33 -4.08
N ALA D 42 34.93 -43.41 -4.82
CA ALA D 42 33.49 -43.25 -4.73
C ALA D 42 32.77 -44.52 -5.18
N HIS D 43 33.36 -45.28 -6.09
CA HIS D 43 32.72 -46.51 -6.56
C HIS D 43 32.44 -47.49 -5.42
N SER D 44 33.22 -47.42 -4.33
CA SER D 44 32.98 -48.23 -3.16
C SER D 44 32.41 -47.44 -1.98
N HIS D 45 32.56 -46.12 -1.99
CA HIS D 45 32.05 -45.29 -0.90
C HIS D 45 30.63 -44.78 -1.15
N PHE D 46 30.04 -45.07 -2.31
CA PHE D 46 28.72 -44.57 -2.65
C PHE D 46 27.93 -45.67 -3.34
N ASP D 47 26.67 -45.37 -3.67
CA ASP D 47 25.81 -46.29 -4.41
C ASP D 47 26.15 -46.17 -5.90
N TYR D 48 26.85 -47.17 -6.42
CA TYR D 48 27.37 -47.13 -7.78
C TYR D 48 26.83 -48.31 -8.59
N ASP D 49 26.63 -48.06 -9.87
CA ASP D 49 26.11 -49.07 -10.80
C ASP D 49 27.17 -49.37 -11.86
N PRO D 50 27.87 -50.50 -11.78
CA PRO D 50 28.92 -50.77 -12.77
C PRO D 50 28.39 -50.87 -14.20
N ARG D 51 27.30 -51.61 -14.41
CA ARG D 51 26.76 -51.77 -15.74
C ARG D 51 26.36 -50.42 -16.35
N ALA D 52 25.60 -49.63 -15.58
CA ALA D 52 25.17 -48.32 -16.06
C ALA D 52 26.24 -47.25 -15.89
N ASP D 53 27.25 -47.49 -15.05
CA ASP D 53 28.33 -46.54 -14.83
C ASP D 53 27.78 -45.18 -14.39
N GLU D 54 27.00 -45.22 -13.31
CA GLU D 54 26.42 -44.00 -12.76
C GLU D 54 26.11 -44.22 -11.29
N PHE D 55 26.10 -43.13 -10.53
CA PHE D 55 25.74 -43.15 -9.12
C PHE D 55 24.27 -42.76 -8.96
N PHE D 56 23.61 -43.36 -7.97
CA PHE D 56 22.19 -43.15 -7.74
C PHE D 56 21.99 -42.35 -6.46
N PHE D 57 21.02 -41.42 -6.50
CA PHE D 57 20.66 -40.63 -5.33
C PHE D 57 19.15 -40.47 -5.32
N ASP D 58 18.53 -40.76 -4.18
CA ASP D 58 17.07 -40.69 -4.05
C ASP D 58 16.66 -39.30 -3.56
N ARG D 59 16.93 -38.31 -4.42
CA ARG D 59 16.67 -36.92 -4.08
C ARG D 59 15.91 -36.22 -5.21
N HIS D 60 15.72 -34.90 -5.06
CA HIS D 60 14.93 -34.13 -6.05
C HIS D 60 15.85 -33.59 -7.15
N PRO D 61 15.77 -34.13 -8.40
CA PRO D 61 16.65 -33.68 -9.47
C PRO D 61 16.45 -32.20 -9.81
N GLY D 62 15.20 -31.71 -9.81
CA GLY D 62 14.99 -30.33 -10.21
C GLY D 62 15.87 -29.36 -9.43
N VAL D 63 15.98 -29.57 -8.12
CA VAL D 63 16.82 -28.71 -7.29
C VAL D 63 18.28 -29.19 -7.28
N PHE D 64 18.52 -30.48 -7.51
CA PHE D 64 19.89 -30.91 -7.73
C PHE D 64 20.50 -30.21 -8.92
N ALA D 65 19.67 -29.87 -9.91
CA ALA D 65 20.17 -29.12 -11.06
C ALA D 65 20.73 -27.76 -10.63
N HIS D 66 20.02 -27.06 -9.74
CA HIS D 66 20.51 -25.77 -9.27
C HIS D 66 21.73 -25.93 -8.37
N ILE D 67 21.78 -26.97 -7.56
CA ILE D 67 22.96 -27.21 -6.74
C ILE D 67 24.18 -27.48 -7.63
N LEU D 68 24.01 -28.30 -8.66
CA LEU D 68 25.09 -28.52 -9.61
C LEU D 68 25.41 -27.26 -10.40
N ASN D 69 24.44 -26.37 -10.60
CA ASN D 69 24.74 -25.09 -11.22
C ASN D 69 25.64 -24.25 -10.32
N TYR D 70 25.39 -24.29 -9.01
CA TYR D 70 26.35 -23.70 -8.07
C TYR D 70 27.73 -24.29 -8.29
N TYR D 71 27.81 -25.62 -8.29
CA TYR D 71 29.10 -26.28 -8.54
C TYR D 71 29.75 -25.81 -9.82
N ARG D 72 28.94 -25.55 -10.85
CA ARG D 72 29.47 -25.29 -12.19
C ARG D 72 29.94 -23.85 -12.34
N THR D 73 29.14 -22.89 -11.88
CA THR D 73 29.43 -21.47 -12.10
C THR D 73 30.23 -20.87 -10.94
N GLY D 74 29.92 -21.24 -9.70
CA GLY D 74 30.54 -20.64 -8.53
C GLY D 74 29.61 -19.81 -7.70
N LYS D 75 28.36 -19.62 -8.09
CA LYS D 75 27.38 -18.85 -7.33
C LYS D 75 26.21 -19.76 -6.96
N LEU D 76 25.82 -19.73 -5.69
CA LEU D 76 24.68 -20.49 -5.21
C LEU D 76 23.45 -19.60 -5.22
N HIS D 77 22.50 -19.93 -6.09
CA HIS D 77 21.21 -19.27 -6.15
C HIS D 77 20.15 -20.23 -5.59
N CYS D 78 18.91 -19.76 -5.57
CA CYS D 78 17.81 -20.54 -5.06
C CYS D 78 16.65 -20.53 -6.05
N PRO D 79 16.16 -21.70 -6.47
CA PRO D 79 15.04 -21.73 -7.42
C PRO D 79 13.78 -21.12 -6.82
N ALA D 80 12.98 -20.53 -7.70
CA ALA D 80 11.71 -19.93 -7.30
C ALA D 80 10.54 -20.88 -7.45
N ASP D 81 10.77 -22.10 -7.91
CA ASP D 81 9.71 -23.10 -8.06
C ASP D 81 9.56 -23.98 -6.82
N VAL D 82 10.44 -23.84 -5.83
CA VAL D 82 10.33 -24.59 -4.58
C VAL D 82 10.55 -23.62 -3.42
N CYS D 83 10.18 -24.07 -2.23
CA CYS D 83 10.23 -23.23 -1.06
C CYS D 83 11.60 -23.29 -0.38
N GLY D 84 11.84 -22.29 0.47
CA GLY D 84 13.08 -22.17 1.18
C GLY D 84 13.39 -23.36 2.05
N PRO D 85 12.40 -23.85 2.81
CA PRO D 85 12.65 -25.05 3.62
C PRO D 85 13.05 -26.27 2.78
N LEU D 86 12.44 -26.45 1.62
CA LEU D 86 12.79 -27.57 0.76
C LEU D 86 14.22 -27.43 0.25
N TYR D 87 14.56 -26.25 -0.28
CA TYR D 87 15.93 -26.03 -0.74
C TYR D 87 16.91 -26.17 0.42
N GLU D 88 16.51 -25.81 1.63
CA GLU D 88 17.37 -25.95 2.80
C GLU D 88 17.64 -27.41 3.12
N GLU D 89 16.59 -28.24 3.11
CA GLU D 89 16.81 -29.67 3.31
C GLU D 89 17.75 -30.24 2.26
N GLU D 90 17.56 -29.86 1.00
CA GLU D 90 18.41 -30.41 -0.06
C GLU D 90 19.85 -29.95 0.10
N LEU D 91 20.06 -28.67 0.42
CA LEU D 91 21.41 -28.17 0.65
C LEU D 91 22.06 -28.89 1.83
N ALA D 92 21.29 -29.12 2.90
CA ALA D 92 21.84 -29.83 4.05
C ALA D 92 22.27 -31.24 3.66
N PHE D 93 21.45 -31.94 2.89
CA PHE D 93 21.82 -33.29 2.46
C PHE D 93 23.09 -33.26 1.60
N TRP D 94 23.17 -32.30 0.68
CA TRP D 94 24.31 -32.23 -0.22
C TRP D 94 25.54 -31.59 0.40
N GLY D 95 25.44 -31.10 1.64
CA GLY D 95 26.58 -30.52 2.31
C GLY D 95 26.89 -29.09 1.91
N ILE D 96 25.98 -28.41 1.24
CA ILE D 96 26.20 -27.04 0.80
C ILE D 96 25.90 -26.09 1.95
N ASP D 97 26.79 -25.12 2.15
CA ASP D 97 26.59 -24.11 3.18
C ASP D 97 25.50 -23.14 2.73
N GLU D 98 24.46 -23.00 3.53
CA GLU D 98 23.33 -22.16 3.16
C GLU D 98 23.67 -20.67 3.21
N THR D 99 24.83 -20.29 3.71
CA THR D 99 25.27 -18.89 3.71
C THR D 99 25.94 -18.50 2.39
N ASP D 100 26.05 -19.43 1.45
CA ASP D 100 26.57 -19.14 0.12
C ASP D 100 25.51 -18.57 -0.81
N VAL D 101 24.25 -18.49 -0.35
CA VAL D 101 23.17 -17.99 -1.19
C VAL D 101 23.43 -16.54 -1.54
N GLU D 102 23.25 -16.19 -2.82
CA GLU D 102 23.54 -14.85 -3.28
C GLU D 102 22.50 -13.87 -2.75
N PRO D 103 22.84 -12.58 -2.67
CA PRO D 103 21.87 -11.59 -2.18
C PRO D 103 20.62 -11.50 -3.02
N CYS D 104 20.67 -11.88 -4.30
CA CYS D 104 19.51 -11.83 -5.17
C CYS D 104 18.43 -12.84 -4.76
N CYS D 105 18.77 -13.82 -3.93
CA CYS D 105 17.83 -14.84 -3.50
C CYS D 105 17.80 -15.06 -1.99
N TRP D 106 18.71 -14.44 -1.23
CA TRP D 106 18.80 -14.73 0.20
C TRP D 106 17.53 -14.39 0.94
N MET D 107 16.96 -13.21 0.67
CA MET D 107 15.78 -12.77 1.43
C MET D 107 14.59 -13.69 1.18
N THR D 108 14.34 -14.03 -0.08
CA THR D 108 13.25 -14.94 -0.38
C THR D 108 13.51 -16.32 0.20
N TYR D 109 14.77 -16.77 0.17
CA TYR D 109 15.10 -18.08 0.72
C TYR D 109 14.88 -18.13 2.23
N ARG D 110 15.15 -17.03 2.92
CA ARG D 110 15.07 -17.02 4.38
C ARG D 110 13.72 -16.61 4.93
N GLN D 111 12.86 -15.96 4.12
CA GLN D 111 11.62 -15.39 4.60
C GLN D 111 10.92 -16.26 5.65
N HIS D 112 10.67 -17.54 5.33
CA HIS D 112 9.87 -18.37 6.23
C HIS D 112 10.61 -18.64 7.54
N ARG D 113 11.91 -18.95 7.47
CA ARG D 113 12.66 -19.21 8.69
C ARG D 113 12.75 -17.96 9.55
N ASP D 114 12.93 -16.79 8.92
CA ASP D 114 12.94 -15.54 9.67
C ASP D 114 11.61 -15.30 10.36
N ALA D 115 10.50 -15.54 9.65
CA ALA D 115 9.19 -15.37 10.25
C ALA D 115 8.98 -16.32 11.43
N GLU D 116 9.40 -17.57 11.28
CA GLU D 116 9.27 -18.53 12.36
C GLU D 116 10.12 -18.14 13.56
N GLU D 117 11.34 -17.65 13.32
CA GLU D 117 12.18 -17.17 14.41
C GLU D 117 11.53 -15.98 15.12
N ALA D 118 10.95 -15.06 14.36
CA ALA D 118 10.29 -13.92 14.97
C ALA D 118 9.09 -14.36 15.82
N LEU D 119 8.31 -15.32 15.33
CA LEU D 119 7.14 -15.78 16.06
C LEU D 119 7.50 -16.74 17.18
N ASP D 120 8.73 -17.24 17.23
CA ASP D 120 9.15 -18.15 18.30
C ASP D 120 10.56 -17.80 18.77
N ARG D 170 0.25 -29.59 47.35
CA ARG D 170 -1.05 -30.23 47.39
C ARG D 170 -1.52 -30.60 45.99
N ARG D 171 -2.44 -31.56 45.90
CA ARG D 171 -2.96 -31.98 44.61
C ARG D 171 -3.82 -30.90 43.95
N TRP D 172 -4.42 -30.01 44.74
CA TRP D 172 -5.23 -28.92 44.21
C TRP D 172 -4.41 -27.68 43.88
N GLN D 173 -3.12 -27.65 44.24
CA GLN D 173 -2.28 -26.52 43.88
C GLN D 173 -2.17 -26.32 42.37
N PRO D 174 -1.91 -27.36 41.56
CA PRO D 174 -1.95 -27.15 40.10
C PRO D 174 -3.31 -26.69 39.61
N ARG D 175 -4.40 -27.18 40.22
CA ARG D 175 -5.72 -26.73 39.81
C ARG D 175 -5.91 -25.24 40.08
N ILE D 176 -5.45 -24.77 41.24
CA ILE D 176 -5.57 -23.35 41.55
C ILE D 176 -4.67 -22.53 40.62
N TRP D 177 -3.49 -23.06 40.29
CA TRP D 177 -2.61 -22.37 39.34
C TRP D 177 -3.15 -22.40 37.91
N ALA D 178 -4.11 -23.28 37.63
CA ALA D 178 -4.74 -23.32 36.32
C ALA D 178 -5.77 -22.22 36.12
N LEU D 179 -5.87 -21.27 37.05
CA LEU D 179 -6.87 -20.22 36.95
C LEU D 179 -6.64 -19.32 35.73
N PHE D 180 -5.38 -19.13 35.33
CA PHE D 180 -5.07 -18.29 34.18
C PHE D 180 -4.82 -19.10 32.91
N GLU D 181 -4.42 -20.36 33.05
CA GLU D 181 -4.10 -21.20 31.89
C GLU D 181 -5.41 -21.77 31.32
N ASP D 182 -5.77 -21.35 30.12
CA ASP D 182 -6.99 -21.78 29.47
C ASP D 182 -8.17 -21.68 30.44
N PRO D 183 -8.53 -20.46 30.86
CA PRO D 183 -9.65 -20.35 31.82
C PRO D 183 -10.95 -20.95 31.30
N TYR D 184 -11.20 -20.86 30.00
CA TYR D 184 -12.41 -21.45 29.43
C TYR D 184 -12.39 -22.97 29.50
N SER D 185 -11.23 -23.59 29.74
CA SER D 185 -11.16 -25.04 29.78
C SER D 185 -12.05 -25.60 30.88
N SER D 186 -12.00 -25.01 32.06
CA SER D 186 -12.85 -25.41 33.18
C SER D 186 -13.97 -24.39 33.34
N ARG D 187 -15.15 -24.87 33.74
CA ARG D 187 -16.29 -23.97 33.90
C ARG D 187 -16.03 -22.95 35.01
N TYR D 188 -15.47 -23.40 36.13
CA TYR D 188 -15.17 -22.48 37.22
C TYR D 188 -14.15 -21.43 36.79
N ALA D 189 -13.11 -21.84 36.06
CA ALA D 189 -12.12 -20.88 35.59
C ALA D 189 -12.70 -19.93 34.56
N ARG D 190 -13.63 -20.39 33.73
CA ARG D 190 -14.29 -19.50 32.78
C ARG D 190 -15.13 -18.46 33.50
N TYR D 191 -15.86 -18.89 34.54
CA TYR D 191 -16.61 -17.92 35.35
C TYR D 191 -15.68 -16.93 36.03
N VAL D 192 -14.52 -17.42 36.50
CA VAL D 192 -13.54 -16.53 37.12
C VAL D 192 -13.03 -15.50 36.11
N ALA D 193 -12.77 -15.96 34.88
CA ALA D 193 -12.32 -15.03 33.84
C ALA D 193 -13.39 -13.99 33.53
N PHE D 194 -14.66 -14.42 33.47
CA PHE D 194 -15.74 -13.46 33.26
C PHE D 194 -15.79 -12.42 34.38
N ALA D 195 -15.65 -12.88 35.63
CA ALA D 195 -15.65 -11.95 36.75
C ALA D 195 -14.46 -11.00 36.68
N SER D 196 -13.29 -11.51 36.27
CA SER D 196 -12.11 -10.65 36.13
C SER D 196 -12.32 -9.61 35.06
N LEU D 197 -12.93 -10.00 33.93
CA LEU D 197 -13.26 -9.02 32.89
C LEU D 197 -14.20 -7.95 33.44
N PHE D 198 -15.24 -8.38 34.17
CA PHE D 198 -16.17 -7.42 34.76
C PHE D 198 -15.44 -6.44 35.67
N PHE D 199 -14.59 -6.96 36.56
CA PHE D 199 -13.97 -6.12 37.58
C PHE D 199 -12.78 -5.32 37.04
N ILE D 200 -12.28 -5.65 35.85
CA ILE D 200 -11.31 -4.79 35.19
C ILE D 200 -11.99 -3.67 34.41
N LEU D 201 -13.06 -4.01 33.69
CA LEU D 201 -13.81 -2.98 32.96
C LEU D 201 -14.42 -1.98 33.93
N VAL D 202 -14.95 -2.45 35.06
CA VAL D 202 -15.57 -1.54 36.01
C VAL D 202 -14.51 -0.64 36.65
N SER D 203 -13.33 -1.20 36.94
CA SER D 203 -12.25 -0.37 37.50
C SER D 203 -11.82 0.69 36.51
N ILE D 204 -11.70 0.33 35.23
CA ILE D 204 -11.31 1.31 34.22
C ILE D 204 -12.38 2.38 34.09
N THR D 205 -13.65 1.99 34.12
CA THR D 205 -14.74 2.96 34.05
C THR D 205 -14.71 3.92 35.23
N THR D 206 -14.48 3.39 36.44
CA THR D 206 -14.40 4.25 37.61
C THR D 206 -13.22 5.22 37.52
N PHE D 207 -12.08 4.72 37.04
CA PHE D 207 -10.91 5.59 36.87
C PHE D 207 -11.20 6.69 35.86
N CYS D 208 -11.89 6.36 34.77
CA CYS D 208 -12.21 7.37 33.77
C CYS D 208 -13.25 8.36 34.30
N LEU D 209 -14.17 7.90 35.14
CA LEU D 209 -15.24 8.77 35.62
C LEU D 209 -14.75 9.68 36.75
N GLU D 210 -13.74 9.26 37.51
CA GLU D 210 -13.25 10.09 38.61
C GLU D 210 -12.71 11.42 38.12
N THR D 211 -12.31 11.51 36.85
CA THR D 211 -11.77 12.75 36.28
C THR D 211 -12.86 13.63 35.67
N HIS D 212 -14.11 13.18 35.65
CA HIS D 212 -15.20 13.95 35.08
C HIS D 212 -15.70 14.97 36.09
N GLU D 213 -16.04 16.16 35.60
CA GLU D 213 -16.43 17.25 36.49
C GLU D 213 -17.76 16.98 37.18
N ARG D 214 -18.61 16.13 36.61
CA ARG D 214 -19.88 15.81 37.24
C ARG D 214 -19.69 15.11 38.57
N PHE D 215 -18.65 14.30 38.69
CA PHE D 215 -18.39 13.50 39.89
C PHE D 215 -17.43 14.19 40.86
N ASN D 216 -17.06 15.44 40.60
CA ASN D 216 -16.23 16.22 41.51
C ASN D 216 -16.87 17.58 41.73
N PRO D 217 -18.06 17.62 42.33
CA PRO D 217 -18.65 18.91 42.70
C PRO D 217 -17.72 19.67 43.64
N ILE D 218 -17.66 20.98 43.45
CA ILE D 218 -16.75 21.82 44.23
C ILE D 218 -17.37 22.09 45.60
N VAL D 219 -16.62 21.80 46.65
CA VAL D 219 -17.05 22.04 48.02
C VAL D 219 -16.28 23.24 48.55
N ASN D 220 -17.01 24.29 48.92
CA ASN D 220 -16.41 25.51 49.45
C ASN D 220 -16.32 25.52 50.97
N LYS D 221 -16.89 24.52 51.65
CA LYS D 221 -16.81 24.46 53.10
C LYS D 221 -15.44 23.99 53.55
N THR D 222 -14.83 23.06 52.82
CA THR D 222 -13.52 22.53 53.17
C THR D 222 -12.88 21.83 51.97
N TYR D 236 -11.49 27.73 51.89
CA TYR D 236 -11.20 26.37 51.49
C TYR D 236 -12.12 25.94 50.34
N ARG D 237 -11.87 26.49 49.15
CA ARG D 237 -12.65 26.18 47.95
C ARG D 237 -11.84 25.21 47.11
N GLU D 238 -12.02 23.92 47.35
CA GLU D 238 -11.33 22.87 46.64
C GLU D 238 -12.34 21.84 46.12
N ALA D 239 -11.85 20.93 45.28
CA ALA D 239 -12.68 19.89 44.69
C ALA D 239 -12.58 18.61 45.52
N GLU D 240 -13.61 17.78 45.41
CA GLU D 240 -13.66 16.52 46.15
C GLU D 240 -14.43 15.49 45.32
N THR D 241 -13.76 14.40 44.97
CA THR D 241 -14.40 13.34 44.21
C THR D 241 -15.45 12.62 45.06
N GLU D 242 -16.48 12.09 44.38
CA GLU D 242 -17.55 11.39 45.07
C GLU D 242 -17.02 10.11 45.72
N ALA D 243 -17.67 9.72 46.82
CA ALA D 243 -17.22 8.58 47.60
C ALA D 243 -17.78 7.25 47.10
N PHE D 244 -18.90 7.26 46.38
CA PHE D 244 -19.43 6.01 45.86
C PHE D 244 -18.50 5.41 44.81
N LEU D 245 -17.88 6.25 43.98
CA LEU D 245 -16.88 5.75 43.04
C LEU D 245 -15.71 5.11 43.77
N THR D 246 -15.29 5.72 44.88
CA THR D 246 -14.23 5.13 45.69
C THR D 246 -14.65 3.78 46.25
N TYR D 247 -15.92 3.66 46.66
CA TYR D 247 -16.40 2.38 47.19
C TYR D 247 -16.41 1.30 46.12
N ILE D 248 -16.85 1.64 44.91
CA ILE D 248 -16.80 0.66 43.81
C ILE D 248 -15.36 0.28 43.49
N GLU D 249 -14.45 1.27 43.48
CA GLU D 249 -13.05 0.93 43.29
C GLU D 249 -12.56 0.03 44.42
N GLY D 250 -13.10 0.20 45.63
CA GLY D 250 -12.70 -0.64 46.74
C GLY D 250 -13.14 -2.08 46.58
N VAL D 251 -14.36 -2.30 46.09
CA VAL D 251 -14.79 -3.68 45.85
C VAL D 251 -13.99 -4.29 44.70
N CYS D 252 -13.72 -3.50 43.66
CA CYS D 252 -12.80 -3.96 42.63
C CYS D 252 -11.47 -4.38 43.24
N VAL D 253 -10.96 -3.56 44.16
CA VAL D 253 -9.67 -3.84 44.80
C VAL D 253 -9.74 -5.13 45.58
N VAL D 254 -10.81 -5.35 46.34
CA VAL D 254 -10.85 -6.54 47.18
C VAL D 254 -10.90 -7.80 46.30
N TRP D 255 -11.70 -7.79 45.24
CA TRP D 255 -11.72 -8.97 44.36
C TRP D 255 -10.36 -9.17 43.69
N PHE D 256 -9.82 -8.11 43.11
CA PHE D 256 -8.58 -8.25 42.34
C PHE D 256 -7.40 -8.60 43.24
N THR D 257 -7.40 -8.12 44.48
CA THR D 257 -6.35 -8.47 45.41
C THR D 257 -6.54 -9.87 45.98
N PHE D 258 -7.79 -10.36 46.06
CA PHE D 258 -7.98 -11.78 46.32
C PHE D 258 -7.30 -12.62 45.23
N GLU D 259 -7.54 -12.26 43.97
CA GLU D 259 -6.90 -12.99 42.87
C GLU D 259 -5.38 -12.89 42.97
N PHE D 260 -4.86 -11.69 43.21
CA PHE D 260 -3.42 -11.49 43.29
C PHE D 260 -2.83 -12.24 44.47
N LEU D 261 -3.53 -12.27 45.61
CA LEU D 261 -3.04 -12.97 46.78
C LEU D 261 -2.96 -14.47 46.53
N MET D 262 -3.98 -15.04 45.90
CA MET D 262 -3.90 -16.47 45.60
C MET D 262 -2.80 -16.75 44.59
N ARG D 263 -2.63 -15.86 43.61
CA ARG D 263 -1.55 -16.04 42.63
C ARG D 263 -0.18 -15.99 43.28
N VAL D 264 0.01 -15.09 44.25
CA VAL D 264 1.31 -14.97 44.90
C VAL D 264 1.55 -16.11 45.88
N ILE D 265 0.53 -16.54 46.61
CA ILE D 265 0.72 -17.62 47.59
C ILE D 265 0.97 -18.94 46.87
N PHE D 266 0.08 -19.32 45.96
CA PHE D 266 0.28 -20.52 45.14
C PHE D 266 1.04 -20.09 43.88
N CYS D 267 2.37 -20.14 43.96
CA CYS D 267 3.21 -19.60 42.90
C CYS D 267 4.44 -20.47 42.65
N PRO D 268 4.44 -21.29 41.61
CA PRO D 268 5.70 -21.95 41.19
C PRO D 268 6.60 -20.97 40.49
N ASN D 269 7.89 -21.31 40.44
CA ASN D 269 8.89 -20.44 39.83
C ASN D 269 8.74 -19.01 40.34
N LYS D 270 8.99 -18.81 41.64
CA LYS D 270 8.76 -17.50 42.24
C LYS D 270 9.55 -16.41 41.53
N VAL D 271 10.77 -16.71 41.10
CA VAL D 271 11.58 -15.69 40.42
C VAL D 271 10.91 -15.27 39.12
N GLU D 272 10.43 -16.23 38.32
CA GLU D 272 9.74 -15.90 37.09
C GLU D 272 8.46 -15.13 37.36
N PHE D 273 7.71 -15.53 38.38
CA PHE D 273 6.46 -14.84 38.70
C PHE D 273 6.73 -13.39 39.07
N ILE D 274 7.76 -13.14 39.89
CA ILE D 274 8.10 -11.78 40.27
C ILE D 274 8.55 -10.98 39.04
N LYS D 275 9.40 -11.59 38.20
CA LYS D 275 9.88 -10.89 37.02
C LYS D 275 8.78 -10.62 36.01
N ASN D 276 7.67 -11.36 36.07
CA ASN D 276 6.59 -11.17 35.12
C ASN D 276 6.09 -9.73 35.15
N SER D 277 6.07 -9.10 33.97
CA SER D 277 5.66 -7.71 33.87
C SER D 277 4.18 -7.54 34.20
N LEU D 278 3.34 -8.50 33.80
CA LEU D 278 1.91 -8.40 34.10
C LEU D 278 1.66 -8.47 35.60
N ASN D 279 2.35 -9.37 36.30
CA ASN D 279 2.21 -9.44 37.75
C ASN D 279 2.77 -8.19 38.42
N ILE D 280 3.87 -7.64 37.90
CA ILE D 280 4.39 -6.39 38.43
C ILE D 280 3.35 -5.29 38.27
N ILE D 281 2.71 -5.24 37.09
CA ILE D 281 1.67 -4.25 36.85
C ILE D 281 0.52 -4.44 37.84
N ASP D 282 0.15 -5.69 38.10
CA ASP D 282 -0.92 -5.95 39.05
C ASP D 282 -0.57 -5.43 40.44
N PHE D 283 0.67 -5.68 40.87
CA PHE D 283 1.08 -5.24 42.20
C PHE D 283 1.10 -3.72 42.30
N VAL D 284 1.66 -3.04 41.29
CA VAL D 284 1.69 -1.58 41.32
C VAL D 284 0.30 -0.99 41.16
N ALA D 285 -0.63 -1.76 40.58
CA ALA D 285 -2.01 -1.30 40.51
C ALA D 285 -2.73 -1.44 41.84
N ILE D 286 -2.40 -2.48 42.61
CA ILE D 286 -3.06 -2.67 43.90
C ILE D 286 -2.43 -1.83 45.00
N LEU D 287 -1.17 -1.42 44.85
CA LEU D 287 -0.50 -0.65 45.90
C LEU D 287 -1.21 0.66 46.22
N PRO D 288 -1.55 1.51 45.25
CA PRO D 288 -2.01 2.86 45.60
C PRO D 288 -3.23 2.91 46.49
N PHE D 289 -4.19 2.00 46.33
CA PHE D 289 -5.37 2.02 47.19
C PHE D 289 -4.99 1.77 48.64
N TYR D 290 -4.17 0.76 48.88
CA TYR D 290 -3.72 0.47 50.24
C TYR D 290 -2.90 1.63 50.80
N LEU D 291 -2.04 2.22 49.99
CA LEU D 291 -1.23 3.34 50.47
C LEU D 291 -2.09 4.55 50.82
N GLU D 292 -3.12 4.84 50.00
CA GLU D 292 -4.01 5.93 50.31
C GLU D 292 -4.79 5.66 51.59
N VAL D 293 -5.25 4.41 51.77
CA VAL D 293 -5.99 4.07 52.98
C VAL D 293 -5.11 4.24 54.21
N GLY D 294 -3.87 3.74 54.14
CA GLY D 294 -2.98 3.85 55.28
C GLY D 294 -2.55 5.27 55.58
N LEU D 295 -2.24 6.05 54.55
CA LEU D 295 -1.74 7.40 54.74
C LEU D 295 -2.83 8.37 55.15
N SER D 296 -4.11 8.03 54.94
CA SER D 296 -5.18 8.91 55.37
C SER D 296 -5.18 9.10 56.88
N GLY D 297 -4.70 8.11 57.63
CA GLY D 297 -4.59 8.27 59.07
C GLY D 297 -3.64 9.37 59.47
N LEU D 298 -2.53 9.52 58.76
CA LEU D 298 -1.57 10.57 59.07
C LEU D 298 -2.20 11.95 58.95
N SER D 299 -2.93 12.18 57.85
CA SER D 299 -3.69 13.42 57.65
C SER D 299 -2.79 14.66 57.79
N SER D 300 -1.58 14.57 57.25
CA SER D 300 -0.64 15.68 57.25
C SER D 300 -0.58 16.33 55.87
N LYS D 301 -0.02 17.55 55.83
CA LYS D 301 0.13 18.24 54.56
C LYS D 301 1.05 17.48 53.62
N ALA D 302 2.20 17.01 54.12
CA ALA D 302 3.04 16.14 53.33
C ALA D 302 2.30 14.85 52.98
N ALA D 303 1.45 14.36 53.89
CA ALA D 303 0.61 13.22 53.56
C ALA D 303 -0.35 13.57 52.42
N LYS D 304 -0.86 14.80 52.40
CA LYS D 304 -1.70 15.23 51.29
C LYS D 304 -0.93 15.24 49.97
N ASP D 305 0.32 15.72 50.01
CA ASP D 305 1.14 15.69 48.80
C ASP D 305 1.38 14.27 48.32
N VAL D 306 1.65 13.35 49.26
CA VAL D 306 1.84 11.96 48.86
C VAL D 306 0.55 11.35 48.37
N LEU D 307 -0.60 11.80 48.89
CA LEU D 307 -1.89 11.36 48.35
C LEU D 307 -2.06 11.82 46.91
N GLY D 308 -1.66 13.06 46.61
CA GLY D 308 -1.67 13.51 45.23
C GLY D 308 -0.77 12.68 44.35
N PHE D 309 0.42 12.33 44.86
CA PHE D 309 1.32 11.45 44.12
C PHE D 309 0.67 10.09 43.87
N LEU D 310 -0.02 9.55 44.87
CA LEU D 310 -0.71 8.28 44.71
C LEU D 310 -1.83 8.38 43.69
N ARG D 311 -2.54 9.51 43.66
CA ARG D 311 -3.56 9.73 42.64
C ARG D 311 -2.91 9.73 41.26
N VAL D 312 -1.75 10.36 41.13
CA VAL D 312 -1.03 10.36 39.85
C VAL D 312 -0.69 8.92 39.46
N VAL D 313 -0.19 8.14 40.42
CA VAL D 313 0.18 6.75 40.14
C VAL D 313 -1.03 5.88 39.84
N ARG D 314 -2.22 6.27 40.29
CA ARG D 314 -3.42 5.47 40.08
C ARG D 314 -3.70 5.18 38.61
N PHE D 315 -2.98 5.81 37.69
CA PHE D 315 -3.21 5.59 36.26
C PHE D 315 -2.92 4.17 35.82
N VAL D 316 -2.24 3.37 36.64
CA VAL D 316 -1.78 2.05 36.23
C VAL D 316 -2.96 1.07 36.13
N ARG D 317 -4.17 1.54 36.46
CA ARG D 317 -5.33 0.68 36.32
C ARG D 317 -5.61 0.34 34.86
N ILE D 318 -5.34 1.29 33.94
CA ILE D 318 -5.59 1.03 32.53
C ILE D 318 -4.69 -0.05 31.97
N LEU D 319 -3.61 -0.38 32.67
CA LEU D 319 -2.65 -1.39 32.19
C LEU D 319 -3.10 -2.81 32.52
N ARG D 320 -4.22 -2.99 33.20
CA ARG D 320 -4.75 -4.31 33.50
C ARG D 320 -5.55 -4.91 32.35
N ILE D 321 -5.74 -4.15 31.27
CA ILE D 321 -6.39 -4.70 30.08
C ILE D 321 -5.40 -5.43 29.17
N PHE D 322 -4.10 -5.17 29.33
CA PHE D 322 -3.11 -5.96 28.62
C PHE D 322 -3.17 -7.43 29.04
N LYS D 323 -3.51 -7.69 30.30
CA LYS D 323 -3.72 -9.07 30.73
C LYS D 323 -4.89 -9.70 29.97
N LEU D 324 -5.98 -8.95 29.80
CA LEU D 324 -7.13 -9.47 29.06
C LEU D 324 -6.77 -9.73 27.60
N THR D 325 -5.99 -8.83 26.99
CA THR D 325 -5.64 -8.93 25.58
C THR D 325 -4.38 -9.75 25.34
N ARG D 326 -3.80 -10.35 26.39
CA ARG D 326 -2.57 -11.12 26.23
C ARG D 326 -2.79 -12.42 25.48
N HIS D 327 -4.03 -12.92 25.44
CA HIS D 327 -4.35 -14.15 24.74
C HIS D 327 -4.69 -13.93 23.27
N PHE D 328 -4.57 -12.70 22.78
CA PHE D 328 -4.99 -12.38 21.43
C PHE D 328 -3.83 -12.57 20.45
N VAL D 329 -4.08 -13.36 19.41
CA VAL D 329 -3.05 -13.69 18.44
C VAL D 329 -2.60 -12.44 17.70
N GLY D 330 -3.54 -11.54 17.39
CA GLY D 330 -3.16 -10.29 16.76
C GLY D 330 -2.22 -9.48 17.62
N LEU D 331 -2.48 -9.42 18.93
CA LEU D 331 -1.60 -8.71 19.84
C LEU D 331 -0.22 -9.35 19.89
N ARG D 332 -0.17 -10.68 19.95
CA ARG D 332 1.13 -11.35 19.98
C ARG D 332 1.90 -11.12 18.69
N VAL D 333 1.21 -11.17 17.55
CA VAL D 333 1.87 -10.91 16.27
C VAL D 333 2.37 -9.48 16.21
N LEU D 334 1.59 -8.53 16.73
CA LEU D 334 2.04 -7.14 16.78
C LEU D 334 3.29 -7.01 17.64
N GLY D 335 3.32 -7.68 18.79
CA GLY D 335 4.51 -7.63 19.62
C GLY D 335 5.73 -8.20 18.91
N HIS D 336 5.56 -9.33 18.23
CA HIS D 336 6.66 -9.92 17.48
C HIS D 336 7.13 -8.98 16.38
N THR D 337 6.19 -8.33 15.69
CA THR D 337 6.55 -7.38 14.64
C THR D 337 7.31 -6.19 15.21
N LEU D 338 6.89 -5.68 16.37
CA LEU D 338 7.62 -4.59 17.00
C LEU D 338 9.03 -5.01 17.36
N ARG D 339 9.18 -6.23 17.88
CA ARG D 339 10.52 -6.72 18.19
C ARG D 339 11.37 -6.84 16.94
N ALA D 340 10.77 -7.29 15.83
CA ALA D 340 11.54 -7.55 14.62
C ALA D 340 11.91 -6.27 13.88
N SER D 341 11.02 -5.28 13.86
CA SER D 341 11.19 -4.07 13.05
C SER D 341 11.76 -2.91 13.85
N THR D 342 12.67 -3.19 14.79
CA THR D 342 13.30 -2.13 15.55
C THR D 342 14.10 -1.20 14.64
N ASN D 343 14.80 -1.76 13.66
CA ASN D 343 15.57 -0.93 12.73
C ASN D 343 14.65 -0.01 11.95
N GLU D 344 13.52 -0.53 11.47
CA GLU D 344 12.58 0.30 10.71
C GLU D 344 11.96 1.37 11.60
N PHE D 345 11.65 1.05 12.85
CA PHE D 345 11.11 2.06 13.76
C PHE D 345 12.14 3.16 14.03
N LEU D 346 13.40 2.79 14.23
CA LEU D 346 14.44 3.79 14.42
C LEU D 346 14.60 4.64 13.18
N LEU D 347 14.51 4.02 12.00
CA LEU D 347 14.58 4.77 10.75
C LEU D 347 13.45 5.78 10.66
N LEU D 348 12.23 5.36 11.00
CA LEU D 348 11.09 6.26 10.99
C LEU D 348 11.30 7.43 11.94
N ILE D 349 11.79 7.13 13.15
CA ILE D 349 12.01 8.17 14.14
C ILE D 349 13.04 9.18 13.65
N ILE D 350 14.15 8.69 13.09
CA ILE D 350 15.23 9.57 12.63
C ILE D 350 14.74 10.43 11.47
N PHE D 351 14.04 9.81 10.51
CA PHE D 351 13.49 10.57 9.40
C PHE D 351 12.55 11.67 9.89
N LEU D 352 11.66 11.32 10.81
CA LEU D 352 10.70 12.29 11.31
C LEU D 352 11.41 13.43 12.03
N ALA D 353 12.42 13.12 12.84
CA ALA D 353 13.15 14.16 13.54
C ALA D 353 13.87 15.09 12.56
N LEU D 354 14.54 14.53 11.56
CA LEU D 354 15.23 15.35 10.57
C LEU D 354 14.24 16.28 9.86
N GLY D 355 13.14 15.72 9.36
CA GLY D 355 12.17 16.54 8.65
C GLY D 355 11.55 17.59 9.55
N VAL D 356 11.25 17.23 10.80
CA VAL D 356 10.64 18.18 11.73
C VAL D 356 11.58 19.37 11.96
N LEU D 357 12.84 19.08 12.28
CA LEU D 357 13.79 20.17 12.51
C LEU D 357 13.94 21.04 11.28
N ILE D 358 14.14 20.41 10.12
CA ILE D 358 14.41 21.16 8.90
C ILE D 358 13.22 22.06 8.58
N PHE D 359 12.01 21.50 8.62
CA PHE D 359 10.83 22.26 8.21
C PHE D 359 10.43 23.30 9.24
N ALA D 360 10.67 23.05 10.53
CA ALA D 360 10.45 24.09 11.52
C ALA D 360 11.35 25.29 11.26
N THR D 361 12.64 25.04 11.01
CA THR D 361 13.54 26.14 10.68
C THR D 361 13.10 26.84 9.39
N MET D 362 12.73 26.06 8.37
CA MET D 362 12.35 26.65 7.09
C MET D 362 11.12 27.52 7.22
N ILE D 363 10.10 27.07 7.95
CA ILE D 363 8.89 27.86 8.11
C ILE D 363 9.17 29.09 8.97
N TYR D 364 9.97 28.94 10.02
CA TYR D 364 10.36 30.10 10.82
C TYR D 364 10.99 31.17 9.95
N TYR D 365 11.89 30.78 9.03
CA TYR D 365 12.54 31.76 8.19
C TYR D 365 11.63 32.28 7.07
N ALA D 366 10.73 31.44 6.56
CA ALA D 366 9.86 31.86 5.47
C ALA D 366 8.78 32.81 5.95
N GLU D 367 8.42 32.75 7.24
CA GLU D 367 7.43 33.68 7.78
C GLU D 367 8.01 35.02 8.19
N ARG D 368 9.33 35.21 8.04
CA ARG D 368 9.99 36.44 8.41
C ARG D 368 10.75 37.06 7.23
N ILE D 369 10.33 36.75 6.01
CA ILE D 369 10.99 37.28 4.83
C ILE D 369 10.63 38.75 4.68
N GLY D 370 11.64 39.60 4.53
CA GLY D 370 11.42 41.02 4.43
C GLY D 370 11.20 41.73 5.75
N ALA D 371 11.32 41.03 6.87
CA ALA D 371 11.07 41.62 8.17
C ALA D 371 12.31 42.37 8.66
N GLN D 372 12.11 43.18 9.71
CA GLN D 372 13.20 43.95 10.26
C GLN D 372 14.17 43.04 11.01
N PRO D 373 15.44 43.45 11.13
CA PRO D 373 16.41 42.59 11.82
C PRO D 373 16.02 42.24 13.25
N ASN D 374 15.43 43.19 13.98
CA ASN D 374 15.12 42.99 15.40
C ASN D 374 13.77 43.51 15.81
N ASP D 375 12.92 43.93 14.88
CA ASP D 375 11.63 44.49 15.24
C ASP D 375 10.78 43.44 15.94
N PRO D 376 10.28 43.69 17.16
CA PRO D 376 9.45 42.68 17.83
C PRO D 376 8.13 42.41 17.13
N SER D 377 7.66 43.29 16.26
CA SER D 377 6.37 43.13 15.60
C SER D 377 6.44 42.14 14.44
N ALA D 378 7.62 41.65 14.09
CA ALA D 378 7.73 40.68 13.01
C ALA D 378 7.02 39.38 13.35
N SER D 379 7.06 38.97 14.62
CA SER D 379 6.44 37.73 15.06
C SER D 379 5.00 37.91 15.53
N GLU D 380 4.45 39.12 15.44
CA GLU D 380 3.09 39.37 15.88
C GLU D 380 2.04 38.94 14.85
N HIS D 381 2.46 38.60 13.63
CA HIS D 381 1.54 38.22 12.57
C HIS D 381 1.67 36.77 12.13
N THR D 382 2.52 35.98 12.78
CA THR D 382 2.74 34.59 12.40
C THR D 382 2.58 33.70 13.62
N HIS D 383 2.02 32.51 13.40
CA HIS D 383 1.93 31.52 14.47
C HIS D 383 3.30 30.99 14.87
N PHE D 384 4.31 31.17 14.01
CA PHE D 384 5.63 30.59 14.23
C PHE D 384 6.51 31.60 14.93
N LYS D 385 6.29 31.73 16.24
CA LYS D 385 7.10 32.62 17.05
C LYS D 385 8.53 32.11 17.16
N ASN D 386 8.71 30.78 17.22
CA ASN D 386 10.01 30.18 17.44
C ASN D 386 10.08 28.88 16.64
N ILE D 387 11.24 28.22 16.70
CA ILE D 387 11.49 26.96 15.99
C ILE D 387 10.91 25.79 16.78
N PRO D 388 10.99 25.78 18.11
CA PRO D 388 10.37 24.70 18.87
C PRO D 388 8.88 24.52 18.61
N ILE D 389 8.11 25.60 18.45
CA ILE D 389 6.71 25.46 18.10
C ILE D 389 6.55 25.03 16.65
N GLY D 390 7.47 25.47 15.78
CA GLY D 390 7.50 24.94 14.43
C GLY D 390 7.70 23.44 14.40
N PHE D 391 8.35 22.88 15.43
CA PHE D 391 8.45 21.42 15.52
C PHE D 391 7.07 20.78 15.57
N TRP D 392 6.20 21.31 16.44
CA TRP D 392 4.84 20.79 16.55
C TRP D 392 4.08 20.98 15.25
N TRP D 393 4.19 22.17 14.65
CA TRP D 393 3.51 22.40 13.38
C TRP D 393 4.00 21.40 12.33
N ALA D 394 5.31 21.16 12.30
CA ALA D 394 5.89 20.29 11.27
C ALA D 394 5.45 18.85 11.45
N VAL D 395 5.41 18.36 12.69
CA VAL D 395 4.96 16.98 12.89
C VAL D 395 3.48 16.86 12.52
N VAL D 396 2.67 17.84 12.89
CA VAL D 396 1.25 17.80 12.57
C VAL D 396 1.05 17.82 11.05
N THR D 397 1.82 18.64 10.34
CA THR D 397 1.69 18.72 8.89
C THR D 397 2.26 17.49 8.18
N MET D 398 3.32 16.90 8.74
CA MET D 398 3.93 15.73 8.13
C MET D 398 3.05 14.49 8.26
N THR D 399 2.38 14.34 9.39
CA THR D 399 1.47 13.20 9.56
C THR D 399 0.14 13.41 8.85
N THR D 400 -0.01 14.48 8.07
CA THR D 400 -1.27 14.83 7.42
C THR D 400 -2.39 15.01 8.44
N LEU D 401 -2.03 15.27 9.69
CA LEU D 401 -3.03 15.46 10.74
C LEU D 401 -3.76 16.79 10.57
N GLY D 402 -3.01 17.87 10.37
CA GLY D 402 -3.59 19.17 10.09
C GLY D 402 -4.63 19.63 11.10
N TYR D 403 -4.22 19.84 12.34
CA TYR D 403 -5.15 20.34 13.36
C TYR D 403 -5.70 21.71 12.98
N GLY D 404 -4.84 22.60 12.48
CA GLY D 404 -5.23 23.94 12.11
C GLY D 404 -4.98 24.98 13.17
N ASP D 405 -4.43 24.60 14.32
CA ASP D 405 -4.10 25.59 15.35
C ASP D 405 -3.01 26.54 14.86
N MET D 406 -2.13 26.06 14.00
CA MET D 406 -1.11 26.90 13.38
C MET D 406 -0.95 26.49 11.93
N TYR D 407 -0.85 27.49 11.05
CA TYR D 407 -0.70 27.28 9.62
C TYR D 407 0.02 28.49 9.03
N PRO D 408 0.73 28.31 7.92
CA PRO D 408 1.39 29.46 7.30
C PRO D 408 0.36 30.49 6.81
N GLN D 409 0.75 31.76 6.89
CA GLN D 409 -0.08 32.87 6.42
C GLN D 409 0.61 33.70 5.36
N THR D 410 1.82 33.33 4.95
CA THR D 410 2.55 34.01 3.89
C THR D 410 2.70 33.09 2.69
N TRP D 411 3.10 33.67 1.56
CA TRP D 411 3.32 32.86 0.36
C TRP D 411 4.52 31.94 0.52
N SER D 412 5.62 32.45 1.10
CA SER D 412 6.80 31.62 1.31
C SER D 412 6.52 30.53 2.35
N GLY D 413 5.86 30.89 3.44
CA GLY D 413 5.46 29.88 4.41
C GLY D 413 4.49 28.88 3.83
N MET D 414 3.67 29.31 2.89
CA MET D 414 2.73 28.40 2.22
C MET D 414 3.48 27.37 1.38
N LEU D 415 4.47 27.83 0.60
CA LEU D 415 5.29 26.90 -0.16
C LEU D 415 6.04 25.94 0.77
N VAL D 416 6.56 26.46 1.88
CA VAL D 416 7.27 25.62 2.83
C VAL D 416 6.33 24.57 3.41
N GLY D 417 5.11 24.95 3.75
CA GLY D 417 4.15 23.99 4.28
C GLY D 417 3.76 22.94 3.27
N ALA D 418 3.62 23.32 2.00
CA ALA D 418 3.34 22.32 0.97
C ALA D 418 4.49 21.32 0.86
N LEU D 419 5.73 21.83 0.84
CA LEU D 419 6.88 20.94 0.79
C LEU D 419 6.92 20.03 2.02
N CYS D 420 6.57 20.58 3.18
CA CYS D 420 6.49 19.77 4.40
C CYS D 420 5.47 18.66 4.26
N ALA D 421 4.31 18.97 3.68
CA ALA D 421 3.26 17.96 3.52
C ALA D 421 3.75 16.81 2.64
N LEU D 422 4.26 17.13 1.44
CA LEU D 422 4.73 16.06 0.57
C LEU D 422 5.91 15.29 1.17
N ALA D 423 6.86 16.01 1.79
CA ALA D 423 8.00 15.33 2.37
C ALA D 423 7.59 14.40 3.50
N GLY D 424 6.64 14.83 4.33
CA GLY D 424 6.14 13.96 5.37
C GLY D 424 5.44 12.73 4.81
N VAL D 425 4.61 12.93 3.79
CA VAL D 425 3.94 11.79 3.17
C VAL D 425 4.98 10.76 2.72
N LEU D 426 6.00 11.23 2.00
CA LEU D 426 6.99 10.30 1.46
C LEU D 426 7.83 9.65 2.55
N THR D 427 8.31 10.43 3.52
CA THR D 427 9.18 9.88 4.55
C THR D 427 8.45 8.95 5.50
N ILE D 428 7.14 9.13 5.68
CA ILE D 428 6.37 8.17 6.46
C ILE D 428 6.01 6.95 5.63
N ALA D 429 5.79 7.11 4.32
CA ALA D 429 5.53 5.97 3.46
C ALA D 429 6.78 5.15 3.18
N MET D 430 7.96 5.64 3.54
CA MET D 430 9.17 4.83 3.31
C MET D 430 9.18 3.57 4.18
N PRO D 431 9.30 3.66 5.51
CA PRO D 431 9.47 2.43 6.31
C PRO D 431 8.17 1.80 6.83
N VAL D 432 7.08 2.55 6.82
CA VAL D 432 5.80 2.01 7.29
C VAL D 432 5.39 0.81 6.44
N PRO D 433 5.53 0.83 5.10
CA PRO D 433 5.25 -0.38 4.33
C PRO D 433 6.12 -1.57 4.71
N VAL D 434 7.39 -1.35 5.05
CA VAL D 434 8.24 -2.45 5.48
C VAL D 434 7.70 -3.07 6.76
N ILE D 435 7.36 -2.21 7.73
CA ILE D 435 6.81 -2.73 8.99
C ILE D 435 5.50 -3.46 8.73
N VAL D 436 4.65 -2.89 7.88
CA VAL D 436 3.35 -3.48 7.57
C VAL D 436 3.52 -4.84 6.92
N ASN D 437 4.49 -4.97 6.01
CA ASN D 437 4.69 -6.23 5.31
C ASN D 437 5.27 -7.29 6.23
N ASN D 438 6.13 -6.89 7.16
CA ASN D 438 6.59 -7.83 8.20
C ASN D 438 5.41 -8.31 9.04
N PHE D 439 4.53 -7.39 9.44
CA PHE D 439 3.33 -7.77 10.17
C PHE D 439 2.49 -8.73 9.34
N GLY D 440 2.39 -8.49 8.04
CA GLY D 440 1.63 -9.38 7.18
C GLY D 440 2.20 -10.79 7.16
N MET D 441 3.51 -10.90 7.01
CA MET D 441 4.13 -12.23 7.08
C MET D 441 3.78 -12.93 8.39
N TYR D 442 4.00 -12.23 9.51
CA TYR D 442 3.83 -12.88 10.81
C TYR D 442 2.37 -13.26 11.05
N TYR D 443 1.44 -12.38 10.70
CA TYR D 443 0.03 -12.67 10.87
C TYR D 443 -0.40 -13.85 9.99
N SER D 444 0.06 -13.88 8.74
CA SER D 444 -0.30 -14.99 7.86
C SER D 444 0.24 -16.30 8.41
N LEU D 445 1.48 -16.29 8.90
CA LEU D 445 2.06 -17.52 9.43
C LEU D 445 1.31 -17.99 10.68
N ALA D 446 0.93 -17.07 11.55
CA ALA D 446 0.17 -17.45 12.74
C ALA D 446 -1.20 -18.02 12.36
N MET D 447 -1.88 -17.39 11.41
CA MET D 447 -3.17 -17.91 10.98
C MET D 447 -3.02 -19.28 10.32
N ALA D 448 -1.95 -19.48 9.57
CA ALA D 448 -1.71 -20.79 8.97
C ALA D 448 -1.46 -21.84 10.04
N LYS D 449 -0.67 -21.51 11.06
CA LYS D 449 -0.44 -22.45 12.15
C LYS D 449 -1.75 -22.80 12.86
N GLN D 450 -2.65 -21.82 13.02
CA GLN D 450 -3.96 -22.14 13.58
C GLN D 450 -4.75 -23.06 12.67
N LYS D 451 -4.84 -22.70 11.38
CA LYS D 451 -5.61 -23.50 10.43
C LYS D 451 -5.04 -24.90 10.25
N LEU D 452 -3.80 -25.13 10.67
CA LEU D 452 -3.13 -26.42 10.56
C LEU D 452 -2.99 -27.00 11.97
N PRO D 453 -4.04 -27.60 12.51
CA PRO D 453 -3.95 -28.16 13.87
C PRO D 453 -3.01 -29.35 13.92
N LYS D 454 -2.46 -29.58 15.12
CA LYS D 454 -1.56 -30.70 15.32
C LYS D 454 -2.26 -32.01 15.03
N LYS D 455 -1.57 -32.90 14.31
CA LYS D 455 -2.15 -34.19 13.93
C LYS D 455 -1.01 -35.21 13.84
N LYS D 456 -1.37 -36.42 13.43
CA LYS D 456 -0.38 -37.47 13.26
C LYS D 456 0.55 -37.13 12.10
N LYS D 457 1.83 -37.49 12.25
CA LYS D 457 2.80 -37.20 11.20
C LYS D 457 2.43 -37.89 9.90
N LYS D 458 1.91 -39.12 9.97
CA LYS D 458 1.47 -39.86 8.79
C LYS D 458 2.64 -40.38 7.97
N HIS D 459 3.86 -40.01 8.35
CA HIS D 459 5.07 -40.43 7.64
C HIS D 459 6.02 -41.11 8.61
N ILE D 460 6.58 -42.23 8.18
CA ILE D 460 7.46 -43.06 9.00
C ILE D 460 8.88 -42.91 8.45
N PRO D 461 9.81 -42.27 9.16
CA PRO D 461 11.20 -42.22 8.68
C PRO D 461 11.83 -43.60 8.69
N ARG D 462 12.84 -43.76 7.84
CA ARG D 462 13.48 -45.07 7.70
C ARG D 462 14.12 -45.47 9.02
N PRO D 463 14.08 -46.76 9.38
CA PRO D 463 14.72 -47.26 10.60
C PRO D 463 16.13 -46.72 10.82
C4 WY0 E . -29.42 6.93 14.05
N2 WY0 E . -34.33 11.36 18.64
C10 WY0 E . -33.00 7.10 13.99
C2 WY0 E . -30.45 7.04 16.21
C3 WY0 E . -30.54 6.82 14.85
N3 WY0 E . -35.48 12.75 19.97
C5 WY0 E . -28.18 7.28 14.57
C9 WY0 E . -32.87 5.69 14.47
C8 WY0 E . -31.66 6.43 13.97
C7 WY0 E . -31.00 6.06 12.65
C6 WY0 E . -28.10 7.51 15.94
C1 WY0 E . -29.21 7.39 16.75
N1 WY0 E . -32.02 9.17 16.78
C11 WY0 E . -32.26 8.02 17.39
C16 WY0 E . -34.77 11.60 19.98
O1 WY0 E . -29.69 6.67 12.74
C17 WY0 E . -35.56 13.36 18.66
C15 WY0 E . -32.70 10.24 17.20
C14 WY0 E . -33.63 10.19 18.23
C13 WY0 E . -33.87 8.97 18.84
C12 WY0 E . -33.17 7.85 18.42
O2 WY0 E . -31.60 6.91 16.99
C18 WY0 E . -34.70 12.42 17.83
C20 WY0 E . -37.17 14.60 17.13
C19 WY0 E . -36.98 13.46 18.12
O3 WY0 E . -34.39 12.53 16.67
O4 WY0 E . -34.54 10.89 20.93
ZN ZN F . -4.64 -22.85 -12.52
CAA Y01 G . -3.91 15.92 -12.63
CBA Y01 G . -5.17 16.77 -12.58
CAB Y01 G . -6.07 16.33 -11.44
CAN Y01 G . -5.90 16.76 -13.91
CAJ Y01 G . -6.64 15.48 -14.26
CAO Y01 G . -5.78 14.48 -15.00
CBB Y01 G . -6.47 13.72 -16.13
CAC Y01 G . -7.97 13.61 -15.86
CBE Y01 G . -6.17 14.41 -17.48
CAP Y01 G . -5.48 15.79 -17.26
CAQ Y01 G . -4.51 16.00 -18.43
CBG Y01 G . -4.92 14.91 -19.43
CBI Y01 G . -5.26 13.70 -18.53
CAE Y01 G . -4.03 13.09 -17.84
CAU Y01 G . -5.91 12.65 -19.44
CAS Y01 G . -4.99 12.28 -20.61
CBF Y01 G . -4.61 13.50 -21.46
CBD Y01 G . -4.02 14.63 -20.61
CAK Y01 G . -3.86 15.90 -21.45
CAI Y01 G . -3.61 15.63 -22.90
CAZ Y01 G . -3.36 14.44 -23.41
CAV Y01 G . -2.76 14.30 -24.79
CBH Y01 G . -3.68 13.15 -22.67
CAD Y01 G . -2.36 12.52 -22.21
CAT Y01 G . -4.44 12.19 -23.63
CAR Y01 G . -3.83 12.10 -25.04
CBC Y01 G . -3.67 13.47 -25.67
OAW Y01 G . -3.03 13.36 -26.98
CAY Y01 G . -3.32 14.31 -27.85
OAG Y01 G . -4.07 15.20 -27.65
CAM Y01 G . -2.58 14.12 -29.15
CAL Y01 G . -3.45 14.40 -30.36
CAX Y01 G . -4.78 13.67 -30.37
OAH Y01 G . -5.76 14.22 -29.84
OAF Y01 G . -4.82 12.53 -30.89
N PCF H . 1.98 37.90 2.43
P PCF H . 1.77 39.87 -1.31
O11 PCF H . 0.29 39.23 -0.94
O12 PCF H . 1.62 40.90 -2.40
O13 PCF H . 2.41 40.58 0.04
O14 PCF H . 2.69 38.76 -1.79
C11 PCF H . 2.90 39.75 1.06
C12 PCF H . 1.75 39.27 1.95
C13 PCF H . 3.32 37.78 2.99
C14 PCF H . 0.99 37.60 3.47
C15 PCF H . 1.81 36.96 1.33
C1 PCF H . -0.65 39.01 -1.99
C2 PCF H . -0.47 37.60 -2.55
C3 PCF H . 0.49 37.60 -3.74
O31 PCF H . -0.21 37.28 -4.92
O32 PCF H . 0.34 38.86 -6.44
C31 PCF H . 0.42 37.73 -6.12
C32 PCF H . 1.19 36.72 -7.00
C33 PCF H . 0.42 35.38 -7.08
C34 PCF H . 1.27 34.33 -7.83
C35 PCF H . 0.96 34.41 -9.33
C36 PCF H . 2.06 33.69 -10.15
C37 PCF H . 1.88 32.16 -10.04
C38 PCF H . 0.76 31.70 -10.98
C39 PCF H . 1.33 31.04 -12.26
C40 PCF H . 1.04 29.53 -12.23
C41 PCF H . 1.52 28.90 -13.55
C42 PCF H . 1.00 27.46 -13.65
O21 PCF H . 0.05 36.76 -1.54
O22 PCF H . -1.09 35.34 -0.19
C21 PCF H . -0.74 35.59 -1.29
C22 PCF H . -1.14 34.66 -2.48
C23 PCF H . -1.25 33.20 -1.99
C24 PCF H . -0.65 32.26 -3.06
C25 PCF H . 0.90 32.28 -3.00
C26 PCF H . 1.44 30.90 -3.45
C27 PCF H . 1.22 29.88 -2.31
C28 PCF H . 0.72 28.53 -2.91
C29 PCF H . 1.25 27.36 -2.07
C30 PCF H . 0.80 26.01 -2.69
C47 PCF H . 1.52 25.79 -4.02
C48 PCF H . 1.37 24.33 -4.47
C49 PCF H . 2.39 24.03 -5.57
C50 PCF H . 2.21 22.59 -6.08
C51 PCF H . 3.35 22.24 -7.06
K K I . -6.28 15.67 8.14
K K J . -3.92 9.19 4.89
K K K . -10.04 24.22 12.43
C4 WY0 L . 1.43 10.18 31.70
N2 WY0 L . 0.88 15.73 37.53
C10 WY0 L . 0.86 9.69 35.21
C2 WY0 L . 2.74 11.61 33.12
C3 WY0 L . 1.94 10.48 32.95
N3 WY0 L . 0.68 17.44 38.93
C5 WY0 L . 1.68 10.97 30.59
C9 WY0 L . 2.22 9.07 35.13
C8 WY0 L . 1.49 9.42 33.88
C7 WY0 L . 0.91 8.35 32.97
C6 WY0 L . 2.47 12.11 30.77
C1 WY0 L . 2.99 12.42 32.02
N1 WY0 L . 1.43 13.24 34.83
C11 WY0 L . 2.64 12.83 35.15
C16 WY0 L . 1.58 16.76 38.21
O1 WY0 L . 0.68 9.04 31.71
C17 WY0 L . -0.68 16.94 38.78
C15 WY0 L . 0.87 14.18 35.62
C14 WY0 L . 1.52 14.72 36.71
C13 WY0 L . 2.78 14.27 37.03
C12 WY0 L . 3.36 13.30 36.24
O2 WY0 L . 3.23 11.88 34.39
C18 WY0 L . -0.47 15.83 37.76
C20 WY0 L . -2.80 16.50 40.10
C19 WY0 L . -1.28 16.42 40.08
O3 WY0 L . -1.33 15.16 37.24
O4 WY0 L . 2.78 16.97 38.13
ZN ZN M . 7.18 -25.38 1.55
CAA Y01 N . -20.54 1.73 1.87
CBA Y01 N . -21.26 2.16 3.15
CAB Y01 N . -20.27 2.51 4.24
CAN Y01 N . -22.26 1.11 3.62
CAJ Y01 N . -21.67 -0.14 4.25
CAO Y01 N . -21.35 -1.22 3.24
CBB Y01 N . -21.68 -2.65 3.68
CAC Y01 N . -21.57 -2.77 5.20
CBE Y01 N . -23.06 -3.06 3.15
CAP Y01 N . -23.82 -1.85 2.56
CAQ Y01 N . -24.68 -2.37 1.38
CBG Y01 N . -24.62 -3.89 1.58
CBI Y01 N . -23.18 -4.16 2.04
CAE Y01 N . -22.13 -3.90 0.95
CAU Y01 N . -23.13 -5.62 2.48
CAS Y01 N . -23.57 -6.55 1.35
CBF Y01 N . -24.99 -6.25 0.84
CBD Y01 N . -25.14 -4.77 0.45
CAK Y01 N . -26.62 -4.44 0.18
CAI Y01 N . -27.39 -5.60 -0.35
CAZ Y01 N . -26.86 -6.75 -0.72
CAV Y01 N . -27.65 -7.73 -1.57
CBH Y01 N . -25.47 -7.19 -0.30
CAD Y01 N . -24.55 -7.11 -1.53
CAT Y01 N . -25.53 -8.64 0.23
CAR Y01 N . -26.37 -9.60 -0.63
CBC Y01 N . -27.76 -9.06 -0.87
OAW Y01 N . -28.51 -9.95 -1.74
CAY Y01 N . -29.83 -9.95 -1.61
OAG Y01 N . -30.41 -9.29 -0.80
CAM Y01 N . -30.51 -10.87 -2.57
CAL Y01 N . -31.64 -11.66 -1.95
CAX Y01 N . -31.26 -12.38 -0.67
OAH Y01 N . -31.41 -11.79 0.42
OAF Y01 N . -30.82 -13.55 -0.76
N PCF O . -25.24 28.49 -0.48
P PCF O . -29.24 27.21 -0.94
O11 PCF O . -28.69 26.79 0.58
O12 PCF O . -30.75 27.15 -0.97
O13 PCF O . -28.74 28.77 -1.28
O14 PCF O . -28.67 26.26 -1.96
C11 PCF O . -27.39 28.97 -1.61
C12 PCF O . -26.57 29.08 -0.32
C13 PCF O . -24.60 29.00 -1.69
C14 PCF O . -24.41 28.85 0.68
C15 PCF O . -25.33 27.05 -0.56
C1 PCF O . -29.36 25.77 1.28
C2 PCF O . -28.73 24.42 0.96
C3 PCF O . -29.45 23.75 -0.21
O31 PCF O . -30.11 22.58 0.25
O32 PCF O . -32.22 22.71 -0.53
C31 PCF O . -31.17 22.15 -0.57
C32 PCF O . -30.98 20.96 -1.53
C33 PCF O . -30.16 19.85 -0.83
C34 PCF O . -29.84 18.72 -1.83
C35 PCF O . -30.97 17.67 -1.81
C36 PCF O . -30.89 16.78 -3.06
C37 PCF O . -29.74 15.75 -2.92
C38 PCF O . -30.18 14.59 -2.00
C39 PCF O . -30.53 13.34 -2.82
C40 PCF O . -29.47 12.25 -2.58
C41 PCF O . -29.87 10.96 -3.31
C42 PCF O . -28.97 9.81 -2.85
O21 PCF O . -27.37 24.61 0.63
O22 PCF O . -25.55 24.39 1.95
C21 PCF O . -26.46 23.85 1.42
C22 PCF O . -26.65 22.31 1.56
C23 PCF O . -25.28 21.62 1.72
C24 PCF O . -25.30 20.30 0.90
C25 PCF O . -25.08 20.61 -0.60
C26 PCF O . -24.34 19.41 -1.26
C27 PCF O . -22.85 19.45 -0.86
C28 PCF O . -22.36 18.01 -0.52
C29 PCF O . -20.87 17.87 -0.90
C30 PCF O . -20.39 16.43 -0.62
C47 PCF O . -21.07 15.45 -1.59
C48 PCF O . -20.36 14.10 -1.56
C49 PCF O . -20.79 13.27 -2.78
C50 PCF O . -20.14 11.88 -2.74
C51 PCF O . -20.42 11.13 -4.06
K K P . -8.49 21.14 11.03
N PCF Q . 3.63 25.09 28.40
P PCF Q . 7.58 26.51 28.94
O11 PCF Q . 6.96 27.14 27.53
O12 PCF Q . 8.79 27.31 29.35
O13 PCF Q . 6.43 26.60 30.12
O14 PCF Q . 7.97 25.08 28.72
C11 PCF Q . 5.36 25.68 30.09
C12 PCF Q . 4.29 26.21 29.12
C13 PCF Q . 3.21 24.07 29.34
C14 PCF Q . 2.45 25.62 27.70
C15 PCF Q . 4.54 24.53 27.43
C1 PCF Q . 7.84 27.64 26.54
C2 PCF Q . 8.20 26.50 25.58
C3 PCF Q . 9.47 25.79 26.02
O31 PCF Q . 10.51 26.03 25.08
O32 PCF Q . 12.30 26.70 26.29
C31 PCF Q . 11.82 25.86 25.60
C32 PCF Q . 12.62 24.58 25.28
C33 PCF Q . 12.41 24.20 23.79
C34 PCF Q . 13.08 22.84 23.50
C35 PCF Q . 14.54 23.08 23.06
C36 PCF Q . 15.35 21.77 23.16
C37 PCF Q . 14.99 20.82 22.00
C38 PCF Q . 15.73 21.29 20.71
C39 PCF Q . 16.93 20.38 20.41
C40 PCF Q . 16.65 19.53 19.17
C41 PCF Q . 17.90 18.71 18.81
C42 PCF Q . 17.72 18.09 17.41
O21 PCF Q . 7.15 25.57 25.53
O22 PCF Q . 5.46 25.44 24.01
C21 PCF Q . 6.64 25.33 24.22
C22 PCF Q . 7.61 24.95 23.06
C23 PCF Q . 6.89 24.00 22.07
C24 PCF Q . 7.88 22.90 21.61
C25 PCF Q . 7.98 21.81 22.71
C26 PCF Q . 8.28 20.44 22.04
C27 PCF Q . 6.98 19.91 21.37
C28 PCF Q . 7.31 19.33 19.97
C29 PCF Q . 6.36 18.14 19.67
C30 PCF Q . 6.72 17.51 18.31
C47 PCF Q . 8.07 16.81 18.41
C48 PCF Q . 8.27 15.88 17.19
C49 PCF Q . 9.44 14.92 17.48
C50 PCF Q . 9.69 14.03 16.25
C51 PCF Q . 10.72 12.94 16.61
C4 WY0 R . -16.13 26.23 -12.73
N2 WY0 R . -20.53 32.95 -12.16
C10 WY0 R . -16.44 28.90 -15.09
C2 WY0 R . -18.35 27.09 -12.97
C3 WY0 R . -17.05 26.96 -13.44
N3 WY0 R . -21.75 34.77 -11.73
C5 WY0 R . -16.43 25.60 -11.54
C9 WY0 R . -17.12 27.83 -15.90
C8 WY0 R . -16.37 27.47 -14.65
C7 WY0 R . -15.07 26.72 -14.70
C6 WY0 R . -17.73 25.74 -11.06
C1 WY0 R . -18.69 26.47 -11.76
N1 WY0 R . -18.77 29.71 -12.46
C11 WY0 R . -19.56 29.10 -13.31
C16 WY0 R . -21.85 33.47 -12.04
O1 WY0 R . -14.91 26.20 -13.35
C17 WY0 R . -20.37 35.23 -11.60
C15 WY0 R . -19.10 30.97 -12.10
C14 WY0 R . -20.22 31.62 -12.57
C13 WY0 R . -21.03 30.95 -13.46
C12 WY0 R . -20.71 29.67 -13.85
O2 WY0 R . -19.26 27.84 -13.71
C18 WY0 R . -19.59 33.93 -11.84
C20 WY0 R . -18.86 37.20 -12.14
C19 WY0 R . -19.99 36.30 -12.61
O3 WY0 R . -18.40 33.76 -11.76
O4 WY0 R . -22.86 32.82 -12.19
ZN ZN S . 8.26 -12.95 -21.50
CAA Y01 T . 14.38 13.61 6.07
CBA Y01 T . 14.32 15.11 5.81
CAB Y01 T . 13.03 15.48 5.09
CAN Y01 T . 15.54 15.60 5.04
CAJ Y01 T . 15.60 15.22 3.58
CAO Y01 T . 16.26 13.89 3.32
CBB Y01 T . 17.19 13.82 2.10
CAC Y01 T . 16.72 14.82 1.04
CBE Y01 T . 18.64 14.05 2.54
CAP Y01 T . 18.73 14.53 4.01
CAQ Y01 T . 20.03 13.95 4.60
CBG Y01 T . 20.78 13.47 3.37
CBI Y01 T . 19.68 12.89 2.47
CAE Y01 T . 19.04 11.60 3.02
CAU Y01 T . 20.33 12.60 1.11
CAS Y01 T . 21.53 11.65 1.26
CBF Y01 T . 22.61 12.20 2.22
CBD Y01 T . 22.01 12.60 3.59
CAK Y01 T . 23.04 13.35 4.41
CAI Y01 T . 24.45 12.95 4.14
CAZ Y01 T . 24.81 11.92 3.37
CAV Y01 T . 26.21 11.36 3.42
CBH Y01 T . 23.84 11.27 2.38
CAD Y01 T . 23.44 9.89 2.93
CAT Y01 T . 24.56 11.12 1.02
CAR Y01 T . 25.98 10.58 1.10
CBC Y01 T . 26.83 11.40 2.04
OAW Y01 T . 28.17 10.84 2.16
CAY Y01 T . 29.15 11.69 2.47
OAG Y01 T . 28.99 12.87 2.61
CAM Y01 T . 30.47 11.01 2.59
CAL Y01 T . 31.61 11.79 1.96
CAX Y01 T . 31.35 12.21 0.53
OAH Y01 T . 30.81 13.32 0.33
OAF Y01 T . 31.69 11.44 -0.39
N PCF U . -23.63 15.69 25.37
P PCF U . -23.50 13.87 29.19
O11 PCF U . -22.09 14.71 28.93
O12 PCF U . -23.66 13.57 30.66
O13 PCF U . -24.78 14.78 28.67
O14 PCF U . -23.46 12.58 28.41
C11 PCF U . -25.00 14.91 27.29
C12 PCF U . -24.10 16.01 26.73
C13 PCF U . -24.77 15.30 24.53
C14 PCF U . -22.99 16.87 24.79
C15 PCF U . -22.66 14.61 25.42
C1 PCF U . -20.95 14.39 29.70
C2 PCF U . -20.14 13.32 28.98
C3 PCF U . -20.54 11.92 29.43
O31 PCF U . -19.46 11.32 30.15
O32 PCF U . -20.34 10.55 32.09
C31 PCF U . -19.85 10.28 31.04
C32 PCF U . -19.64 8.81 30.63
C33 PCF U . -18.26 8.65 29.93
C34 PCF U . -18.11 7.21 29.40
C35 PCF U . -17.49 6.32 30.49
C36 PCF U . -17.70 4.83 30.14
C37 PCF U . -16.73 4.39 29.02
C38 PCF U . -15.32 4.15 29.60
C39 PCF U . -15.03 2.65 29.76
C40 PCF U . -13.96 2.23 28.72
C41 PCF U . -13.60 0.75 28.95
C42 PCF U . -12.35 0.41 28.13
O21 PCF U . -20.35 13.43 27.59
O22 PCF U . -19.06 14.49 26.05
C21 PCF U . -19.16 13.59 26.83
C22 PCF U . -17.98 12.58 27.01
C23 PCF U . -17.21 12.41 25.67
C24 PCF U . -16.84 10.92 25.49
C25 PCF U . -18.07 10.11 25.01
C26 PCF U . -17.58 8.94 24.13
C27 PCF U . -17.16 9.47 22.74
C28 PCF U . -15.84 8.78 22.30
C29 PCF U . -15.83 8.63 20.75
C30 PCF U . -14.55 7.90 20.30
C47 PCF U . -14.60 6.43 20.75
C48 PCF U . -13.53 5.61 20.03
C49 PCF U . -13.84 4.12 20.20
C50 PCF U . -12.73 3.28 19.54
C51 PCF U . -13.14 1.80 19.55
C4 WY0 V . 14.69 29.47 4.80
N2 WY0 V . 14.66 37.34 6.57
C10 WY0 V . 17.39 31.51 5.99
C2 WY0 V . 14.79 31.66 3.82
C3 WY0 V . 15.38 30.63 4.54
N3 WY0 V . 14.39 39.49 7.08
C5 WY0 V . 13.39 29.29 4.37
C9 WY0 V . 17.94 31.22 4.64
C8 WY0 V . 16.73 30.47 5.13
C7 WY0 V . 16.82 29.01 5.50
C6 WY0 V . 12.79 30.33 3.66
C1 WY0 V . 13.48 31.50 3.40
N1 WY0 V . 14.66 33.81 5.46
C11 WY0 V . 15.31 33.93 4.33
C16 WY0 V . 14.47 38.65 6.05
O1 WY0 V . 15.43 28.57 5.51
C17 WY0 V . 14.50 38.83 8.37
C15 WY0 V . 14.46 34.93 6.19
C14 WY0 V . 14.90 36.16 5.77
C13 WY0 V . 15.58 36.27 4.58
C12 WY0 V . 15.79 35.12 3.83
O2 WY0 V . 15.53 32.82 3.57
C18 WY0 V . 14.61 37.36 7.95
C20 WY0 V . 15.49 39.12 10.69
C19 WY0 V . 15.69 39.28 9.20
O3 WY0 V . 14.63 36.40 8.67
O4 WY0 V . 14.41 38.92 4.86
ZN ZN W . 20.00 -15.57 -7.41
CAA Y01 X . -2.26 -0.63 20.61
CBA Y01 X . -1.77 0.45 21.56
CAB Y01 X . -1.16 1.61 20.80
CAN Y01 X . -0.80 -0.10 22.60
CAJ Y01 X . 0.59 -0.44 22.10
CAO Y01 X . 0.70 -1.86 21.58
CBB Y01 X . 2.00 -2.60 21.94
CAC Y01 X . 3.14 -1.60 22.12
CBE Y01 X . 1.78 -3.47 23.19
CAP Y01 X . 0.41 -3.16 23.86
CAQ Y01 X . -0.11 -4.47 24.47
CBG Y01 X . 1.10 -5.38 24.40
CBI Y01 X . 1.78 -5.02 23.07
CAE Y01 X . 0.96 -5.46 21.85
CAU Y01 X . 3.14 -5.73 23.07
CAS Y01 X . 2.98 -7.24 23.27
CBF Y01 X . 2.24 -7.60 24.56
CBD Y01 X . 0.91 -6.86 24.69
CAK Y01 X . 0.32 -7.05 26.09
CAI Y01 X . 0.69 -8.35 26.72
CAZ Y01 X . 1.33 -9.33 26.11
CAV Y01 X . 1.35 -10.73 26.69
CBH Y01 X . 2.08 -9.13 24.80
CAD Y01 X . 1.28 -9.80 23.66
CAT Y01 X . 3.48 -9.78 24.93
CAR Y01 X . 3.48 -11.18 25.56
CBC Y01 X . 2.77 -11.18 26.88
OAW Y01 X . 2.73 -12.53 27.45
CAY Y01 X . 2.67 -12.63 28.77
OAG Y01 X . 2.70 -11.70 29.51
CAM Y01 X . 2.59 -14.05 29.23
CAL Y01 X . 3.46 -14.33 30.44
CAX Y01 X . 4.91 -13.88 30.29
OAH Y01 X . 5.20 -12.73 30.65
OAF Y01 X . 5.72 -14.69 29.81
K K Y . -7.30 18.14 9.41
K K Z . -5.08 12.62 6.53
#